data_2PUO
# 
_entry.id   2PUO 
# 
_audit_conform.dict_name       mmcif_pdbx.dic 
_audit_conform.dict_version    5.403 
_audit_conform.dict_location   http://mmcif.pdb.org/dictionaries/ascii/mmcif_pdbx.dic 
# 
loop_
_database_2.database_id 
_database_2.database_code 
_database_2.pdbx_database_accession 
_database_2.pdbx_DOI 
PDB   2PUO         pdb_00002puo 10.2210/pdb2puo/pdb 
RCSB  RCSB042790   ?            ?                   
WWPDB D_1000042790 ?            ?                   
# 
loop_
_pdbx_audit_revision_history.ordinal 
_pdbx_audit_revision_history.data_content_type 
_pdbx_audit_revision_history.major_revision 
_pdbx_audit_revision_history.minor_revision 
_pdbx_audit_revision_history.revision_date 
_pdbx_audit_revision_history.part_number 
1 'Structure model' 1 0 2007-07-10 ? 
2 'Structure model' 1 1 2008-05-01 ? 
3 'Structure model' 1 2 2011-07-13 ? 
4 'Structure model' 1 3 2017-10-18 ? 
5 'Structure model' 1 4 2025-03-26 ? 
# 
_pdbx_audit_revision_details.ordinal             1 
_pdbx_audit_revision_details.revision_ordinal    1 
_pdbx_audit_revision_details.data_content_type   'Structure model' 
_pdbx_audit_revision_details.provider            repository 
_pdbx_audit_revision_details.type                'Initial release' 
_pdbx_audit_revision_details.description         ? 
_pdbx_audit_revision_details.details             ? 
# 
loop_
_pdbx_audit_revision_group.ordinal 
_pdbx_audit_revision_group.revision_ordinal 
_pdbx_audit_revision_group.data_content_type 
_pdbx_audit_revision_group.group 
1 2 'Structure model' 'Version format compliance' 
2 3 'Structure model' 'Version format compliance' 
3 4 'Structure model' 'Refinement description'    
4 5 'Structure model' 'Data collection'           
5 5 'Structure model' 'Database references'       
6 5 'Structure model' 'Derived calculations'      
7 5 'Structure model' 'Structure summary'         
# 
loop_
_pdbx_audit_revision_category.ordinal 
_pdbx_audit_revision_category.revision_ordinal 
_pdbx_audit_revision_category.data_content_type 
_pdbx_audit_revision_category.category 
1 4 'Structure model' software           
2 5 'Structure model' chem_comp_atom     
3 5 'Structure model' chem_comp_bond     
4 5 'Structure model' database_2         
5 5 'Structure model' pdbx_entry_details 
6 5 'Structure model' struct_conn        
7 5 'Structure model' struct_conn_type   
8 5 'Structure model' struct_site        
# 
loop_
_pdbx_audit_revision_item.ordinal 
_pdbx_audit_revision_item.revision_ordinal 
_pdbx_audit_revision_item.data_content_type 
_pdbx_audit_revision_item.item 
1  4 'Structure model' '_software.classification'            
2  4 'Structure model' '_software.contact_author'            
3  4 'Structure model' '_software.contact_author_email'      
4  4 'Structure model' '_software.date'                      
5  4 'Structure model' '_software.language'                  
6  4 'Structure model' '_software.location'                  
7  4 'Structure model' '_software.name'                      
8  4 'Structure model' '_software.type'                      
9  4 'Structure model' '_software.version'                   
10 5 'Structure model' '_database_2.pdbx_DOI'                
11 5 'Structure model' '_database_2.pdbx_database_accession' 
12 5 'Structure model' '_struct_conn.conn_type_id'           
13 5 'Structure model' '_struct_conn.id'                     
14 5 'Structure model' '_struct_conn.pdbx_dist_value'        
15 5 'Structure model' '_struct_conn.pdbx_leaving_atom_flag' 
16 5 'Structure model' '_struct_conn.ptnr1_auth_comp_id'     
17 5 'Structure model' '_struct_conn.ptnr1_auth_seq_id'      
18 5 'Structure model' '_struct_conn.ptnr1_label_asym_id'    
19 5 'Structure model' '_struct_conn.ptnr1_label_atom_id'    
20 5 'Structure model' '_struct_conn.ptnr1_label_comp_id'    
21 5 'Structure model' '_struct_conn.ptnr1_label_seq_id'     
22 5 'Structure model' '_struct_conn.ptnr2_auth_comp_id'     
23 5 'Structure model' '_struct_conn.ptnr2_auth_seq_id'      
24 5 'Structure model' '_struct_conn.ptnr2_label_asym_id'    
25 5 'Structure model' '_struct_conn.ptnr2_label_atom_id'    
26 5 'Structure model' '_struct_conn.ptnr2_label_comp_id'    
27 5 'Structure model' '_struct_conn.ptnr2_label_seq_id'     
28 5 'Structure model' '_struct_conn_type.id'                
29 5 'Structure model' '_struct_site.pdbx_auth_asym_id'      
30 5 'Structure model' '_struct_site.pdbx_auth_comp_id'      
31 5 'Structure model' '_struct_site.pdbx_auth_seq_id'       
# 
_pdbx_database_status.entry_id                        2PUO 
_pdbx_database_status.deposit_site                    RCSB 
_pdbx_database_status.process_site                    RCSB 
_pdbx_database_status.recvd_initial_deposition_date   2007-05-09 
_pdbx_database_status.status_code                     REL 
_pdbx_database_status.status_code_sf                  REL 
_pdbx_database_status.status_code_mr                  ? 
_pdbx_database_status.SG_entry                        ? 
_pdbx_database_status.pdb_format_compatible           Y 
_pdbx_database_status.status_code_cs                  ? 
_pdbx_database_status.methods_development_category    ? 
_pdbx_database_status.status_code_nmr_data            ? 
# 
loop_
_pdbx_database_related.db_name 
_pdbx_database_related.db_id 
_pdbx_database_related.details 
_pdbx_database_related.content_type 
PDB 2PU9 . unspecified 
PDB 2PUK . unspecified 
# 
_audit_author.name           'Dai, S.' 
_audit_author.pdbx_ordinal   1 
# 
_citation.id                        primary 
_citation.title                     'Structural snapshots along the reaction pathway of ferredoxin-thioredoxin reductase.' 
_citation.journal_abbrev            Nature 
_citation.journal_volume            448 
_citation.page_first                92 
_citation.page_last                 96 
_citation.year                      2007 
_citation.journal_id_ASTM           NATUAS 
_citation.country                   UK 
_citation.journal_id_ISSN           0028-0836 
_citation.journal_id_CSD            0006 
_citation.book_publisher            ? 
_citation.pdbx_database_id_PubMed   17611542 
_citation.pdbx_database_id_DOI      10.1038/nature05937 
# 
loop_
_citation_author.citation_id 
_citation_author.name 
_citation_author.ordinal 
_citation_author.identifier_ORCID 
primary 'Dai, S.'       1 ? 
primary 'Friemann, R.'  2 ? 
primary 'Glauser, D.A.' 3 ? 
primary 'Bourquin, F.'  4 ? 
primary 'Manieri, W.'   5 ? 
primary 'Schurmann, P.' 6 ? 
primary 'Eklund, H.'    7 ? 
# 
loop_
_entity.id 
_entity.type 
_entity.src_method 
_entity.pdbx_description 
_entity.formula_weight 
_entity.pdbx_number_of_molecules 
_entity.pdbx_ec 
_entity.pdbx_mutation 
_entity.pdbx_fragment 
_entity.details 
1 polymer     man 'Ferredoxin-thioredoxin reductase, catalytic chain' 12453.121 1  ? ? ? ? 
2 polymer     man 'Ferredoxin-thioredoxin reductase, variable chain'  8326.545  1  ? ? ? ? 
3 non-polymer syn 'SULFATE ION'                                       96.063    1  ? ? ? ? 
4 non-polymer syn 'IRON/SULFUR CLUSTER'                               351.640   1  ? ? ? ? 
5 non-polymer syn N-ETHYLMALEIMIDE                                    125.125   1  ? ? ? ? 
6 water       nat water                                               18.015    93 ? ? ? ? 
# 
_entity_name_com.entity_id   2 
_entity_name_com.name        'FTR-V, Ferredoxin- thioredoxin reductase subunit A' 
# 
loop_
_entity_poly.entity_id 
_entity_poly.type 
_entity_poly.nstd_linkage 
_entity_poly.nstd_monomer 
_entity_poly.pdbx_seq_one_letter_code 
_entity_poly.pdbx_seq_one_letter_code_can 
_entity_poly.pdbx_strand_id 
_entity_poly.pdbx_target_identifier 
1 'polypeptide(L)' no no 
;NNKTLAAMKNFAEQYAKRTDTYFCSDLSVTAVVIEGLARHKEELGSPLCPCRHYEDKEAEVKNTFWNCPCVPMRERKECH
CMLFLTPDNDFAGDAQDIPMETLEEVKAS
;
;NNKTLAAMKNFAEQYAKRTDTYFCSDLSVTAVVIEGLARHKEELGSPLCPCRHYEDKEAEVKNTFWNCPCVPMRERKECH
CMLFLTPDNDFAGDAQDIPMETLEEVKAS
;
A ? 
2 'polypeptide(L)' no no MNVGDRVRVTSSVVVYHHPEHKKTAFDLQGMEGEVAAVLTEWQGRPISANLPVLVKFEQRFKAHFRPDEVTLI 
MNVGDRVRVTSSVVVYHHPEHKKTAFDLQGMEGEVAAVLTEWQGRPISANLPVLVKFEQRFKAHFRPDEVTLI                                        B ? 
# 
loop_
_pdbx_entity_nonpoly.entity_id 
_pdbx_entity_nonpoly.name 
_pdbx_entity_nonpoly.comp_id 
3 'SULFATE ION'         SO4 
4 'IRON/SULFUR CLUSTER' SF4 
5 N-ETHYLMALEIMIDE      NEQ 
6 water                 HOH 
# 
loop_
_entity_poly_seq.entity_id 
_entity_poly_seq.num 
_entity_poly_seq.mon_id 
_entity_poly_seq.hetero 
1 1   ASN n 
1 2   ASN n 
1 3   LYS n 
1 4   THR n 
1 5   LEU n 
1 6   ALA n 
1 7   ALA n 
1 8   MET n 
1 9   LYS n 
1 10  ASN n 
1 11  PHE n 
1 12  ALA n 
1 13  GLU n 
1 14  GLN n 
1 15  TYR n 
1 16  ALA n 
1 17  LYS n 
1 18  ARG n 
1 19  THR n 
1 20  ASP n 
1 21  THR n 
1 22  TYR n 
1 23  PHE n 
1 24  CYS n 
1 25  SER n 
1 26  ASP n 
1 27  LEU n 
1 28  SER n 
1 29  VAL n 
1 30  THR n 
1 31  ALA n 
1 32  VAL n 
1 33  VAL n 
1 34  ILE n 
1 35  GLU n 
1 36  GLY n 
1 37  LEU n 
1 38  ALA n 
1 39  ARG n 
1 40  HIS n 
1 41  LYS n 
1 42  GLU n 
1 43  GLU n 
1 44  LEU n 
1 45  GLY n 
1 46  SER n 
1 47  PRO n 
1 48  LEU n 
1 49  CYS n 
1 50  PRO n 
1 51  CYS n 
1 52  ARG n 
1 53  HIS n 
1 54  TYR n 
1 55  GLU n 
1 56  ASP n 
1 57  LYS n 
1 58  GLU n 
1 59  ALA n 
1 60  GLU n 
1 61  VAL n 
1 62  LYS n 
1 63  ASN n 
1 64  THR n 
1 65  PHE n 
1 66  TRP n 
1 67  ASN n 
1 68  CYS n 
1 69  PRO n 
1 70  CYS n 
1 71  VAL n 
1 72  PRO n 
1 73  MET n 
1 74  ARG n 
1 75  GLU n 
1 76  ARG n 
1 77  LYS n 
1 78  GLU n 
1 79  CYS n 
1 80  HIS n 
1 81  CYS n 
1 82  MET n 
1 83  LEU n 
1 84  PHE n 
1 85  LEU n 
1 86  THR n 
1 87  PRO n 
1 88  ASP n 
1 89  ASN n 
1 90  ASP n 
1 91  PHE n 
1 92  ALA n 
1 93  GLY n 
1 94  ASP n 
1 95  ALA n 
1 96  GLN n 
1 97  ASP n 
1 98  ILE n 
1 99  PRO n 
1 100 MET n 
1 101 GLU n 
1 102 THR n 
1 103 LEU n 
1 104 GLU n 
1 105 GLU n 
1 106 VAL n 
1 107 LYS n 
1 108 ALA n 
1 109 SER n 
2 1   MET n 
2 2   ASN n 
2 3   VAL n 
2 4   GLY n 
2 5   ASP n 
2 6   ARG n 
2 7   VAL n 
2 8   ARG n 
2 9   VAL n 
2 10  THR n 
2 11  SER n 
2 12  SER n 
2 13  VAL n 
2 14  VAL n 
2 15  VAL n 
2 16  TYR n 
2 17  HIS n 
2 18  HIS n 
2 19  PRO n 
2 20  GLU n 
2 21  HIS n 
2 22  LYS n 
2 23  LYS n 
2 24  THR n 
2 25  ALA n 
2 26  PHE n 
2 27  ASP n 
2 28  LEU n 
2 29  GLN n 
2 30  GLY n 
2 31  MET n 
2 32  GLU n 
2 33  GLY n 
2 34  GLU n 
2 35  VAL n 
2 36  ALA n 
2 37  ALA n 
2 38  VAL n 
2 39  LEU n 
2 40  THR n 
2 41  GLU n 
2 42  TRP n 
2 43  GLN n 
2 44  GLY n 
2 45  ARG n 
2 46  PRO n 
2 47  ILE n 
2 48  SER n 
2 49  ALA n 
2 50  ASN n 
2 51  LEU n 
2 52  PRO n 
2 53  VAL n 
2 54  LEU n 
2 55  VAL n 
2 56  LYS n 
2 57  PHE n 
2 58  GLU n 
2 59  GLN n 
2 60  ARG n 
2 61  PHE n 
2 62  LYS n 
2 63  ALA n 
2 64  HIS n 
2 65  PHE n 
2 66  ARG n 
2 67  PRO n 
2 68  ASP n 
2 69  GLU n 
2 70  VAL n 
2 71  THR n 
2 72  LEU n 
2 73  ILE n 
# 
loop_
_entity_src_gen.entity_id 
_entity_src_gen.pdbx_src_id 
_entity_src_gen.pdbx_alt_source_flag 
_entity_src_gen.pdbx_seq_type 
_entity_src_gen.pdbx_beg_seq_num 
_entity_src_gen.pdbx_end_seq_num 
_entity_src_gen.gene_src_common_name 
_entity_src_gen.gene_src_genus 
_entity_src_gen.pdbx_gene_src_gene 
_entity_src_gen.gene_src_species 
_entity_src_gen.gene_src_strain 
_entity_src_gen.gene_src_tissue 
_entity_src_gen.gene_src_tissue_fraction 
_entity_src_gen.gene_src_details 
_entity_src_gen.pdbx_gene_src_fragment 
_entity_src_gen.pdbx_gene_src_scientific_name 
_entity_src_gen.pdbx_gene_src_ncbi_taxonomy_id 
_entity_src_gen.pdbx_gene_src_variant 
_entity_src_gen.pdbx_gene_src_cell_line 
_entity_src_gen.pdbx_gene_src_atcc 
_entity_src_gen.pdbx_gene_src_organ 
_entity_src_gen.pdbx_gene_src_organelle 
_entity_src_gen.pdbx_gene_src_cell 
_entity_src_gen.pdbx_gene_src_cellular_location 
_entity_src_gen.host_org_common_name 
_entity_src_gen.pdbx_host_org_scientific_name 
_entity_src_gen.pdbx_host_org_ncbi_taxonomy_id 
_entity_src_gen.host_org_genus 
_entity_src_gen.pdbx_host_org_gene 
_entity_src_gen.pdbx_host_org_organ 
_entity_src_gen.host_org_species 
_entity_src_gen.pdbx_host_org_tissue 
_entity_src_gen.pdbx_host_org_tissue_fraction 
_entity_src_gen.pdbx_host_org_strain 
_entity_src_gen.pdbx_host_org_variant 
_entity_src_gen.pdbx_host_org_cell_line 
_entity_src_gen.pdbx_host_org_atcc 
_entity_src_gen.pdbx_host_org_culture_collection 
_entity_src_gen.pdbx_host_org_cell 
_entity_src_gen.pdbx_host_org_organelle 
_entity_src_gen.pdbx_host_org_cellular_location 
_entity_src_gen.pdbx_host_org_vector_type 
_entity_src_gen.pdbx_host_org_vector 
_entity_src_gen.host_org_details 
_entity_src_gen.expression_system_id 
_entity_src_gen.plasmid_name 
_entity_src_gen.plasmid_details 
_entity_src_gen.pdbx_description 
1 1 sample ? ? ? ? Synechocystis ftrC ? ? ? ? ? ? 'Synechocystis sp.' 1143 ? ? ? ? ? ? ? ? 'Escherichia coli BL21' 511693 
Escherichia ? ? 'Escherichia coli' ? ? BL21 ? ? ? ? ? ? ? Plasmid ? ? ? pET-3C ? ? 
2 1 sample ? ? ? ? Synechocystis ftrV ? ? ? ? ? ? 'Synechocystis sp.' 1143 ? ? ? ? ? ? ? ? 'Escherichia coli BL21' 511693 
Escherichia ? ? 'Escherichia coli' ? ? BL21 ? ? ? ? ? ? ? Plasmid ? ? ? pET-3C ? ? 
# 
loop_
_chem_comp.id 
_chem_comp.type 
_chem_comp.mon_nstd_flag 
_chem_comp.name 
_chem_comp.pdbx_synonyms 
_chem_comp.formula 
_chem_comp.formula_weight 
ALA 'L-peptide linking' y ALANINE               ? 'C3 H7 N O2'     89.093  
ARG 'L-peptide linking' y ARGININE              ? 'C6 H15 N4 O2 1' 175.209 
ASN 'L-peptide linking' y ASPARAGINE            ? 'C4 H8 N2 O3'    132.118 
ASP 'L-peptide linking' y 'ASPARTIC ACID'       ? 'C4 H7 N O4'     133.103 
CYS 'L-peptide linking' y CYSTEINE              ? 'C3 H7 N O2 S'   121.158 
GLN 'L-peptide linking' y GLUTAMINE             ? 'C5 H10 N2 O3'   146.144 
GLU 'L-peptide linking' y 'GLUTAMIC ACID'       ? 'C5 H9 N O4'     147.129 
GLY 'peptide linking'   y GLYCINE               ? 'C2 H5 N O2'     75.067  
HIS 'L-peptide linking' y HISTIDINE             ? 'C6 H10 N3 O2 1' 156.162 
HOH non-polymer         . WATER                 ? 'H2 O'           18.015  
ILE 'L-peptide linking' y ISOLEUCINE            ? 'C6 H13 N O2'    131.173 
LEU 'L-peptide linking' y LEUCINE               ? 'C6 H13 N O2'    131.173 
LYS 'L-peptide linking' y LYSINE                ? 'C6 H15 N2 O2 1' 147.195 
MET 'L-peptide linking' y METHIONINE            ? 'C5 H11 N O2 S'  149.211 
NEQ non-polymer         . N-ETHYLMALEIMIDE      ? 'C6 H7 N O2'     125.125 
PHE 'L-peptide linking' y PHENYLALANINE         ? 'C9 H11 N O2'    165.189 
PRO 'L-peptide linking' y PROLINE               ? 'C5 H9 N O2'     115.130 
SER 'L-peptide linking' y SERINE                ? 'C3 H7 N O3'     105.093 
SF4 non-polymer         . 'IRON/SULFUR CLUSTER' ? 'Fe4 S4'         351.640 
SO4 non-polymer         . 'SULFATE ION'         ? 'O4 S -2'        96.063  
THR 'L-peptide linking' y THREONINE             ? 'C4 H9 N O3'     119.119 
TRP 'L-peptide linking' y TRYPTOPHAN            ? 'C11 H12 N2 O2'  204.225 
TYR 'L-peptide linking' y TYROSINE              ? 'C9 H11 N O3'    181.189 
VAL 'L-peptide linking' y VALINE                ? 'C5 H11 N O2'    117.146 
# 
loop_
_pdbx_poly_seq_scheme.asym_id 
_pdbx_poly_seq_scheme.entity_id 
_pdbx_poly_seq_scheme.seq_id 
_pdbx_poly_seq_scheme.mon_id 
_pdbx_poly_seq_scheme.ndb_seq_num 
_pdbx_poly_seq_scheme.pdb_seq_num 
_pdbx_poly_seq_scheme.auth_seq_num 
_pdbx_poly_seq_scheme.pdb_mon_id 
_pdbx_poly_seq_scheme.auth_mon_id 
_pdbx_poly_seq_scheme.pdb_strand_id 
_pdbx_poly_seq_scheme.pdb_ins_code 
_pdbx_poly_seq_scheme.hetero 
A 1 1   ASN 1   7   7   ASN ASN A . n 
A 1 2   ASN 2   8   8   ASN ASN A . n 
A 1 3   LYS 3   9   9   LYS LYS A . n 
A 1 4   THR 4   10  10  THR THR A . n 
A 1 5   LEU 5   11  11  LEU LEU A . n 
A 1 6   ALA 6   12  12  ALA ALA A . n 
A 1 7   ALA 7   13  13  ALA ALA A . n 
A 1 8   MET 8   14  14  MET MET A . n 
A 1 9   LYS 9   15  15  LYS LYS A . n 
A 1 10  ASN 10  16  16  ASN ASN A . n 
A 1 11  PHE 11  17  17  PHE PHE A . n 
A 1 12  ALA 12  18  18  ALA ALA A . n 
A 1 13  GLU 13  19  19  GLU GLU A . n 
A 1 14  GLN 14  20  20  GLN GLN A . n 
A 1 15  TYR 15  21  21  TYR TYR A . n 
A 1 16  ALA 16  22  22  ALA ALA A . n 
A 1 17  LYS 17  23  23  LYS LYS A . n 
A 1 18  ARG 18  24  24  ARG ARG A . n 
A 1 19  THR 19  25  25  THR THR A . n 
A 1 20  ASP 20  26  26  ASP ASP A . n 
A 1 21  THR 21  27  27  THR THR A . n 
A 1 22  TYR 22  28  28  TYR TYR A . n 
A 1 23  PHE 23  29  29  PHE PHE A . n 
A 1 24  CYS 24  30  30  CYS CYS A . n 
A 1 25  SER 25  31  31  SER SER A . n 
A 1 26  ASP 26  32  32  ASP ASP A . n 
A 1 27  LEU 27  33  33  LEU LEU A . n 
A 1 28  SER 28  34  34  SER SER A . n 
A 1 29  VAL 29  35  35  VAL VAL A . n 
A 1 30  THR 30  36  36  THR THR A . n 
A 1 31  ALA 31  37  37  ALA ALA A . n 
A 1 32  VAL 32  38  38  VAL VAL A . n 
A 1 33  VAL 33  39  39  VAL VAL A . n 
A 1 34  ILE 34  40  40  ILE ILE A . n 
A 1 35  GLU 35  41  41  GLU GLU A . n 
A 1 36  GLY 36  42  42  GLY GLY A . n 
A 1 37  LEU 37  43  43  LEU LEU A . n 
A 1 38  ALA 38  44  44  ALA ALA A . n 
A 1 39  ARG 39  45  45  ARG ARG A . n 
A 1 40  HIS 40  46  46  HIS HIS A . n 
A 1 41  LYS 41  47  47  LYS LYS A . n 
A 1 42  GLU 42  48  48  GLU GLU A . n 
A 1 43  GLU 43  49  49  GLU GLU A . n 
A 1 44  LEU 44  50  50  LEU LEU A . n 
A 1 45  GLY 45  51  51  GLY GLY A . n 
A 1 46  SER 46  52  52  SER SER A . n 
A 1 47  PRO 47  53  53  PRO PRO A . n 
A 1 48  LEU 48  54  54  LEU LEU A . n 
A 1 49  CYS 49  55  55  CYS CYS A . n 
A 1 50  PRO 50  56  56  PRO PRO A . n 
A 1 51  CYS 51  57  57  CYS CYS A . n 
A 1 52  ARG 52  58  58  ARG ARG A . n 
A 1 53  HIS 53  59  59  HIS HIS A . n 
A 1 54  TYR 54  60  60  TYR TYR A . n 
A 1 55  GLU 55  61  61  GLU GLU A . n 
A 1 56  ASP 56  62  62  ASP ASP A . n 
A 1 57  LYS 57  63  63  LYS LYS A . n 
A 1 58  GLU 58  64  64  GLU GLU A . n 
A 1 59  ALA 59  65  65  ALA ALA A . n 
A 1 60  GLU 60  66  66  GLU GLU A . n 
A 1 61  VAL 61  67  67  VAL VAL A . n 
A 1 62  LYS 62  68  68  LYS LYS A . n 
A 1 63  ASN 63  69  69  ASN ASN A . n 
A 1 64  THR 64  70  70  THR THR A . n 
A 1 65  PHE 65  71  71  PHE PHE A . n 
A 1 66  TRP 66  72  72  TRP TRP A . n 
A 1 67  ASN 67  73  73  ASN ASN A . n 
A 1 68  CYS 68  74  74  CYS CYS A . n 
A 1 69  PRO 69  75  75  PRO PRO A . n 
A 1 70  CYS 70  76  76  CYS CYS A . n 
A 1 71  VAL 71  77  77  VAL VAL A . n 
A 1 72  PRO 72  78  78  PRO PRO A . n 
A 1 73  MET 73  79  79  MET MET A . n 
A 1 74  ARG 74  80  80  ARG ARG A . n 
A 1 75  GLU 75  81  81  GLU GLU A . n 
A 1 76  ARG 76  82  82  ARG ARG A . n 
A 1 77  LYS 77  83  83  LYS LYS A . n 
A 1 78  GLU 78  84  84  GLU GLU A . n 
A 1 79  CYS 79  85  85  CYS CYS A . n 
A 1 80  HIS 80  86  86  HIS HIS A . n 
A 1 81  CYS 81  87  87  CYS CYS A . n 
A 1 82  MET 82  88  88  MET MET A . n 
A 1 83  LEU 83  89  89  LEU LEU A . n 
A 1 84  PHE 84  90  90  PHE PHE A . n 
A 1 85  LEU 85  91  91  LEU LEU A . n 
A 1 86  THR 86  92  92  THR THR A . n 
A 1 87  PRO 87  93  93  PRO PRO A . n 
A 1 88  ASP 88  94  94  ASP ASP A . n 
A 1 89  ASN 89  95  95  ASN ASN A . n 
A 1 90  ASP 90  96  96  ASP ASP A . n 
A 1 91  PHE 91  97  97  PHE PHE A . n 
A 1 92  ALA 92  98  98  ALA ALA A . n 
A 1 93  GLY 93  99  99  GLY GLY A . n 
A 1 94  ASP 94  100 100 ASP ASP A . n 
A 1 95  ALA 95  101 101 ALA ALA A . n 
A 1 96  GLN 96  102 102 GLN GLN A . n 
A 1 97  ASP 97  103 103 ASP ASP A . n 
A 1 98  ILE 98  104 104 ILE ILE A . n 
A 1 99  PRO 99  105 105 PRO PRO A . n 
A 1 100 MET 100 106 106 MET MET A . n 
A 1 101 GLU 101 107 107 GLU GLU A . n 
A 1 102 THR 102 108 108 THR THR A . n 
A 1 103 LEU 103 109 109 LEU LEU A . n 
A 1 104 GLU 104 110 110 GLU GLU A . n 
A 1 105 GLU 105 111 111 GLU GLU A . n 
A 1 106 VAL 106 112 112 VAL VAL A . n 
A 1 107 LYS 107 113 113 LYS LYS A . n 
A 1 108 ALA 108 114 114 ALA ALA A . n 
A 1 109 SER 109 115 115 SER SER A . n 
B 2 1   MET 1   1   1   MET MET B . n 
B 2 2   ASN 2   2   2   ASN ASN B . n 
B 2 3   VAL 3   3   3   VAL VAL B . n 
B 2 4   GLY 4   4   4   GLY GLY B . n 
B 2 5   ASP 5   5   5   ASP ASP B . n 
B 2 6   ARG 6   6   6   ARG ARG B . n 
B 2 7   VAL 7   7   7   VAL VAL B . n 
B 2 8   ARG 8   8   8   ARG ARG B . n 
B 2 9   VAL 9   9   9   VAL VAL B . n 
B 2 10  THR 10  10  10  THR THR B . n 
B 2 11  SER 11  11  11  SER SER B . n 
B 2 12  SER 12  12  12  SER SER B . n 
B 2 13  VAL 13  13  13  VAL VAL B . n 
B 2 14  VAL 14  14  14  VAL VAL B . n 
B 2 15  VAL 15  15  15  VAL VAL B . n 
B 2 16  TYR 16  16  16  TYR TYR B . n 
B 2 17  HIS 17  17  17  HIS HIS B . n 
B 2 18  HIS 18  18  18  HIS HIS B . n 
B 2 19  PRO 19  19  19  PRO PRO B . n 
B 2 20  GLU 20  20  20  GLU GLU B . n 
B 2 21  HIS 21  21  21  HIS HIS B . n 
B 2 22  LYS 22  22  22  LYS LYS B . n 
B 2 23  LYS 23  23  23  LYS LYS B . n 
B 2 24  THR 24  24  24  THR THR B . n 
B 2 25  ALA 25  25  25  ALA ALA B . n 
B 2 26  PHE 26  26  26  PHE PHE B . n 
B 2 27  ASP 27  27  27  ASP ASP B . n 
B 2 28  LEU 28  28  28  LEU LEU B . n 
B 2 29  GLN 29  29  29  GLN GLN B . n 
B 2 30  GLY 30  30  30  GLY GLY B . n 
B 2 31  MET 31  31  31  MET MET B . n 
B 2 32  GLU 32  32  32  GLU GLU B . n 
B 2 33  GLY 33  33  33  GLY GLY B . n 
B 2 34  GLU 34  34  34  GLU GLU B . n 
B 2 35  VAL 35  35  35  VAL VAL B . n 
B 2 36  ALA 36  36  36  ALA ALA B . n 
B 2 37  ALA 37  37  37  ALA ALA B . n 
B 2 38  VAL 38  38  38  VAL VAL B . n 
B 2 39  LEU 39  39  39  LEU LEU B . n 
B 2 40  THR 40  40  40  THR THR B . n 
B 2 41  GLU 41  41  41  GLU GLU B . n 
B 2 42  TRP 42  42  42  TRP TRP B . n 
B 2 43  GLN 43  43  43  GLN GLN B . n 
B 2 44  GLY 44  44  44  GLY GLY B . n 
B 2 45  ARG 45  45  45  ARG ARG B . n 
B 2 46  PRO 46  46  46  PRO PRO B . n 
B 2 47  ILE 47  47  47  ILE ILE B . n 
B 2 48  SER 48  48  48  SER SER B . n 
B 2 49  ALA 49  49  49  ALA ALA B . n 
B 2 50  ASN 50  50  50  ASN ASN B . n 
B 2 51  LEU 51  51  51  LEU LEU B . n 
B 2 52  PRO 52  52  52  PRO PRO B . n 
B 2 53  VAL 53  53  53  VAL VAL B . n 
B 2 54  LEU 54  54  54  LEU LEU B . n 
B 2 55  VAL 55  55  55  VAL VAL B . n 
B 2 56  LYS 56  56  56  LYS LYS B . n 
B 2 57  PHE 57  57  57  PHE PHE B . n 
B 2 58  GLU 58  58  58  GLU GLU B . n 
B 2 59  GLN 59  59  59  GLN GLN B . n 
B 2 60  ARG 60  60  60  ARG ARG B . n 
B 2 61  PHE 61  61  61  PHE PHE B . n 
B 2 62  LYS 62  62  62  LYS LYS B . n 
B 2 63  ALA 63  63  63  ALA ALA B . n 
B 2 64  HIS 64  64  64  HIS HIS B . n 
B 2 65  PHE 65  65  65  PHE PHE B . n 
B 2 66  ARG 66  66  66  ARG ARG B . n 
B 2 67  PRO 67  67  67  PRO PRO B . n 
B 2 68  ASP 68  68  68  ASP ASP B . n 
B 2 69  GLU 69  69  69  GLU GLU B . n 
B 2 70  VAL 70  70  70  VAL VAL B . n 
B 2 71  THR 71  71  71  THR THR B . n 
B 2 72  LEU 72  72  72  LEU LEU B . n 
B 2 73  ILE 73  73  73  ILE ILE B . n 
# 
loop_
_pdbx_nonpoly_scheme.asym_id 
_pdbx_nonpoly_scheme.entity_id 
_pdbx_nonpoly_scheme.mon_id 
_pdbx_nonpoly_scheme.ndb_seq_num 
_pdbx_nonpoly_scheme.pdb_seq_num 
_pdbx_nonpoly_scheme.auth_seq_num 
_pdbx_nonpoly_scheme.pdb_mon_id 
_pdbx_nonpoly_scheme.auth_mon_id 
_pdbx_nonpoly_scheme.pdb_strand_id 
_pdbx_nonpoly_scheme.pdb_ins_code 
C 3 SO4 1  201 201 SO4 SO4 A . 
D 4 SF4 1  202 100 SF4 SF4 A . 
E 5 NEQ 1  301 301 NEQ NEQ A . 
F 6 HOH 1  302 1   HOH HOH A . 
F 6 HOH 2  303 2   HOH HOH A . 
F 6 HOH 3  304 3   HOH HOH A . 
F 6 HOH 4  305 4   HOH HOH A . 
F 6 HOH 5  306 5   HOH HOH A . 
F 6 HOH 6  307 7   HOH HOH A . 
F 6 HOH 7  308 8   HOH HOH A . 
F 6 HOH 8  309 9   HOH HOH A . 
F 6 HOH 9  310 10  HOH HOH A . 
F 6 HOH 10 311 11  HOH HOH A . 
F 6 HOH 11 312 12  HOH HOH A . 
F 6 HOH 12 313 14  HOH HOH A . 
F 6 HOH 13 314 15  HOH HOH A . 
F 6 HOH 14 315 17  HOH HOH A . 
F 6 HOH 15 316 18  HOH HOH A . 
F 6 HOH 16 317 19  HOH HOH A . 
F 6 HOH 17 318 20  HOH HOH A . 
F 6 HOH 18 319 21  HOH HOH A . 
F 6 HOH 19 320 22  HOH HOH A . 
F 6 HOH 20 321 23  HOH HOH A . 
F 6 HOH 21 322 24  HOH HOH A . 
F 6 HOH 22 323 25  HOH HOH A . 
F 6 HOH 23 324 26  HOH HOH A . 
F 6 HOH 24 325 30  HOH HOH A . 
F 6 HOH 25 326 31  HOH HOH A . 
F 6 HOH 26 327 32  HOH HOH A . 
F 6 HOH 27 328 33  HOH HOH A . 
F 6 HOH 28 329 34  HOH HOH A . 
F 6 HOH 29 330 35  HOH HOH A . 
F 6 HOH 30 331 37  HOH HOH A . 
F 6 HOH 31 332 38  HOH HOH A . 
F 6 HOH 32 333 39  HOH HOH A . 
F 6 HOH 33 334 41  HOH HOH A . 
F 6 HOH 34 335 44  HOH HOH A . 
F 6 HOH 35 336 45  HOH HOH A . 
F 6 HOH 36 337 55  HOH HOH A . 
F 6 HOH 37 338 56  HOH HOH A . 
F 6 HOH 38 339 57  HOH HOH A . 
F 6 HOH 39 340 58  HOH HOH A . 
F 6 HOH 40 341 60  HOH HOH A . 
F 6 HOH 41 342 61  HOH HOH A . 
F 6 HOH 42 343 62  HOH HOH A . 
F 6 HOH 43 344 63  HOH HOH A . 
F 6 HOH 44 345 68  HOH HOH A . 
F 6 HOH 45 346 69  HOH HOH A . 
F 6 HOH 46 347 70  HOH HOH A . 
F 6 HOH 47 348 71  HOH HOH A . 
F 6 HOH 48 349 72  HOH HOH A . 
F 6 HOH 49 350 73  HOH HOH A . 
F 6 HOH 50 351 74  HOH HOH A . 
F 6 HOH 51 352 75  HOH HOH A . 
F 6 HOH 52 353 77  HOH HOH A . 
F 6 HOH 53 354 79  HOH HOH A . 
F 6 HOH 54 355 80  HOH HOH A . 
F 6 HOH 55 356 82  HOH HOH A . 
F 6 HOH 56 357 83  HOH HOH A . 
F 6 HOH 57 358 84  HOH HOH A . 
F 6 HOH 58 359 85  HOH HOH A . 
F 6 HOH 59 360 86  HOH HOH A . 
F 6 HOH 60 361 87  HOH HOH A . 
F 6 HOH 61 362 88  HOH HOH A . 
F 6 HOH 62 363 89  HOH HOH A . 
G 6 HOH 1  74  6   HOH HOH B . 
G 6 HOH 2  75  13  HOH HOH B . 
G 6 HOH 3  76  16  HOH HOH B . 
G 6 HOH 4  77  27  HOH HOH B . 
G 6 HOH 5  78  28  HOH HOH B . 
G 6 HOH 6  79  29  HOH HOH B . 
G 6 HOH 7  80  36  HOH HOH B . 
G 6 HOH 8  81  40  HOH HOH B . 
G 6 HOH 9  82  42  HOH HOH B . 
G 6 HOH 10 83  43  HOH HOH B . 
G 6 HOH 11 84  46  HOH HOH B . 
G 6 HOH 12 85  47  HOH HOH B . 
G 6 HOH 13 86  48  HOH HOH B . 
G 6 HOH 14 87  49  HOH HOH B . 
G 6 HOH 15 88  50  HOH HOH B . 
G 6 HOH 16 89  51  HOH HOH B . 
G 6 HOH 17 90  52  HOH HOH B . 
G 6 HOH 18 91  53  HOH HOH B . 
G 6 HOH 19 92  54  HOH HOH B . 
G 6 HOH 20 93  59  HOH HOH B . 
G 6 HOH 21 94  64  HOH HOH B . 
G 6 HOH 22 95  65  HOH HOH B . 
G 6 HOH 23 96  66  HOH HOH B . 
G 6 HOH 24 97  67  HOH HOH B . 
G 6 HOH 25 98  76  HOH HOH B . 
G 6 HOH 26 99  78  HOH HOH B . 
G 6 HOH 27 100 81  HOH HOH B . 
G 6 HOH 28 101 91  HOH HOH B . 
G 6 HOH 29 102 92  HOH HOH B . 
G 6 HOH 30 103 93  HOH HOH B . 
G 6 HOH 31 104 95  HOH HOH B . 
# 
loop_
_software.name 
_software.version 
_software.date 
_software.type 
_software.contact_author 
_software.contact_author_email 
_software.classification 
_software.location 
_software.language 
_software.citation_id 
_software.pdbx_ordinal 
DENZO       .       ?                package 'Zbyszek Otwinowski' zbyszek@mix.swmed.edu    'data reduction'  
http://www.lnls.br/infra/linhasluz/denzo-hkl.htm ?          ? 1 
SCALEPACK   .       ?                package 'Zbyszek Otwinowski' zbyszek@mix.swmed.edu    'data scaling'    
http://www.lnls.br/infra/linhasluz/denzo-hkl.htm ?          ? 2 
AMoRE       .       ?                program 'Jorge Navaza'       ccp4@dl.ac.uk            phasing           
http://www.ccp4.ac.uk/main.html                  Fortran_77 ? 3 
CNS         .       ?                package 'Axel T. Brunger'    axel.brunger@yale.edu    refinement        
http://cns.csb.yale.edu/v1.1/                    Fortran_77 ? 4 
PDB_EXTRACT 2.000   'April. 3, 2006' package PDB                  sw-help@rcsb.rutgers.edu 'data extraction' 
http://pdb.rutgers.edu/software/                 C++        ? 5 
ADSC        Quantum ?                ?       ?                    ?                        'data collection' ? ?          ? 6 
HKL-2000    .       ?                ?       ?                    ?                        'data reduction'  ? ?          ? 7 
# 
_cell.entry_id           2PUO 
_cell.length_a           44.650 
_cell.length_b           53.595 
_cell.length_c           79.393 
_cell.angle_alpha        90.00 
_cell.angle_beta         90.00 
_cell.angle_gamma        90.00 
_cell.Z_PDB              4 
_cell.pdbx_unique_axis   ? 
_cell.length_a_esd       ? 
_cell.length_b_esd       ? 
_cell.length_c_esd       ? 
_cell.angle_alpha_esd    ? 
_cell.angle_beta_esd     ? 
_cell.angle_gamma_esd    ? 
# 
_symmetry.entry_id                         2PUO 
_symmetry.space_group_name_H-M             'P 21 21 21' 
_symmetry.pdbx_full_space_group_name_H-M   ? 
_symmetry.cell_setting                     ? 
_symmetry.Int_Tables_number                19 
_symmetry.space_group_name_Hall            ? 
# 
_exptl.crystals_number   1 
_exptl.entry_id          2PUO 
_exptl.method            'X-RAY DIFFRACTION' 
# 
_exptl_crystal.id                    1 
_exptl_crystal.density_Matthews      2.28 
_exptl_crystal.density_meas          ? 
_exptl_crystal.density_percent_sol   46.16 
_exptl_crystal.description           ? 
_exptl_crystal.F_000                 ? 
_exptl_crystal.preparation           ? 
# 
_exptl_crystal_grow.crystal_id      1 
_exptl_crystal_grow.method          'VAPOR DIFFUSION, HANGING DROP' 
_exptl_crystal_grow.pH              5.4 
_exptl_crystal_grow.temp            298 
_exptl_crystal_grow.temp_details    ? 
_exptl_crystal_grow.pdbx_details    'pH 5.4, VAPOR DIFFUSION, HANGING DROP, temperature 298K' 
_exptl_crystal_grow.pdbx_pH_range   . 
# 
_diffrn.id                     1 
_diffrn.ambient_temp           100 
_diffrn.ambient_temp_details   ? 
_diffrn.crystal_id             1 
# 
_diffrn_detector.diffrn_id              1 
_diffrn_detector.detector               CCD 
_diffrn_detector.type                   'ADSC QUANTUM 210' 
_diffrn_detector.pdbx_collection_date   2004-01-01 
_diffrn_detector.details                ? 
# 
_diffrn_radiation.diffrn_id                        1 
_diffrn_radiation.wavelength_id                    1 
_diffrn_radiation.pdbx_diffrn_protocol             'SINGLE WAVELENGTH' 
_diffrn_radiation.monochromator                    ? 
_diffrn_radiation.pdbx_monochromatic_or_laue_m_l   M 
_diffrn_radiation.pdbx_scattering_type             x-ray 
# 
_diffrn_radiation_wavelength.id           1 
_diffrn_radiation_wavelength.wavelength   1.0781 
_diffrn_radiation_wavelength.wt           1.0 
# 
_diffrn_source.diffrn_id                   1 
_diffrn_source.source                      SYNCHROTRON 
_diffrn_source.type                        'ALS BEAMLINE 8.2.1' 
_diffrn_source.pdbx_wavelength             ? 
_diffrn_source.pdbx_wavelength_list        1.0781 
_diffrn_source.pdbx_synchrotron_site       ALS 
_diffrn_source.pdbx_synchrotron_beamline   8.2.1 
# 
_reflns.entry_id                     2PUO 
_reflns.d_resolution_high            1.700 
_reflns.d_resolution_low             50.000 
_reflns.number_obs                   20362 
_reflns.pdbx_Rmerge_I_obs            0.060 
_reflns.pdbx_netI_over_sigmaI        18.300 
_reflns.pdbx_chi_squared             1.400 
_reflns.percent_possible_obs         93.900 
_reflns.observed_criterion_sigma_F   ? 
_reflns.observed_criterion_sigma_I   ? 
_reflns.number_all                   ? 
_reflns.pdbx_Rsym_value              ? 
_reflns.B_iso_Wilson_estimate        26.98 
_reflns.pdbx_redundancy              6.6 
_reflns.R_free_details               ? 
_reflns.limit_h_max                  ? 
_reflns.limit_h_min                  ? 
_reflns.limit_k_max                  ? 
_reflns.limit_k_min                  ? 
_reflns.limit_l_max                  ? 
_reflns.limit_l_min                  ? 
_reflns.observed_criterion_F_max     ? 
_reflns.observed_criterion_F_min     ? 
_reflns.pdbx_scaling_rejects         ? 
_reflns.pdbx_diffrn_id               1 
_reflns.pdbx_ordinal                 1 
# 
loop_
_reflns_shell.d_res_high 
_reflns_shell.d_res_low 
_reflns_shell.number_measured_obs 
_reflns_shell.number_measured_all 
_reflns_shell.number_unique_obs 
_reflns_shell.Rmerge_I_obs 
_reflns_shell.meanI_over_sigI_obs 
_reflns_shell.pdbx_Rsym_value 
_reflns_shell.pdbx_chi_squared 
_reflns_shell.pdbx_redundancy 
_reflns_shell.percent_possible_obs 
_reflns_shell.number_unique_all 
_reflns_shell.percent_possible_all 
_reflns_shell.pdbx_diffrn_id 
_reflns_shell.pdbx_ordinal 
1.70 1.76  ? ? ? 0.500 ? ? 1.035 ? ? 1282 60.60  ? 1  
1.76 1.83  ? ? ? 0.426 ? ? 1.083 ? ? 1790 84.70  ? 2  
1.83 1.91  ? ? ? 0.369 ? ? 1.221 ? ? 2074 96.90  ? 3  
1.91 2.02  ? ? ? 0.258 ? ? 1.367 ? ? 2120 98.90  ? 4  
2.02 2.14  ? ? ? 0.172 ? ? 1.484 ? ? 2126 99.10  ? 5  
2.14 2.31  ? ? ? 0.123 ? ? 1.547 ? ? 2127 99.30  ? 6  
2.31 2.54  ? ? ? 0.092 ? ? 1.605 ? ? 2153 99.70  ? 7  
2.54 2.91  ? ? ? 0.069 ? ? 1.576 ? ? 2182 100.00 ? 8  
2.91 3.66  ? ? ? 0.046 ? ? 1.389 ? ? 2211 100.00 ? 9  
3.66 50.00 ? ? ? 0.042 ? ? 1.306 ? ? 2297 98.30  ? 10 
# 
_refine.entry_id                                 2PUO 
_refine.ls_d_res_high                            1.700 
_refine.ls_d_res_low                             500.000 
_refine.pdbx_ls_sigma_F                          0.00 
_refine.ls_percent_reflns_obs                    94.000 
_refine.ls_number_reflns_obs                     20302 
_refine.ls_R_factor_R_work                       0.234 
_refine.ls_R_factor_R_free                       0.255 
_refine.ls_percent_reflns_R_free                 4.600 
_refine.ls_number_reflns_R_free                  986 
_refine.B_iso_mean                               40.528 
_refine.solvent_model_param_bsol                 51.279 
_refine.aniso_B[1][1]                            -5.809 
_refine.aniso_B[2][2]                            -7.452 
_refine.aniso_B[3][3]                            13.261 
_refine.aniso_B[1][2]                            0.000 
_refine.aniso_B[1][3]                            0.000 
_refine.aniso_B[2][3]                            0.000 
_refine.pdbx_ls_sigma_I                          ? 
_refine.ls_number_reflns_all                     ? 
_refine.ls_R_factor_all                          ? 
_refine.ls_R_factor_obs                          ? 
_refine.ls_redundancy_reflns_obs                 ? 
_refine.pdbx_data_cutoff_high_absF               ? 
_refine.pdbx_data_cutoff_low_absF                ? 
_refine.ls_number_parameters                     ? 
_refine.ls_number_restraints                     ? 
_refine.ls_R_factor_R_free_error                 ? 
_refine.ls_R_factor_R_free_error_details         ? 
_refine.pdbx_method_to_determine_struct          'MOLECULAR REPLACEMENT' 
_refine.pdbx_starting_model                      ? 
_refine.pdbx_ls_cross_valid_method               ? 
_refine.pdbx_R_Free_selection_details            'Random 5%' 
_refine.pdbx_stereochem_target_val_spec_case     ? 
_refine.pdbx_stereochemistry_target_values       ? 
_refine.solvent_model_details                    ? 
_refine.solvent_model_param_ksol                 ? 
_refine.occupancy_max                            ? 
_refine.occupancy_min                            ? 
_refine.pdbx_isotropic_thermal_model             ? 
_refine.details                                  ? 
_refine.B_iso_min                                ? 
_refine.B_iso_max                                ? 
_refine.correlation_coeff_Fo_to_Fc               ? 
_refine.correlation_coeff_Fo_to_Fc_free          ? 
_refine.pdbx_solvent_vdw_probe_radii             ? 
_refine.pdbx_solvent_ion_probe_radii             ? 
_refine.pdbx_solvent_shrinkage_radii             ? 
_refine.overall_SU_R_Cruickshank_DPI             ? 
_refine.overall_SU_R_free                        ? 
_refine.overall_SU_ML                            ? 
_refine.overall_SU_B                             ? 
_refine.pdbx_overall_ESU_R_Free                  ? 
_refine.pdbx_data_cutoff_high_rms_absF           ? 
_refine.pdbx_overall_ESU_R                       ? 
_refine.ls_wR_factor_R_free                      ? 
_refine.ls_wR_factor_R_work                      ? 
_refine.overall_FOM_free_R_set                   ? 
_refine.overall_FOM_work_R_set                   ? 
_refine.pdbx_refine_id                           'X-RAY DIFFRACTION' 
_refine.pdbx_diffrn_id                           1 
_refine.pdbx_TLS_residual_ADP_flag               ? 
_refine.pdbx_overall_phase_error                 ? 
_refine.pdbx_overall_SU_R_free_Cruickshank_DPI   ? 
_refine.pdbx_overall_SU_R_Blow_DPI               ? 
_refine.pdbx_overall_SU_R_free_Blow_DPI          ? 
# 
_refine_analyze.entry_id                        2PUO 
_refine_analyze.Luzzati_coordinate_error_obs    0.26 
_refine_analyze.Luzzati_sigma_a_obs             0.28 
_refine_analyze.Luzzati_d_res_low_obs           5.00 
_refine_analyze.Luzzati_coordinate_error_free   0.30 
_refine_analyze.Luzzati_sigma_a_free            0.30 
_refine_analyze.Luzzati_d_res_low_free          ? 
_refine_analyze.number_disordered_residues      ? 
_refine_analyze.occupancy_sum_non_hydrogen      ? 
_refine_analyze.occupancy_sum_hydrogen          ? 
_refine_analyze.pdbx_Luzzati_d_res_high_obs     ? 
_refine_analyze.pdbx_refine_id                  'X-RAY DIFFRACTION' 
# 
_refine_hist.pdbx_refine_id                   'X-RAY DIFFRACTION' 
_refine_hist.cycle_id                         LAST 
_refine_hist.pdbx_number_atoms_protein        1453 
_refine_hist.pdbx_number_atoms_nucleic_acid   0 
_refine_hist.pdbx_number_atoms_ligand         22 
_refine_hist.number_atoms_solvent             93 
_refine_hist.number_atoms_total               1568 
_refine_hist.d_res_high                       1.700 
_refine_hist.d_res_low                        500.000 
# 
loop_
_refine_ls_restr.type 
_refine_ls_restr.number 
_refine_ls_restr.dev_ideal 
_refine_ls_restr.dev_ideal_target 
_refine_ls_restr.weight 
_refine_ls_restr.pdbx_refine_id 
_refine_ls_restr.pdbx_restraint_function 
c_angle_deg        ? 1.1   1.500 ? 'X-RAY DIFFRACTION' ? 
c_bond_d           ? 0.005 2.000 ? 'X-RAY DIFFRACTION' ? 
c_dihedral_angle_d ? 22.7  2.000 ? 'X-RAY DIFFRACTION' ? 
c_scangle_it       ? 0.73  2.500 ? 'X-RAY DIFFRACTION' ? 
# 
_refine_ls_shell.d_res_high                       1.70 
_refine_ls_shell.d_res_low                        1.81 
_refine_ls_shell.number_reflns_obs                2316 
_refine_ls_shell.number_reflns_R_free             116 
_refine_ls_shell.R_factor_R_work                  0.355 
_refine_ls_shell.R_factor_R_free                  0.394 
_refine_ls_shell.R_factor_R_free_error            0.037 
_refine_ls_shell.percent_reflns_obs               68.9 
_refine_ls_shell.percent_reflns_R_free            ? 
_refine_ls_shell.pdbx_total_number_of_bins_used   ? 
_refine_ls_shell.number_reflns_R_work             ? 
_refine_ls_shell.redundancy_reflns_obs            ? 
_refine_ls_shell.number_reflns_all                ? 
_refine_ls_shell.R_factor_all                     ? 
_refine_ls_shell.pdbx_refine_id                   'X-RAY DIFFRACTION' 
# 
loop_
_pdbx_xplor_file.serial_no 
_pdbx_xplor_file.param_file 
_pdbx_xplor_file.topol_file 
_pdbx_xplor_file.pdbx_refine_id 
1 CNS_TOPPAR:protein_rep.param ? 'X-RAY DIFFRACTION' 
2 CNS_TOPPAR:water_rep.param   ? 'X-RAY DIFFRACTION' 
3 CNS_TOPPAR:ion.param         ? 'X-RAY DIFFRACTION' 
4 fs4.par                      ? 'X-RAY DIFFRACTION' 
5 neq.par                      ? 'X-RAY DIFFRACTION' 
# 
_struct.entry_id                  2PUO 
_struct.title                     'Crystal srtucture of the NEM modified ferredoxin:thioredoxin reductase' 
_struct.pdbx_model_details        ? 
_struct.pdbx_CASP_flag            ? 
_struct.pdbx_model_type_details   ? 
# 
_struct_keywords.entry_id        2PUO 
_struct_keywords.pdbx_keywords   'ELECTRON TRANSPORT' 
_struct_keywords.text            'Thioredoxin, redox, iron-sulfur, ELECTRON TRANSPORT' 
# 
loop_
_struct_asym.id 
_struct_asym.pdbx_blank_PDB_chainid_flag 
_struct_asym.pdbx_modified 
_struct_asym.entity_id 
_struct_asym.details 
A N N 1 ? 
B N N 2 ? 
C N N 3 ? 
D N N 4 ? 
E N N 5 ? 
F N N 6 ? 
G N N 6 ? 
# 
loop_
_struct_ref.id 
_struct_ref.db_name 
_struct_ref.db_code 
_struct_ref.pdbx_db_accession 
_struct_ref.entity_id 
_struct_ref.pdbx_seq_one_letter_code 
_struct_ref.pdbx_align_begin 
_struct_ref.pdbx_db_isoform 
1 UNP Q55389_SYNY3 Q55389 1 
;NNKTLAAMKNFAEQYAKRTDTYFCSDLSVTAVVIEGLARHKEELGSPLCPCRHYEDKEAEVKNTFWNCPCVPMRERKECH
CMLFLTPDNDFAGDAQDIPMETLEEVKAS
;
8 ? 
2 UNP FTRV_SYNY3   Q55781 2 MNVGDRVRVTSSVVVYHHPEHKKTAFDLQGMEGEVAAVLTEWQGRPISANLPVLVKFEQRFKAHFRPDEVTLI 1 ? 
# 
loop_
_struct_ref_seq.align_id 
_struct_ref_seq.ref_id 
_struct_ref_seq.pdbx_PDB_id_code 
_struct_ref_seq.pdbx_strand_id 
_struct_ref_seq.seq_align_beg 
_struct_ref_seq.pdbx_seq_align_beg_ins_code 
_struct_ref_seq.seq_align_end 
_struct_ref_seq.pdbx_seq_align_end_ins_code 
_struct_ref_seq.pdbx_db_accession 
_struct_ref_seq.db_align_beg 
_struct_ref_seq.pdbx_db_align_beg_ins_code 
_struct_ref_seq.db_align_end 
_struct_ref_seq.pdbx_db_align_end_ins_code 
_struct_ref_seq.pdbx_auth_seq_align_beg 
_struct_ref_seq.pdbx_auth_seq_align_end 
1 1 2PUO A 1 ? 109 ? Q55389 8 ? 116 ? 7 115 
2 2 2PUO B 1 ? 73  ? Q55781 1 ? 73  ? 1 73  
# 
_pdbx_struct_assembly.id                   1 
_pdbx_struct_assembly.details              author_and_software_defined_assembly 
_pdbx_struct_assembly.method_details       PISA 
_pdbx_struct_assembly.oligomeric_details   dimeric 
_pdbx_struct_assembly.oligomeric_count     2 
# 
loop_
_pdbx_struct_assembly_prop.biol_id 
_pdbx_struct_assembly_prop.type 
_pdbx_struct_assembly_prop.value 
_pdbx_struct_assembly_prop.details 
1 'ABSA (A^2)' 2530 ? 
1 MORE         -40  ? 
1 'SSA (A^2)'  9660 ? 
# 
_pdbx_struct_assembly_gen.assembly_id       1 
_pdbx_struct_assembly_gen.oper_expression   1 
_pdbx_struct_assembly_gen.asym_id_list      A,B,C,D,E,F,G 
# 
_pdbx_struct_oper_list.id                   1 
_pdbx_struct_oper_list.type                 'identity operation' 
_pdbx_struct_oper_list.name                 1_555 
_pdbx_struct_oper_list.symmetry_operation   x,y,z 
_pdbx_struct_oper_list.matrix[1][1]         1.0000000000 
_pdbx_struct_oper_list.matrix[1][2]         0.0000000000 
_pdbx_struct_oper_list.matrix[1][3]         0.0000000000 
_pdbx_struct_oper_list.vector[1]            0.0000000000 
_pdbx_struct_oper_list.matrix[2][1]         0.0000000000 
_pdbx_struct_oper_list.matrix[2][2]         1.0000000000 
_pdbx_struct_oper_list.matrix[2][3]         0.0000000000 
_pdbx_struct_oper_list.vector[2]            0.0000000000 
_pdbx_struct_oper_list.matrix[3][1]         0.0000000000 
_pdbx_struct_oper_list.matrix[3][2]         0.0000000000 
_pdbx_struct_oper_list.matrix[3][3]         1.0000000000 
_pdbx_struct_oper_list.vector[3]            0.0000000000 
# 
loop_
_struct_conf.conf_type_id 
_struct_conf.id 
_struct_conf.pdbx_PDB_helix_id 
_struct_conf.beg_label_comp_id 
_struct_conf.beg_label_asym_id 
_struct_conf.beg_label_seq_id 
_struct_conf.pdbx_beg_PDB_ins_code 
_struct_conf.end_label_comp_id 
_struct_conf.end_label_asym_id 
_struct_conf.end_label_seq_id 
_struct_conf.pdbx_end_PDB_ins_code 
_struct_conf.beg_auth_comp_id 
_struct_conf.beg_auth_asym_id 
_struct_conf.beg_auth_seq_id 
_struct_conf.end_auth_comp_id 
_struct_conf.end_auth_asym_id 
_struct_conf.end_auth_seq_id 
_struct_conf.pdbx_PDB_helix_class 
_struct_conf.details 
_struct_conf.pdbx_PDB_helix_length 
HELX_P HELX_P1 1 ASN A 1  ? ASP A 20  ? ASN A 7   ASP A 26  1 ? 20 
HELX_P HELX_P2 2 ASP A 26 ? GLY A 45  ? ASP A 32  GLY A 51  1 ? 20 
HELX_P HELX_P3 3 ASP A 56 ? THR A 64  ? ASP A 62  THR A 70  1 ? 9  
HELX_P HELX_P4 4 CYS A 70 ? LYS A 77  ? CYS A 76  LYS A 83  1 ? 8  
HELX_P HELX_P5 5 PRO A 99 ? ALA A 108 ? PRO A 105 ALA A 114 1 ? 10 
HELX_P HELX_P6 6 HIS B 18 ? LYS B 22  ? HIS B 18  LYS B 22  5 ? 5  
HELX_P HELX_P7 7 ARG B 66 ? ASP B 68  ? ARG B 66  ASP B 68  5 ? 3  
# 
_struct_conf_type.id          HELX_P 
_struct_conf_type.criteria    ? 
_struct_conf_type.reference   ? 
# 
loop_
_struct_conn.id 
_struct_conn.conn_type_id 
_struct_conn.pdbx_leaving_atom_flag 
_struct_conn.pdbx_PDB_id 
_struct_conn.ptnr1_label_asym_id 
_struct_conn.ptnr1_label_comp_id 
_struct_conn.ptnr1_label_seq_id 
_struct_conn.ptnr1_label_atom_id 
_struct_conn.pdbx_ptnr1_label_alt_id 
_struct_conn.pdbx_ptnr1_PDB_ins_code 
_struct_conn.pdbx_ptnr1_standard_comp_id 
_struct_conn.ptnr1_symmetry 
_struct_conn.ptnr2_label_asym_id 
_struct_conn.ptnr2_label_comp_id 
_struct_conn.ptnr2_label_seq_id 
_struct_conn.ptnr2_label_atom_id 
_struct_conn.pdbx_ptnr2_label_alt_id 
_struct_conn.pdbx_ptnr2_PDB_ins_code 
_struct_conn.ptnr1_auth_asym_id 
_struct_conn.ptnr1_auth_comp_id 
_struct_conn.ptnr1_auth_seq_id 
_struct_conn.ptnr2_auth_asym_id 
_struct_conn.ptnr2_auth_comp_id 
_struct_conn.ptnr2_auth_seq_id 
_struct_conn.ptnr2_symmetry 
_struct_conn.pdbx_ptnr3_label_atom_id 
_struct_conn.pdbx_ptnr3_label_seq_id 
_struct_conn.pdbx_ptnr3_label_comp_id 
_struct_conn.pdbx_ptnr3_label_asym_id 
_struct_conn.pdbx_ptnr3_label_alt_id 
_struct_conn.pdbx_ptnr3_PDB_ins_code 
_struct_conn.details 
_struct_conn.pdbx_dist_value 
_struct_conn.pdbx_value_order 
_struct_conn.pdbx_role 
covale1 covale none ? A CYS 51 SG ? ? ? 1_555 E NEQ . C3  ? ? A CYS 57 A NEQ 301 1_555 ? ? ? ? ? ? ? 1.858 ? ? 
metalc1 metalc ?    ? A CYS 49 SG ? ? ? 1_555 D SF4 . FE4 ? ? A CYS 55 A SF4 202 1_555 ? ? ? ? ? ? ? 2.583 ? ? 
metalc2 metalc ?    ? A CYS 68 SG ? ? ? 1_555 D SF4 . FE1 ? ? A CYS 74 A SF4 202 1_555 ? ? ? ? ? ? ? 2.376 ? ? 
metalc3 metalc ?    ? A CYS 70 SG ? ? ? 1_555 D SF4 . FE2 ? ? A CYS 76 A SF4 202 1_555 ? ? ? ? ? ? ? 2.414 ? ? 
metalc4 metalc ?    ? A CYS 79 SG ? ? ? 1_555 D SF4 . FE3 ? ? A CYS 85 A SF4 202 1_555 ? ? ? ? ? ? ? 2.390 ? ? 
metalc5 metalc ?    ? A CYS 81 SG ? ? ? 1_555 D SF4 . FE4 ? ? A CYS 87 A SF4 202 1_555 ? ? ? ? ? ? ? 2.723 ? ? 
# 
loop_
_struct_conn_type.id 
_struct_conn_type.criteria 
_struct_conn_type.reference 
covale ? ? 
metalc ? ? 
# 
loop_
_pdbx_struct_conn_angle.id 
_pdbx_struct_conn_angle.ptnr1_label_atom_id 
_pdbx_struct_conn_angle.ptnr1_label_alt_id 
_pdbx_struct_conn_angle.ptnr1_label_asym_id 
_pdbx_struct_conn_angle.ptnr1_label_comp_id 
_pdbx_struct_conn_angle.ptnr1_label_seq_id 
_pdbx_struct_conn_angle.ptnr1_auth_atom_id 
_pdbx_struct_conn_angle.ptnr1_auth_asym_id 
_pdbx_struct_conn_angle.ptnr1_auth_comp_id 
_pdbx_struct_conn_angle.ptnr1_auth_seq_id 
_pdbx_struct_conn_angle.ptnr1_PDB_ins_code 
_pdbx_struct_conn_angle.ptnr1_symmetry 
_pdbx_struct_conn_angle.ptnr2_label_atom_id 
_pdbx_struct_conn_angle.ptnr2_label_alt_id 
_pdbx_struct_conn_angle.ptnr2_label_asym_id 
_pdbx_struct_conn_angle.ptnr2_label_comp_id 
_pdbx_struct_conn_angle.ptnr2_label_seq_id 
_pdbx_struct_conn_angle.ptnr2_auth_atom_id 
_pdbx_struct_conn_angle.ptnr2_auth_asym_id 
_pdbx_struct_conn_angle.ptnr2_auth_comp_id 
_pdbx_struct_conn_angle.ptnr2_auth_seq_id 
_pdbx_struct_conn_angle.ptnr2_PDB_ins_code 
_pdbx_struct_conn_angle.ptnr2_symmetry 
_pdbx_struct_conn_angle.ptnr3_label_atom_id 
_pdbx_struct_conn_angle.ptnr3_label_alt_id 
_pdbx_struct_conn_angle.ptnr3_label_asym_id 
_pdbx_struct_conn_angle.ptnr3_label_comp_id 
_pdbx_struct_conn_angle.ptnr3_label_seq_id 
_pdbx_struct_conn_angle.ptnr3_auth_atom_id 
_pdbx_struct_conn_angle.ptnr3_auth_asym_id 
_pdbx_struct_conn_angle.ptnr3_auth_comp_id 
_pdbx_struct_conn_angle.ptnr3_auth_seq_id 
_pdbx_struct_conn_angle.ptnr3_PDB_ins_code 
_pdbx_struct_conn_angle.ptnr3_symmetry 
_pdbx_struct_conn_angle.value 
_pdbx_struct_conn_angle.value_esd 
1  SG ? A CYS 49 ? A CYS 55  ? 1_555 FE4 ? D SF4 . ? A SF4 202 ? 1_555 S1 ? D SF4 .  ? A SF4 202 ? 1_555 108.3 ? 
2  SG ? A CYS 49 ? A CYS 55  ? 1_555 FE4 ? D SF4 . ? A SF4 202 ? 1_555 S2 ? D SF4 .  ? A SF4 202 ? 1_555 139.9 ? 
3  S1 ? D SF4 .  ? A SF4 202 ? 1_555 FE4 ? D SF4 . ? A SF4 202 ? 1_555 S2 ? D SF4 .  ? A SF4 202 ? 1_555 102.9 ? 
4  SG ? A CYS 49 ? A CYS 55  ? 1_555 FE4 ? D SF4 . ? A SF4 202 ? 1_555 S3 ? D SF4 .  ? A SF4 202 ? 1_555 93.8  ? 
5  S1 ? D SF4 .  ? A SF4 202 ? 1_555 FE4 ? D SF4 . ? A SF4 202 ? 1_555 S3 ? D SF4 .  ? A SF4 202 ? 1_555 106.2 ? 
6  S2 ? D SF4 .  ? A SF4 202 ? 1_555 FE4 ? D SF4 . ? A SF4 202 ? 1_555 S3 ? D SF4 .  ? A SF4 202 ? 1_555 101.1 ? 
7  SG ? A CYS 49 ? A CYS 55  ? 1_555 FE4 ? D SF4 . ? A SF4 202 ? 1_555 SG ? A CYS 81 ? A CYS 87  ? 1_555 68.8  ? 
8  S1 ? D SF4 .  ? A SF4 202 ? 1_555 FE4 ? D SF4 . ? A SF4 202 ? 1_555 SG ? A CYS 81 ? A CYS 87  ? 1_555 95.4  ? 
9  S2 ? D SF4 .  ? A SF4 202 ? 1_555 FE4 ? D SF4 . ? A SF4 202 ? 1_555 SG ? A CYS 81 ? A CYS 87  ? 1_555 84.0  ? 
10 S3 ? D SF4 .  ? A SF4 202 ? 1_555 FE4 ? D SF4 . ? A SF4 202 ? 1_555 SG ? A CYS 81 ? A CYS 87  ? 1_555 155.9 ? 
11 SG ? A CYS 68 ? A CYS 74  ? 1_555 FE1 ? D SF4 . ? A SF4 202 ? 1_555 S2 ? D SF4 .  ? A SF4 202 ? 1_555 119.3 ? 
12 SG ? A CYS 68 ? A CYS 74  ? 1_555 FE1 ? D SF4 . ? A SF4 202 ? 1_555 S3 ? D SF4 .  ? A SF4 202 ? 1_555 115.0 ? 
13 S2 ? D SF4 .  ? A SF4 202 ? 1_555 FE1 ? D SF4 . ? A SF4 202 ? 1_555 S3 ? D SF4 .  ? A SF4 202 ? 1_555 99.8  ? 
14 SG ? A CYS 68 ? A CYS 74  ? 1_555 FE1 ? D SF4 . ? A SF4 202 ? 1_555 S4 ? D SF4 .  ? A SF4 202 ? 1_555 112.3 ? 
15 S2 ? D SF4 .  ? A SF4 202 ? 1_555 FE1 ? D SF4 . ? A SF4 202 ? 1_555 S4 ? D SF4 .  ? A SF4 202 ? 1_555 102.6 ? 
16 S3 ? D SF4 .  ? A SF4 202 ? 1_555 FE1 ? D SF4 . ? A SF4 202 ? 1_555 S4 ? D SF4 .  ? A SF4 202 ? 1_555 106.1 ? 
17 SG ? A CYS 70 ? A CYS 76  ? 1_555 FE2 ? D SF4 . ? A SF4 202 ? 1_555 S1 ? D SF4 .  ? A SF4 202 ? 1_555 110.9 ? 
18 SG ? A CYS 70 ? A CYS 76  ? 1_555 FE2 ? D SF4 . ? A SF4 202 ? 1_555 S3 ? D SF4 .  ? A SF4 202 ? 1_555 119.4 ? 
19 S1 ? D SF4 .  ? A SF4 202 ? 1_555 FE2 ? D SF4 . ? A SF4 202 ? 1_555 S3 ? D SF4 .  ? A SF4 202 ? 1_555 103.2 ? 
20 SG ? A CYS 70 ? A CYS 76  ? 1_555 FE2 ? D SF4 . ? A SF4 202 ? 1_555 S4 ? D SF4 .  ? A SF4 202 ? 1_555 111.0 ? 
21 S1 ? D SF4 .  ? A SF4 202 ? 1_555 FE2 ? D SF4 . ? A SF4 202 ? 1_555 S4 ? D SF4 .  ? A SF4 202 ? 1_555 102.9 ? 
22 S3 ? D SF4 .  ? A SF4 202 ? 1_555 FE2 ? D SF4 . ? A SF4 202 ? 1_555 S4 ? D SF4 .  ? A SF4 202 ? 1_555 108.0 ? 
23 SG ? A CYS 79 ? A CYS 85  ? 1_555 FE3 ? D SF4 . ? A SF4 202 ? 1_555 S1 ? D SF4 .  ? A SF4 202 ? 1_555 106.5 ? 
24 SG ? A CYS 79 ? A CYS 85  ? 1_555 FE3 ? D SF4 . ? A SF4 202 ? 1_555 S2 ? D SF4 .  ? A SF4 202 ? 1_555 112.4 ? 
25 S1 ? D SF4 .  ? A SF4 202 ? 1_555 FE3 ? D SF4 . ? A SF4 202 ? 1_555 S2 ? D SF4 .  ? A SF4 202 ? 1_555 104.8 ? 
26 SG ? A CYS 79 ? A CYS 85  ? 1_555 FE3 ? D SF4 . ? A SF4 202 ? 1_555 S4 ? D SF4 .  ? A SF4 202 ? 1_555 118.1 ? 
27 S1 ? D SF4 .  ? A SF4 202 ? 1_555 FE3 ? D SF4 . ? A SF4 202 ? 1_555 S4 ? D SF4 .  ? A SF4 202 ? 1_555 106.6 ? 
28 S2 ? D SF4 .  ? A SF4 202 ? 1_555 FE3 ? D SF4 . ? A SF4 202 ? 1_555 S4 ? D SF4 .  ? A SF4 202 ? 1_555 107.4 ? 
# 
_struct_mon_prot_cis.pdbx_id                1 
_struct_mon_prot_cis.label_comp_id          CYS 
_struct_mon_prot_cis.label_seq_id           68 
_struct_mon_prot_cis.label_asym_id          A 
_struct_mon_prot_cis.label_alt_id           . 
_struct_mon_prot_cis.pdbx_PDB_ins_code      ? 
_struct_mon_prot_cis.auth_comp_id           CYS 
_struct_mon_prot_cis.auth_seq_id            74 
_struct_mon_prot_cis.auth_asym_id           A 
_struct_mon_prot_cis.pdbx_label_comp_id_2   PRO 
_struct_mon_prot_cis.pdbx_label_seq_id_2    69 
_struct_mon_prot_cis.pdbx_label_asym_id_2   A 
_struct_mon_prot_cis.pdbx_PDB_ins_code_2    ? 
_struct_mon_prot_cis.pdbx_auth_comp_id_2    PRO 
_struct_mon_prot_cis.pdbx_auth_seq_id_2     75 
_struct_mon_prot_cis.pdbx_auth_asym_id_2    A 
_struct_mon_prot_cis.pdbx_PDB_model_num     1 
_struct_mon_prot_cis.pdbx_omega_angle       -0.21 
# 
loop_
_struct_sheet.id 
_struct_sheet.type 
_struct_sheet.number_strands 
_struct_sheet.details 
A ? 5 ? 
B ? 2 ? 
C ? 2 ? 
# 
loop_
_struct_sheet_order.sheet_id 
_struct_sheet_order.range_id_1 
_struct_sheet_order.range_id_2 
_struct_sheet_order.offset 
_struct_sheet_order.sense 
A 1 2 ? anti-parallel 
A 2 3 ? anti-parallel 
A 3 4 ? anti-parallel 
A 4 5 ? anti-parallel 
B 1 2 ? anti-parallel 
C 1 2 ? anti-parallel 
# 
loop_
_struct_sheet_range.sheet_id 
_struct_sheet_range.id 
_struct_sheet_range.beg_label_comp_id 
_struct_sheet_range.beg_label_asym_id 
_struct_sheet_range.beg_label_seq_id 
_struct_sheet_range.pdbx_beg_PDB_ins_code 
_struct_sheet_range.end_label_comp_id 
_struct_sheet_range.end_label_asym_id 
_struct_sheet_range.end_label_seq_id 
_struct_sheet_range.pdbx_end_PDB_ins_code 
_struct_sheet_range.beg_auth_comp_id 
_struct_sheet_range.beg_auth_asym_id 
_struct_sheet_range.beg_auth_seq_id 
_struct_sheet_range.end_auth_comp_id 
_struct_sheet_range.end_auth_asym_id 
_struct_sheet_range.end_auth_seq_id 
A 1 PHE B 61 ? PHE B 65 ? PHE B 61 PHE B 65 
A 2 VAL B 53 ? PHE B 57 ? VAL B 53 PHE B 57 
A 3 GLU B 32 ? VAL B 38 ? GLU B 32 VAL B 38 
A 4 ARG B 6  ? VAL B 9  ? ARG B 6  VAL B 9  
A 5 VAL B 70 ? LEU B 72 ? VAL B 70 LEU B 72 
B 1 VAL B 14 ? VAL B 15 ? VAL B 14 VAL B 15 
B 2 PHE B 26 ? ASP B 27 ? PHE B 26 ASP B 27 
C 1 GLU B 41 ? TRP B 42 ? GLU B 41 TRP B 42 
C 2 ARG B 45 ? PRO B 46 ? ARG B 45 PRO B 46 
# 
loop_
_pdbx_struct_sheet_hbond.sheet_id 
_pdbx_struct_sheet_hbond.range_id_1 
_pdbx_struct_sheet_hbond.range_id_2 
_pdbx_struct_sheet_hbond.range_1_label_atom_id 
_pdbx_struct_sheet_hbond.range_1_label_comp_id 
_pdbx_struct_sheet_hbond.range_1_label_asym_id 
_pdbx_struct_sheet_hbond.range_1_label_seq_id 
_pdbx_struct_sheet_hbond.range_1_PDB_ins_code 
_pdbx_struct_sheet_hbond.range_1_auth_atom_id 
_pdbx_struct_sheet_hbond.range_1_auth_comp_id 
_pdbx_struct_sheet_hbond.range_1_auth_asym_id 
_pdbx_struct_sheet_hbond.range_1_auth_seq_id 
_pdbx_struct_sheet_hbond.range_2_label_atom_id 
_pdbx_struct_sheet_hbond.range_2_label_comp_id 
_pdbx_struct_sheet_hbond.range_2_label_asym_id 
_pdbx_struct_sheet_hbond.range_2_label_seq_id 
_pdbx_struct_sheet_hbond.range_2_PDB_ins_code 
_pdbx_struct_sheet_hbond.range_2_auth_atom_id 
_pdbx_struct_sheet_hbond.range_2_auth_comp_id 
_pdbx_struct_sheet_hbond.range_2_auth_asym_id 
_pdbx_struct_sheet_hbond.range_2_auth_seq_id 
A 1 2 O PHE B 61 ? O PHE B 61 N PHE B 57 ? N PHE B 57 
A 2 3 O LEU B 54 ? O LEU B 54 N ALA B 36 ? N ALA B 36 
A 3 4 O GLY B 33 ? O GLY B 33 N VAL B 7  ? N VAL B 7  
A 4 5 N ARG B 8  ? N ARG B 8  O THR B 71 ? O THR B 71 
B 1 2 N VAL B 15 ? N VAL B 15 O PHE B 26 ? O PHE B 26 
C 1 2 N TRP B 42 ? N TRP B 42 O ARG B 45 ? O ARG B 45 
# 
loop_
_struct_site.id 
_struct_site.pdbx_evidence_code 
_struct_site.pdbx_auth_asym_id 
_struct_site.pdbx_auth_comp_id 
_struct_site.pdbx_auth_seq_id 
_struct_site.pdbx_auth_ins_code 
_struct_site.pdbx_num_residues 
_struct_site.details 
AC1 Software A SO4 201 ? 5 'BINDING SITE FOR RESIDUE SO4 A 201' 
AC2 Software A SF4 202 ? 7 'BINDING SITE FOR RESIDUE SF4 A 202' 
AC3 Software A NEQ 301 ? 6 'BINDING SITE FOR RESIDUE NEQ A 301' 
# 
loop_
_struct_site_gen.id 
_struct_site_gen.site_id 
_struct_site_gen.pdbx_num_res 
_struct_site_gen.label_comp_id 
_struct_site_gen.label_asym_id 
_struct_site_gen.label_seq_id 
_struct_site_gen.pdbx_auth_ins_code 
_struct_site_gen.auth_comp_id 
_struct_site_gen.auth_asym_id 
_struct_site_gen.auth_seq_id 
_struct_site_gen.label_atom_id 
_struct_site_gen.label_alt_id 
_struct_site_gen.symmetry 
_struct_site_gen.details 
1  AC1 5 ARG A 74 ? ARG A 80  . ? 1_555 ? 
2  AC1 5 HOH F .  ? HOH A 332 . ? 1_555 ? 
3  AC1 5 HOH F .  ? HOH A 352 . ? 1_555 ? 
4  AC1 5 LYS B 62 ? LYS B 62  . ? 1_555 ? 
5  AC1 5 HIS B 64 ? HIS B 64  . ? 1_555 ? 
6  AC2 7 CYS A 49 ? CYS A 55  . ? 1_555 ? 
7  AC2 7 CYS A 68 ? CYS A 74  . ? 1_555 ? 
8  AC2 7 CYS A 70 ? CYS A 76  . ? 1_555 ? 
9  AC2 7 MET A 73 ? MET A 79  . ? 1_555 ? 
10 AC2 7 CYS A 79 ? CYS A 85  . ? 1_555 ? 
11 AC2 7 HIS A 80 ? HIS A 86  . ? 1_555 ? 
12 AC2 7 CYS A 81 ? CYS A 87  . ? 1_555 ? 
13 AC3 6 VAL A 29 ? VAL A 35  . ? 1_555 ? 
14 AC3 6 CYS A 51 ? CYS A 57  . ? 1_555 ? 
15 AC3 6 CYS A 81 ? CYS A 87  . ? 1_555 ? 
16 AC3 6 MET B 1  ? MET B 1   . ? 4_455 ? 
17 AC3 6 ASN B 2  ? ASN B 2   . ? 4_455 ? 
18 AC3 6 VAL B 38 ? VAL B 38  . ? 4_455 ? 
# 
_pdbx_entry_details.entry_id                   2PUO 
_pdbx_entry_details.compound_details           ? 
_pdbx_entry_details.source_details             ? 
_pdbx_entry_details.nonpolymer_details         ? 
_pdbx_entry_details.sequence_details           ? 
_pdbx_entry_details.has_ligand_of_interest     ? 
_pdbx_entry_details.has_protein_modification   N 
# 
loop_
_pdbx_validate_torsion.id 
_pdbx_validate_torsion.PDB_model_num 
_pdbx_validate_torsion.auth_comp_id 
_pdbx_validate_torsion.auth_asym_id 
_pdbx_validate_torsion.auth_seq_id 
_pdbx_validate_torsion.PDB_ins_code 
_pdbx_validate_torsion.label_alt_id 
_pdbx_validate_torsion.phi 
_pdbx_validate_torsion.psi 
1 1 ASP A 62 ? ? -152.82 86.18 
2 1 THR A 70 ? ? 79.36   -4.08 
3 1 HIS B 21 ? ? -148.47 31.15 
# 
loop_
_chem_comp_atom.comp_id 
_chem_comp_atom.atom_id 
_chem_comp_atom.type_symbol 
_chem_comp_atom.pdbx_aromatic_flag 
_chem_comp_atom.pdbx_stereo_config 
_chem_comp_atom.pdbx_ordinal 
ALA N    N  N N 1   
ALA CA   C  N S 2   
ALA C    C  N N 3   
ALA O    O  N N 4   
ALA CB   C  N N 5   
ALA OXT  O  N N 6   
ALA H    H  N N 7   
ALA H2   H  N N 8   
ALA HA   H  N N 9   
ALA HB1  H  N N 10  
ALA HB2  H  N N 11  
ALA HB3  H  N N 12  
ALA HXT  H  N N 13  
ARG N    N  N N 14  
ARG CA   C  N S 15  
ARG C    C  N N 16  
ARG O    O  N N 17  
ARG CB   C  N N 18  
ARG CG   C  N N 19  
ARG CD   C  N N 20  
ARG NE   N  N N 21  
ARG CZ   C  N N 22  
ARG NH1  N  N N 23  
ARG NH2  N  N N 24  
ARG OXT  O  N N 25  
ARG H    H  N N 26  
ARG H2   H  N N 27  
ARG HA   H  N N 28  
ARG HB2  H  N N 29  
ARG HB3  H  N N 30  
ARG HG2  H  N N 31  
ARG HG3  H  N N 32  
ARG HD2  H  N N 33  
ARG HD3  H  N N 34  
ARG HE   H  N N 35  
ARG HH11 H  N N 36  
ARG HH12 H  N N 37  
ARG HH21 H  N N 38  
ARG HH22 H  N N 39  
ARG HXT  H  N N 40  
ASN N    N  N N 41  
ASN CA   C  N S 42  
ASN C    C  N N 43  
ASN O    O  N N 44  
ASN CB   C  N N 45  
ASN CG   C  N N 46  
ASN OD1  O  N N 47  
ASN ND2  N  N N 48  
ASN OXT  O  N N 49  
ASN H    H  N N 50  
ASN H2   H  N N 51  
ASN HA   H  N N 52  
ASN HB2  H  N N 53  
ASN HB3  H  N N 54  
ASN HD21 H  N N 55  
ASN HD22 H  N N 56  
ASN HXT  H  N N 57  
ASP N    N  N N 58  
ASP CA   C  N S 59  
ASP C    C  N N 60  
ASP O    O  N N 61  
ASP CB   C  N N 62  
ASP CG   C  N N 63  
ASP OD1  O  N N 64  
ASP OD2  O  N N 65  
ASP OXT  O  N N 66  
ASP H    H  N N 67  
ASP H2   H  N N 68  
ASP HA   H  N N 69  
ASP HB2  H  N N 70  
ASP HB3  H  N N 71  
ASP HD2  H  N N 72  
ASP HXT  H  N N 73  
CYS N    N  N N 74  
CYS CA   C  N R 75  
CYS C    C  N N 76  
CYS O    O  N N 77  
CYS CB   C  N N 78  
CYS SG   S  N N 79  
CYS OXT  O  N N 80  
CYS H    H  N N 81  
CYS H2   H  N N 82  
CYS HA   H  N N 83  
CYS HB2  H  N N 84  
CYS HB3  H  N N 85  
CYS HG   H  N N 86  
CYS HXT  H  N N 87  
GLN N    N  N N 88  
GLN CA   C  N S 89  
GLN C    C  N N 90  
GLN O    O  N N 91  
GLN CB   C  N N 92  
GLN CG   C  N N 93  
GLN CD   C  N N 94  
GLN OE1  O  N N 95  
GLN NE2  N  N N 96  
GLN OXT  O  N N 97  
GLN H    H  N N 98  
GLN H2   H  N N 99  
GLN HA   H  N N 100 
GLN HB2  H  N N 101 
GLN HB3  H  N N 102 
GLN HG2  H  N N 103 
GLN HG3  H  N N 104 
GLN HE21 H  N N 105 
GLN HE22 H  N N 106 
GLN HXT  H  N N 107 
GLU N    N  N N 108 
GLU CA   C  N S 109 
GLU C    C  N N 110 
GLU O    O  N N 111 
GLU CB   C  N N 112 
GLU CG   C  N N 113 
GLU CD   C  N N 114 
GLU OE1  O  N N 115 
GLU OE2  O  N N 116 
GLU OXT  O  N N 117 
GLU H    H  N N 118 
GLU H2   H  N N 119 
GLU HA   H  N N 120 
GLU HB2  H  N N 121 
GLU HB3  H  N N 122 
GLU HG2  H  N N 123 
GLU HG3  H  N N 124 
GLU HE2  H  N N 125 
GLU HXT  H  N N 126 
GLY N    N  N N 127 
GLY CA   C  N N 128 
GLY C    C  N N 129 
GLY O    O  N N 130 
GLY OXT  O  N N 131 
GLY H    H  N N 132 
GLY H2   H  N N 133 
GLY HA2  H  N N 134 
GLY HA3  H  N N 135 
GLY HXT  H  N N 136 
HIS N    N  N N 137 
HIS CA   C  N S 138 
HIS C    C  N N 139 
HIS O    O  N N 140 
HIS CB   C  N N 141 
HIS CG   C  Y N 142 
HIS ND1  N  Y N 143 
HIS CD2  C  Y N 144 
HIS CE1  C  Y N 145 
HIS NE2  N  Y N 146 
HIS OXT  O  N N 147 
HIS H    H  N N 148 
HIS H2   H  N N 149 
HIS HA   H  N N 150 
HIS HB2  H  N N 151 
HIS HB3  H  N N 152 
HIS HD1  H  N N 153 
HIS HD2  H  N N 154 
HIS HE1  H  N N 155 
HIS HE2  H  N N 156 
HIS HXT  H  N N 157 
HOH O    O  N N 158 
HOH H1   H  N N 159 
HOH H2   H  N N 160 
ILE N    N  N N 161 
ILE CA   C  N S 162 
ILE C    C  N N 163 
ILE O    O  N N 164 
ILE CB   C  N S 165 
ILE CG1  C  N N 166 
ILE CG2  C  N N 167 
ILE CD1  C  N N 168 
ILE OXT  O  N N 169 
ILE H    H  N N 170 
ILE H2   H  N N 171 
ILE HA   H  N N 172 
ILE HB   H  N N 173 
ILE HG12 H  N N 174 
ILE HG13 H  N N 175 
ILE HG21 H  N N 176 
ILE HG22 H  N N 177 
ILE HG23 H  N N 178 
ILE HD11 H  N N 179 
ILE HD12 H  N N 180 
ILE HD13 H  N N 181 
ILE HXT  H  N N 182 
LEU N    N  N N 183 
LEU CA   C  N S 184 
LEU C    C  N N 185 
LEU O    O  N N 186 
LEU CB   C  N N 187 
LEU CG   C  N N 188 
LEU CD1  C  N N 189 
LEU CD2  C  N N 190 
LEU OXT  O  N N 191 
LEU H    H  N N 192 
LEU H2   H  N N 193 
LEU HA   H  N N 194 
LEU HB2  H  N N 195 
LEU HB3  H  N N 196 
LEU HG   H  N N 197 
LEU HD11 H  N N 198 
LEU HD12 H  N N 199 
LEU HD13 H  N N 200 
LEU HD21 H  N N 201 
LEU HD22 H  N N 202 
LEU HD23 H  N N 203 
LEU HXT  H  N N 204 
LYS N    N  N N 205 
LYS CA   C  N S 206 
LYS C    C  N N 207 
LYS O    O  N N 208 
LYS CB   C  N N 209 
LYS CG   C  N N 210 
LYS CD   C  N N 211 
LYS CE   C  N N 212 
LYS NZ   N  N N 213 
LYS OXT  O  N N 214 
LYS H    H  N N 215 
LYS H2   H  N N 216 
LYS HA   H  N N 217 
LYS HB2  H  N N 218 
LYS HB3  H  N N 219 
LYS HG2  H  N N 220 
LYS HG3  H  N N 221 
LYS HD2  H  N N 222 
LYS HD3  H  N N 223 
LYS HE2  H  N N 224 
LYS HE3  H  N N 225 
LYS HZ1  H  N N 226 
LYS HZ2  H  N N 227 
LYS HZ3  H  N N 228 
LYS HXT  H  N N 229 
MET N    N  N N 230 
MET CA   C  N S 231 
MET C    C  N N 232 
MET O    O  N N 233 
MET CB   C  N N 234 
MET CG   C  N N 235 
MET SD   S  N N 236 
MET CE   C  N N 237 
MET OXT  O  N N 238 
MET H    H  N N 239 
MET H2   H  N N 240 
MET HA   H  N N 241 
MET HB2  H  N N 242 
MET HB3  H  N N 243 
MET HG2  H  N N 244 
MET HG3  H  N N 245 
MET HE1  H  N N 246 
MET HE2  H  N N 247 
MET HE3  H  N N 248 
MET HXT  H  N N 249 
NEQ N1   N  N N 250 
NEQ O1   O  N N 251 
NEQ O2   O  N N 252 
NEQ C1   C  N N 253 
NEQ C2   C  N N 254 
NEQ C3   C  N N 255 
NEQ C4   C  N N 256 
NEQ C5   C  N N 257 
NEQ C6   C  N N 258 
NEQ H21  H  N N 259 
NEQ H31  H  N N 260 
NEQ H51  H  N N 261 
NEQ H52  H  N N 262 
NEQ H61  H  N N 263 
NEQ H62  H  N N 264 
NEQ H63  H  N N 265 
PHE N    N  N N 266 
PHE CA   C  N S 267 
PHE C    C  N N 268 
PHE O    O  N N 269 
PHE CB   C  N N 270 
PHE CG   C  Y N 271 
PHE CD1  C  Y N 272 
PHE CD2  C  Y N 273 
PHE CE1  C  Y N 274 
PHE CE2  C  Y N 275 
PHE CZ   C  Y N 276 
PHE OXT  O  N N 277 
PHE H    H  N N 278 
PHE H2   H  N N 279 
PHE HA   H  N N 280 
PHE HB2  H  N N 281 
PHE HB3  H  N N 282 
PHE HD1  H  N N 283 
PHE HD2  H  N N 284 
PHE HE1  H  N N 285 
PHE HE2  H  N N 286 
PHE HZ   H  N N 287 
PHE HXT  H  N N 288 
PRO N    N  N N 289 
PRO CA   C  N S 290 
PRO C    C  N N 291 
PRO O    O  N N 292 
PRO CB   C  N N 293 
PRO CG   C  N N 294 
PRO CD   C  N N 295 
PRO OXT  O  N N 296 
PRO H    H  N N 297 
PRO HA   H  N N 298 
PRO HB2  H  N N 299 
PRO HB3  H  N N 300 
PRO HG2  H  N N 301 
PRO HG3  H  N N 302 
PRO HD2  H  N N 303 
PRO HD3  H  N N 304 
PRO HXT  H  N N 305 
SER N    N  N N 306 
SER CA   C  N S 307 
SER C    C  N N 308 
SER O    O  N N 309 
SER CB   C  N N 310 
SER OG   O  N N 311 
SER OXT  O  N N 312 
SER H    H  N N 313 
SER H2   H  N N 314 
SER HA   H  N N 315 
SER HB2  H  N N 316 
SER HB3  H  N N 317 
SER HG   H  N N 318 
SER HXT  H  N N 319 
SF4 FE1  FE N N 320 
SF4 FE2  FE N N 321 
SF4 FE3  FE N N 322 
SF4 FE4  FE N N 323 
SF4 S1   S  N N 324 
SF4 S2   S  N N 325 
SF4 S3   S  N N 326 
SF4 S4   S  N N 327 
SO4 S    S  N N 328 
SO4 O1   O  N N 329 
SO4 O2   O  N N 330 
SO4 O3   O  N N 331 
SO4 O4   O  N N 332 
THR N    N  N N 333 
THR CA   C  N S 334 
THR C    C  N N 335 
THR O    O  N N 336 
THR CB   C  N R 337 
THR OG1  O  N N 338 
THR CG2  C  N N 339 
THR OXT  O  N N 340 
THR H    H  N N 341 
THR H2   H  N N 342 
THR HA   H  N N 343 
THR HB   H  N N 344 
THR HG1  H  N N 345 
THR HG21 H  N N 346 
THR HG22 H  N N 347 
THR HG23 H  N N 348 
THR HXT  H  N N 349 
TRP N    N  N N 350 
TRP CA   C  N S 351 
TRP C    C  N N 352 
TRP O    O  N N 353 
TRP CB   C  N N 354 
TRP CG   C  Y N 355 
TRP CD1  C  Y N 356 
TRP CD2  C  Y N 357 
TRP NE1  N  Y N 358 
TRP CE2  C  Y N 359 
TRP CE3  C  Y N 360 
TRP CZ2  C  Y N 361 
TRP CZ3  C  Y N 362 
TRP CH2  C  Y N 363 
TRP OXT  O  N N 364 
TRP H    H  N N 365 
TRP H2   H  N N 366 
TRP HA   H  N N 367 
TRP HB2  H  N N 368 
TRP HB3  H  N N 369 
TRP HD1  H  N N 370 
TRP HE1  H  N N 371 
TRP HE3  H  N N 372 
TRP HZ2  H  N N 373 
TRP HZ3  H  N N 374 
TRP HH2  H  N N 375 
TRP HXT  H  N N 376 
TYR N    N  N N 377 
TYR CA   C  N S 378 
TYR C    C  N N 379 
TYR O    O  N N 380 
TYR CB   C  N N 381 
TYR CG   C  Y N 382 
TYR CD1  C  Y N 383 
TYR CD2  C  Y N 384 
TYR CE1  C  Y N 385 
TYR CE2  C  Y N 386 
TYR CZ   C  Y N 387 
TYR OH   O  N N 388 
TYR OXT  O  N N 389 
TYR H    H  N N 390 
TYR H2   H  N N 391 
TYR HA   H  N N 392 
TYR HB2  H  N N 393 
TYR HB3  H  N N 394 
TYR HD1  H  N N 395 
TYR HD2  H  N N 396 
TYR HE1  H  N N 397 
TYR HE2  H  N N 398 
TYR HH   H  N N 399 
TYR HXT  H  N N 400 
VAL N    N  N N 401 
VAL CA   C  N S 402 
VAL C    C  N N 403 
VAL O    O  N N 404 
VAL CB   C  N N 405 
VAL CG1  C  N N 406 
VAL CG2  C  N N 407 
VAL OXT  O  N N 408 
VAL H    H  N N 409 
VAL H2   H  N N 410 
VAL HA   H  N N 411 
VAL HB   H  N N 412 
VAL HG11 H  N N 413 
VAL HG12 H  N N 414 
VAL HG13 H  N N 415 
VAL HG21 H  N N 416 
VAL HG22 H  N N 417 
VAL HG23 H  N N 418 
VAL HXT  H  N N 419 
# 
loop_
_chem_comp_bond.comp_id 
_chem_comp_bond.atom_id_1 
_chem_comp_bond.atom_id_2 
_chem_comp_bond.value_order 
_chem_comp_bond.pdbx_aromatic_flag 
_chem_comp_bond.pdbx_stereo_config 
_chem_comp_bond.pdbx_ordinal 
ALA N   CA   sing N N 1   
ALA N   H    sing N N 2   
ALA N   H2   sing N N 3   
ALA CA  C    sing N N 4   
ALA CA  CB   sing N N 5   
ALA CA  HA   sing N N 6   
ALA C   O    doub N N 7   
ALA C   OXT  sing N N 8   
ALA CB  HB1  sing N N 9   
ALA CB  HB2  sing N N 10  
ALA CB  HB3  sing N N 11  
ALA OXT HXT  sing N N 12  
ARG N   CA   sing N N 13  
ARG N   H    sing N N 14  
ARG N   H2   sing N N 15  
ARG CA  C    sing N N 16  
ARG CA  CB   sing N N 17  
ARG CA  HA   sing N N 18  
ARG C   O    doub N N 19  
ARG C   OXT  sing N N 20  
ARG CB  CG   sing N N 21  
ARG CB  HB2  sing N N 22  
ARG CB  HB3  sing N N 23  
ARG CG  CD   sing N N 24  
ARG CG  HG2  sing N N 25  
ARG CG  HG3  sing N N 26  
ARG CD  NE   sing N N 27  
ARG CD  HD2  sing N N 28  
ARG CD  HD3  sing N N 29  
ARG NE  CZ   sing N N 30  
ARG NE  HE   sing N N 31  
ARG CZ  NH1  sing N N 32  
ARG CZ  NH2  doub N N 33  
ARG NH1 HH11 sing N N 34  
ARG NH1 HH12 sing N N 35  
ARG NH2 HH21 sing N N 36  
ARG NH2 HH22 sing N N 37  
ARG OXT HXT  sing N N 38  
ASN N   CA   sing N N 39  
ASN N   H    sing N N 40  
ASN N   H2   sing N N 41  
ASN CA  C    sing N N 42  
ASN CA  CB   sing N N 43  
ASN CA  HA   sing N N 44  
ASN C   O    doub N N 45  
ASN C   OXT  sing N N 46  
ASN CB  CG   sing N N 47  
ASN CB  HB2  sing N N 48  
ASN CB  HB3  sing N N 49  
ASN CG  OD1  doub N N 50  
ASN CG  ND2  sing N N 51  
ASN ND2 HD21 sing N N 52  
ASN ND2 HD22 sing N N 53  
ASN OXT HXT  sing N N 54  
ASP N   CA   sing N N 55  
ASP N   H    sing N N 56  
ASP N   H2   sing N N 57  
ASP CA  C    sing N N 58  
ASP CA  CB   sing N N 59  
ASP CA  HA   sing N N 60  
ASP C   O    doub N N 61  
ASP C   OXT  sing N N 62  
ASP CB  CG   sing N N 63  
ASP CB  HB2  sing N N 64  
ASP CB  HB3  sing N N 65  
ASP CG  OD1  doub N N 66  
ASP CG  OD2  sing N N 67  
ASP OD2 HD2  sing N N 68  
ASP OXT HXT  sing N N 69  
CYS N   CA   sing N N 70  
CYS N   H    sing N N 71  
CYS N   H2   sing N N 72  
CYS CA  C    sing N N 73  
CYS CA  CB   sing N N 74  
CYS CA  HA   sing N N 75  
CYS C   O    doub N N 76  
CYS C   OXT  sing N N 77  
CYS CB  SG   sing N N 78  
CYS CB  HB2  sing N N 79  
CYS CB  HB3  sing N N 80  
CYS SG  HG   sing N N 81  
CYS OXT HXT  sing N N 82  
GLN N   CA   sing N N 83  
GLN N   H    sing N N 84  
GLN N   H2   sing N N 85  
GLN CA  C    sing N N 86  
GLN CA  CB   sing N N 87  
GLN CA  HA   sing N N 88  
GLN C   O    doub N N 89  
GLN C   OXT  sing N N 90  
GLN CB  CG   sing N N 91  
GLN CB  HB2  sing N N 92  
GLN CB  HB3  sing N N 93  
GLN CG  CD   sing N N 94  
GLN CG  HG2  sing N N 95  
GLN CG  HG3  sing N N 96  
GLN CD  OE1  doub N N 97  
GLN CD  NE2  sing N N 98  
GLN NE2 HE21 sing N N 99  
GLN NE2 HE22 sing N N 100 
GLN OXT HXT  sing N N 101 
GLU N   CA   sing N N 102 
GLU N   H    sing N N 103 
GLU N   H2   sing N N 104 
GLU CA  C    sing N N 105 
GLU CA  CB   sing N N 106 
GLU CA  HA   sing N N 107 
GLU C   O    doub N N 108 
GLU C   OXT  sing N N 109 
GLU CB  CG   sing N N 110 
GLU CB  HB2  sing N N 111 
GLU CB  HB3  sing N N 112 
GLU CG  CD   sing N N 113 
GLU CG  HG2  sing N N 114 
GLU CG  HG3  sing N N 115 
GLU CD  OE1  doub N N 116 
GLU CD  OE2  sing N N 117 
GLU OE2 HE2  sing N N 118 
GLU OXT HXT  sing N N 119 
GLY N   CA   sing N N 120 
GLY N   H    sing N N 121 
GLY N   H2   sing N N 122 
GLY CA  C    sing N N 123 
GLY CA  HA2  sing N N 124 
GLY CA  HA3  sing N N 125 
GLY C   O    doub N N 126 
GLY C   OXT  sing N N 127 
GLY OXT HXT  sing N N 128 
HIS N   CA   sing N N 129 
HIS N   H    sing N N 130 
HIS N   H2   sing N N 131 
HIS CA  C    sing N N 132 
HIS CA  CB   sing N N 133 
HIS CA  HA   sing N N 134 
HIS C   O    doub N N 135 
HIS C   OXT  sing N N 136 
HIS CB  CG   sing N N 137 
HIS CB  HB2  sing N N 138 
HIS CB  HB3  sing N N 139 
HIS CG  ND1  sing Y N 140 
HIS CG  CD2  doub Y N 141 
HIS ND1 CE1  doub Y N 142 
HIS ND1 HD1  sing N N 143 
HIS CD2 NE2  sing Y N 144 
HIS CD2 HD2  sing N N 145 
HIS CE1 NE2  sing Y N 146 
HIS CE1 HE1  sing N N 147 
HIS NE2 HE2  sing N N 148 
HIS OXT HXT  sing N N 149 
HOH O   H1   sing N N 150 
HOH O   H2   sing N N 151 
ILE N   CA   sing N N 152 
ILE N   H    sing N N 153 
ILE N   H2   sing N N 154 
ILE CA  C    sing N N 155 
ILE CA  CB   sing N N 156 
ILE CA  HA   sing N N 157 
ILE C   O    doub N N 158 
ILE C   OXT  sing N N 159 
ILE CB  CG1  sing N N 160 
ILE CB  CG2  sing N N 161 
ILE CB  HB   sing N N 162 
ILE CG1 CD1  sing N N 163 
ILE CG1 HG12 sing N N 164 
ILE CG1 HG13 sing N N 165 
ILE CG2 HG21 sing N N 166 
ILE CG2 HG22 sing N N 167 
ILE CG2 HG23 sing N N 168 
ILE CD1 HD11 sing N N 169 
ILE CD1 HD12 sing N N 170 
ILE CD1 HD13 sing N N 171 
ILE OXT HXT  sing N N 172 
LEU N   CA   sing N N 173 
LEU N   H    sing N N 174 
LEU N   H2   sing N N 175 
LEU CA  C    sing N N 176 
LEU CA  CB   sing N N 177 
LEU CA  HA   sing N N 178 
LEU C   O    doub N N 179 
LEU C   OXT  sing N N 180 
LEU CB  CG   sing N N 181 
LEU CB  HB2  sing N N 182 
LEU CB  HB3  sing N N 183 
LEU CG  CD1  sing N N 184 
LEU CG  CD2  sing N N 185 
LEU CG  HG   sing N N 186 
LEU CD1 HD11 sing N N 187 
LEU CD1 HD12 sing N N 188 
LEU CD1 HD13 sing N N 189 
LEU CD2 HD21 sing N N 190 
LEU CD2 HD22 sing N N 191 
LEU CD2 HD23 sing N N 192 
LEU OXT HXT  sing N N 193 
LYS N   CA   sing N N 194 
LYS N   H    sing N N 195 
LYS N   H2   sing N N 196 
LYS CA  C    sing N N 197 
LYS CA  CB   sing N N 198 
LYS CA  HA   sing N N 199 
LYS C   O    doub N N 200 
LYS C   OXT  sing N N 201 
LYS CB  CG   sing N N 202 
LYS CB  HB2  sing N N 203 
LYS CB  HB3  sing N N 204 
LYS CG  CD   sing N N 205 
LYS CG  HG2  sing N N 206 
LYS CG  HG3  sing N N 207 
LYS CD  CE   sing N N 208 
LYS CD  HD2  sing N N 209 
LYS CD  HD3  sing N N 210 
LYS CE  NZ   sing N N 211 
LYS CE  HE2  sing N N 212 
LYS CE  HE3  sing N N 213 
LYS NZ  HZ1  sing N N 214 
LYS NZ  HZ2  sing N N 215 
LYS NZ  HZ3  sing N N 216 
LYS OXT HXT  sing N N 217 
MET N   CA   sing N N 218 
MET N   H    sing N N 219 
MET N   H2   sing N N 220 
MET CA  C    sing N N 221 
MET CA  CB   sing N N 222 
MET CA  HA   sing N N 223 
MET C   O    doub N N 224 
MET C   OXT  sing N N 225 
MET CB  CG   sing N N 226 
MET CB  HB2  sing N N 227 
MET CB  HB3  sing N N 228 
MET CG  SD   sing N N 229 
MET CG  HG2  sing N N 230 
MET CG  HG3  sing N N 231 
MET SD  CE   sing N N 232 
MET CE  HE1  sing N N 233 
MET CE  HE2  sing N N 234 
MET CE  HE3  sing N N 235 
MET OXT HXT  sing N N 236 
NEQ N1  C1   sing N N 237 
NEQ N1  C4   sing N N 238 
NEQ N1  C5   sing N N 239 
NEQ O1  C1   doub N N 240 
NEQ O2  C4   doub N N 241 
NEQ C1  C2   sing N N 242 
NEQ C2  C3   doub N N 243 
NEQ C2  H21  sing N N 244 
NEQ C3  C4   sing N N 245 
NEQ C3  H31  sing N N 246 
NEQ C5  C6   sing N N 247 
NEQ C5  H51  sing N N 248 
NEQ C5  H52  sing N N 249 
NEQ C6  H61  sing N N 250 
NEQ C6  H62  sing N N 251 
NEQ C6  H63  sing N N 252 
PHE N   CA   sing N N 253 
PHE N   H    sing N N 254 
PHE N   H2   sing N N 255 
PHE CA  C    sing N N 256 
PHE CA  CB   sing N N 257 
PHE CA  HA   sing N N 258 
PHE C   O    doub N N 259 
PHE C   OXT  sing N N 260 
PHE CB  CG   sing N N 261 
PHE CB  HB2  sing N N 262 
PHE CB  HB3  sing N N 263 
PHE CG  CD1  doub Y N 264 
PHE CG  CD2  sing Y N 265 
PHE CD1 CE1  sing Y N 266 
PHE CD1 HD1  sing N N 267 
PHE CD2 CE2  doub Y N 268 
PHE CD2 HD2  sing N N 269 
PHE CE1 CZ   doub Y N 270 
PHE CE1 HE1  sing N N 271 
PHE CE2 CZ   sing Y N 272 
PHE CE2 HE2  sing N N 273 
PHE CZ  HZ   sing N N 274 
PHE OXT HXT  sing N N 275 
PRO N   CA   sing N N 276 
PRO N   CD   sing N N 277 
PRO N   H    sing N N 278 
PRO CA  C    sing N N 279 
PRO CA  CB   sing N N 280 
PRO CA  HA   sing N N 281 
PRO C   O    doub N N 282 
PRO C   OXT  sing N N 283 
PRO CB  CG   sing N N 284 
PRO CB  HB2  sing N N 285 
PRO CB  HB3  sing N N 286 
PRO CG  CD   sing N N 287 
PRO CG  HG2  sing N N 288 
PRO CG  HG3  sing N N 289 
PRO CD  HD2  sing N N 290 
PRO CD  HD3  sing N N 291 
PRO OXT HXT  sing N N 292 
SER N   CA   sing N N 293 
SER N   H    sing N N 294 
SER N   H2   sing N N 295 
SER CA  C    sing N N 296 
SER CA  CB   sing N N 297 
SER CA  HA   sing N N 298 
SER C   O    doub N N 299 
SER C   OXT  sing N N 300 
SER CB  OG   sing N N 301 
SER CB  HB2  sing N N 302 
SER CB  HB3  sing N N 303 
SER OG  HG   sing N N 304 
SER OXT HXT  sing N N 305 
SF4 FE1 S2   sing N N 306 
SF4 FE1 S3   sing N N 307 
SF4 FE1 S4   sing N N 308 
SF4 FE2 S1   sing N N 309 
SF4 FE2 S3   sing N N 310 
SF4 FE2 S4   sing N N 311 
SF4 FE3 S1   sing N N 312 
SF4 FE3 S2   sing N N 313 
SF4 FE3 S4   sing N N 314 
SF4 FE4 S1   sing N N 315 
SF4 FE4 S2   sing N N 316 
SF4 FE4 S3   sing N N 317 
SO4 S   O1   doub N N 318 
SO4 S   O2   doub N N 319 
SO4 S   O3   sing N N 320 
SO4 S   O4   sing N N 321 
THR N   CA   sing N N 322 
THR N   H    sing N N 323 
THR N   H2   sing N N 324 
THR CA  C    sing N N 325 
THR CA  CB   sing N N 326 
THR CA  HA   sing N N 327 
THR C   O    doub N N 328 
THR C   OXT  sing N N 329 
THR CB  OG1  sing N N 330 
THR CB  CG2  sing N N 331 
THR CB  HB   sing N N 332 
THR OG1 HG1  sing N N 333 
THR CG2 HG21 sing N N 334 
THR CG2 HG22 sing N N 335 
THR CG2 HG23 sing N N 336 
THR OXT HXT  sing N N 337 
TRP N   CA   sing N N 338 
TRP N   H    sing N N 339 
TRP N   H2   sing N N 340 
TRP CA  C    sing N N 341 
TRP CA  CB   sing N N 342 
TRP CA  HA   sing N N 343 
TRP C   O    doub N N 344 
TRP C   OXT  sing N N 345 
TRP CB  CG   sing N N 346 
TRP CB  HB2  sing N N 347 
TRP CB  HB3  sing N N 348 
TRP CG  CD1  doub Y N 349 
TRP CG  CD2  sing Y N 350 
TRP CD1 NE1  sing Y N 351 
TRP CD1 HD1  sing N N 352 
TRP CD2 CE2  doub Y N 353 
TRP CD2 CE3  sing Y N 354 
TRP NE1 CE2  sing Y N 355 
TRP NE1 HE1  sing N N 356 
TRP CE2 CZ2  sing Y N 357 
TRP CE3 CZ3  doub Y N 358 
TRP CE3 HE3  sing N N 359 
TRP CZ2 CH2  doub Y N 360 
TRP CZ2 HZ2  sing N N 361 
TRP CZ3 CH2  sing Y N 362 
TRP CZ3 HZ3  sing N N 363 
TRP CH2 HH2  sing N N 364 
TRP OXT HXT  sing N N 365 
TYR N   CA   sing N N 366 
TYR N   H    sing N N 367 
TYR N   H2   sing N N 368 
TYR CA  C    sing N N 369 
TYR CA  CB   sing N N 370 
TYR CA  HA   sing N N 371 
TYR C   O    doub N N 372 
TYR C   OXT  sing N N 373 
TYR CB  CG   sing N N 374 
TYR CB  HB2  sing N N 375 
TYR CB  HB3  sing N N 376 
TYR CG  CD1  doub Y N 377 
TYR CG  CD2  sing Y N 378 
TYR CD1 CE1  sing Y N 379 
TYR CD1 HD1  sing N N 380 
TYR CD2 CE2  doub Y N 381 
TYR CD2 HD2  sing N N 382 
TYR CE1 CZ   doub Y N 383 
TYR CE1 HE1  sing N N 384 
TYR CE2 CZ   sing Y N 385 
TYR CE2 HE2  sing N N 386 
TYR CZ  OH   sing N N 387 
TYR OH  HH   sing N N 388 
TYR OXT HXT  sing N N 389 
VAL N   CA   sing N N 390 
VAL N   H    sing N N 391 
VAL N   H2   sing N N 392 
VAL CA  C    sing N N 393 
VAL CA  CB   sing N N 394 
VAL CA  HA   sing N N 395 
VAL C   O    doub N N 396 
VAL C   OXT  sing N N 397 
VAL CB  CG1  sing N N 398 
VAL CB  CG2  sing N N 399 
VAL CB  HB   sing N N 400 
VAL CG1 HG11 sing N N 401 
VAL CG1 HG12 sing N N 402 
VAL CG1 HG13 sing N N 403 
VAL CG2 HG21 sing N N 404 
VAL CG2 HG22 sing N N 405 
VAL CG2 HG23 sing N N 406 
VAL OXT HXT  sing N N 407 
# 
_atom_sites.entry_id                    2PUO 
_atom_sites.fract_transf_matrix[1][1]   -0.02203800 
_atom_sites.fract_transf_matrix[1][2]   0.00256200 
_atom_sites.fract_transf_matrix[1][3]   0.00305669 
_atom_sites.fract_transf_matrix[2][1]   -0.00055567 
_atom_sites.fract_transf_matrix[2][2]   -0.01607040 
_atom_sites.fract_transf_matrix[2][3]   0.00946332 
_atom_sites.fract_transf_matrix[3][1]   0.00221157 
_atom_sites.fract_transf_matrix[3][2]   0.00623535 
_atom_sites.fract_transf_matrix[3][3]   0.01071861 
_atom_sites.fract_transf_vector[1]      0.427076 
_atom_sites.fract_transf_vector[2]      0.396373 
_atom_sites.fract_transf_vector[3]      0.083754 
# 
loop_
_atom_type.symbol 
C  
FE 
N  
O  
S  
# 
loop_
_atom_site.group_PDB 
_atom_site.id 
_atom_site.type_symbol 
_atom_site.label_atom_id 
_atom_site.label_alt_id 
_atom_site.label_comp_id 
_atom_site.label_asym_id 
_atom_site.label_entity_id 
_atom_site.label_seq_id 
_atom_site.pdbx_PDB_ins_code 
_atom_site.Cartn_x 
_atom_site.Cartn_y 
_atom_site.Cartn_z 
_atom_site.occupancy 
_atom_site.B_iso_or_equiv 
_atom_site.pdbx_formal_charge 
_atom_site.auth_seq_id 
_atom_site.auth_comp_id 
_atom_site.auth_asym_id 
_atom_site.auth_atom_id 
_atom_site.pdbx_PDB_model_num 
ATOM   1    N  N   . ASN A 1 1   ? 0.711   18.285  15.030  1.00 72.86 ? 7   ASN A N   1 
ATOM   2    C  CA  . ASN A 1 1   ? 0.997   17.560  16.300  1.00 72.61 ? 7   ASN A CA  1 
ATOM   3    C  C   . ASN A 1 1   ? 2.337   16.831  16.199  1.00 71.93 ? 7   ASN A C   1 
ATOM   4    O  O   . ASN A 1 1   ? 2.581   16.090  15.243  1.00 71.57 ? 7   ASN A O   1 
ATOM   5    C  CB  . ASN A 1 1   ? -0.123  16.558  16.589  1.00 74.19 ? 7   ASN A CB  1 
ATOM   6    C  CG  . ASN A 1 1   ? -0.088  16.040  18.013  1.00 75.60 ? 7   ASN A CG  1 
ATOM   7    O  OD1 . ASN A 1 1   ? 0.882   15.409  18.432  1.00 75.67 ? 7   ASN A OD1 1 
ATOM   8    N  ND2 . ASN A 1 1   ? -1.149  16.309  18.766  1.00 76.47 ? 7   ASN A ND2 1 
ATOM   9    N  N   . ASN A 1 2   ? 3.203   17.045  17.187  1.00 69.69 ? 8   ASN A N   1 
ATOM   10   C  CA  . ASN A 1 2   ? 4.521   16.416  17.200  1.00 67.42 ? 8   ASN A CA  1 
ATOM   11   C  C   . ASN A 1 2   ? 4.431   14.949  17.620  1.00 65.49 ? 8   ASN A C   1 
ATOM   12   O  O   . ASN A 1 2   ? 5.238   14.121  17.192  1.00 64.78 ? 8   ASN A O   1 
ATOM   13   C  CB  . ASN A 1 2   ? 5.458   17.175  18.145  1.00 69.16 ? 8   ASN A CB  1 
ATOM   14   C  CG  . ASN A 1 2   ? 6.922   16.847  17.905  1.00 70.40 ? 8   ASN A CG  1 
ATOM   15   O  OD1 . ASN A 1 2   ? 7.809   17.404  18.555  1.00 70.58 ? 8   ASN A OD1 1 
ATOM   16   N  ND2 . ASN A 1 2   ? 7.182   15.943  16.967  1.00 69.53 ? 8   ASN A ND2 1 
ATOM   17   N  N   . LYS A 1 3   ? 3.450   14.631  18.457  1.00 61.49 ? 9   LYS A N   1 
ATOM   18   C  CA  . LYS A 1 3   ? 3.261   13.259  18.908  1.00 57.85 ? 9   LYS A CA  1 
ATOM   19   C  C   . LYS A 1 3   ? 2.745   12.403  17.754  1.00 54.51 ? 9   LYS A C   1 
ATOM   20   O  O   . LYS A 1 3   ? 2.954   11.190  17.727  1.00 53.13 ? 9   LYS A O   1 
ATOM   21   C  CB  . LYS A 1 3   ? 2.285   13.216  20.088  1.00 60.33 ? 9   LYS A CB  1 
ATOM   22   C  CG  . LYS A 1 3   ? 2.879   13.761  21.380  1.00 61.09 ? 9   LYS A CG  1 
ATOM   23   C  CD  . LYS A 1 3   ? 1.900   13.710  22.546  1.00 63.31 ? 9   LYS A CD  1 
ATOM   24   C  CE  . LYS A 1 3   ? 0.795   14.747  22.404  1.00 64.32 ? 9   LYS A CE  1 
ATOM   25   N  NZ  . LYS A 1 3   ? -0.060  14.811  23.627  1.00 66.77 ? 9   LYS A NZ  1 
ATOM   26   N  N   . THR A 1 4   ? 2.075   13.045  16.801  1.00 50.05 ? 10  THR A N   1 
ATOM   27   C  CA  . THR A 1 4   ? 1.550   12.347  15.634  1.00 45.86 ? 10  THR A CA  1 
ATOM   28   C  C   . THR A 1 4   ? 2.712   12.009  14.711  1.00 43.07 ? 10  THR A C   1 
ATOM   29   O  O   . THR A 1 4   ? 2.772   10.919  14.149  1.00 42.36 ? 10  THR A O   1 
ATOM   30   C  CB  . THR A 1 4   ? 0.536   13.214  14.862  1.00 46.27 ? 10  THR A CB  1 
ATOM   31   O  OG1 . THR A 1 4   ? -0.634  13.409  15.666  1.00 46.52 ? 10  THR A OG1 1 
ATOM   32   C  CG2 . THR A 1 4   ? 0.140   12.538  13.554  1.00 44.41 ? 10  THR A CG2 1 
ATOM   33   N  N   . LEU A 1 5   ? 3.635   12.954  14.561  1.00 39.94 ? 11  LEU A N   1 
ATOM   34   C  CA  . LEU A 1 5   ? 4.804   12.748  13.720  1.00 38.55 ? 11  LEU A CA  1 
ATOM   35   C  C   . LEU A 1 5   ? 5.636   11.606  14.301  1.00 37.42 ? 11  LEU A C   1 
ATOM   36   O  O   . LEU A 1 5   ? 5.994   10.665  13.595  1.00 36.42 ? 11  LEU A O   1 
ATOM   37   C  CB  . LEU A 1 5   ? 5.644   14.026  13.651  1.00 39.64 ? 11  LEU A CB  1 
ATOM   38   C  CG  . LEU A 1 5   ? 6.917   13.967  12.799  1.00 39.47 ? 11  LEU A CG  1 
ATOM   39   C  CD1 . LEU A 1 5   ? 6.554   13.669  11.356  1.00 38.98 ? 11  LEU A CD1 1 
ATOM   40   C  CD2 . LEU A 1 5   ? 7.668   15.287  12.896  1.00 40.70 ? 11  LEU A CD2 1 
ATOM   41   N  N   . ALA A 1 6   ? 5.933   11.688  15.595  1.00 36.67 ? 12  ALA A N   1 
ATOM   42   C  CA  . ALA A 1 6   ? 6.716   10.649  16.255  1.00 36.59 ? 12  ALA A CA  1 
ATOM   43   C  C   . ALA A 1 6   ? 6.030   9.293   16.106  1.00 34.91 ? 12  ALA A C   1 
ATOM   44   O  O   . ALA A 1 6   ? 6.691   8.273   15.929  1.00 35.21 ? 12  ALA A O   1 
ATOM   45   C  CB  . ALA A 1 6   ? 6.902   10.985  17.733  1.00 39.01 ? 12  ALA A CB  1 
ATOM   46   N  N   . ALA A 1 7   ? 4.704   9.286   16.179  1.00 33.97 ? 13  ALA A N   1 
ATOM   47   C  CA  . ALA A 1 7   ? 3.949   8.045   16.044  1.00 33.68 ? 13  ALA A CA  1 
ATOM   48   C  C   . ALA A 1 7   ? 4.124   7.478   14.636  1.00 33.54 ? 13  ALA A C   1 
ATOM   49   O  O   . ALA A 1 7   ? 4.364   6.282   14.461  1.00 33.32 ? 13  ALA A O   1 
ATOM   50   C  CB  . ALA A 1 7   ? 2.477   8.295   16.328  1.00 33.10 ? 13  ALA A CB  1 
ATOM   51   N  N   . MET A 1 8   ? 4.006   8.344   13.636  1.00 32.80 ? 14  MET A N   1 
ATOM   52   C  CA  . MET A 1 8   ? 4.158   7.927   12.242  1.00 32.39 ? 14  MET A CA  1 
ATOM   53   C  C   . MET A 1 8   ? 5.595   7.436   12.013  1.00 31.02 ? 14  MET A C   1 
ATOM   54   O  O   . MET A 1 8   ? 5.831   6.451   11.305  1.00 30.01 ? 14  MET A O   1 
ATOM   55   C  CB  . MET A 1 8   ? 3.836   9.105   11.317  1.00 33.48 ? 14  MET A CB  1 
ATOM   56   C  CG  . MET A 1 8   ? 3.414   8.701   9.919   1.00 35.75 ? 14  MET A CG  1 
ATOM   57   S  SD  . MET A 1 8   ? 2.020   7.541   9.915   1.00 39.71 ? 14  MET A SD  1 
ATOM   58   C  CE  . MET A 1 8   ? 0.686   8.621   10.421  1.00 35.97 ? 14  MET A CE  1 
ATOM   59   N  N   . LYS A 1 9   ? 6.550   8.134   12.616  1.00 30.59 ? 15  LYS A N   1 
ATOM   60   C  CA  . LYS A 1 9   ? 7.964   7.770   12.518  1.00 31.15 ? 15  LYS A CA  1 
ATOM   61   C  C   . LYS A 1 9   ? 8.136   6.347   13.046  1.00 32.00 ? 15  LYS A C   1 
ATOM   62   O  O   . LYS A 1 9   ? 8.777   5.504   12.410  1.00 30.09 ? 15  LYS A O   1 
ATOM   63   C  CB  . LYS A 1 9   ? 8.804   8.736   13.359  1.00 31.78 ? 15  LYS A CB  1 
ATOM   64   C  CG  . LYS A 1 9   ? 10.289  8.414   13.459  1.00 31.44 ? 15  LYS A CG  1 
ATOM   65   C  CD  . LYS A 1 9   ? 10.960  9.369   14.441  1.00 32.89 ? 15  LYS A CD  1 
ATOM   66   C  CE  . LYS A 1 9   ? 12.475  9.183   14.489  1.00 33.97 ? 15  LYS A CE  1 
ATOM   67   N  NZ  . LYS A 1 9   ? 12.881  7.836   14.968  1.00 31.79 ? 15  LYS A NZ  1 
ATOM   68   N  N   . ASN A 1 10  ? 7.557   6.089   14.217  1.00 30.40 ? 16  ASN A N   1 
ATOM   69   C  CA  . ASN A 1 10  ? 7.643   4.772   14.834  1.00 31.28 ? 16  ASN A CA  1 
ATOM   70   C  C   . ASN A 1 10  ? 6.997   3.717   13.945  1.00 30.30 ? 16  ASN A C   1 
ATOM   71   O  O   . ASN A 1 10  ? 7.533   2.625   13.778  1.00 27.95 ? 16  ASN A O   1 
ATOM   72   C  CB  . ASN A 1 10  ? 6.960   4.783   16.206  1.00 31.53 ? 16  ASN A CB  1 
ATOM   73   C  CG  . ASN A 1 10  ? 6.998   3.426   16.881  1.00 34.35 ? 16  ASN A CG  1 
ATOM   74   O  OD1 . ASN A 1 10  ? 5.960   2.824   17.145  1.00 38.17 ? 16  ASN A OD1 1 
ATOM   75   N  ND2 . ASN A 1 10  ? 8.199   2.932   17.154  1.00 34.70 ? 16  ASN A ND2 1 
ATOM   76   N  N   . PHE A 1 11  ? 5.844   4.052   13.374  1.00 28.94 ? 17  PHE A N   1 
ATOM   77   C  CA  . PHE A 1 11  ? 5.137   3.126   12.496  1.00 29.19 ? 17  PHE A CA  1 
ATOM   78   C  C   . PHE A 1 11  ? 6.003   2.713   11.310  1.00 28.27 ? 17  PHE A C   1 
ATOM   79   O  O   . PHE A 1 11  ? 6.113   1.529   10.992  1.00 28.37 ? 17  PHE A O   1 
ATOM   80   C  CB  . PHE A 1 11  ? 3.850   3.753   11.955  1.00 30.59 ? 17  PHE A CB  1 
ATOM   81   C  CG  . PHE A 1 11  ? 3.421   3.179   10.630  1.00 31.11 ? 17  PHE A CG  1 
ATOM   82   C  CD1 . PHE A 1 11  ? 2.973   1.863   10.539  1.00 31.60 ? 17  PHE A CD1 1 
ATOM   83   C  CD2 . PHE A 1 11  ? 3.571   3.917   9.462   1.00 31.54 ? 17  PHE A CD2 1 
ATOM   84   C  CE1 . PHE A 1 11  ? 2.690   1.288   9.301   1.00 31.57 ? 17  PHE A CE1 1 
ATOM   85   C  CE2 . PHE A 1 11  ? 3.290   3.352   8.214   1.00 31.96 ? 17  PHE A CE2 1 
ATOM   86   C  CZ  . PHE A 1 11  ? 2.852   2.033   8.137   1.00 32.14 ? 17  PHE A CZ  1 
ATOM   87   N  N   . ALA A 1 12  ? 6.603   3.700   10.654  1.00 26.92 ? 18  ALA A N   1 
ATOM   88   C  CA  . ALA A 1 12  ? 7.438   3.453   9.481   1.00 26.82 ? 18  ALA A CA  1 
ATOM   89   C  C   . ALA A 1 12  ? 8.620   2.549   9.800   1.00 27.68 ? 18  ALA A C   1 
ATOM   90   O  O   . ALA A 1 12  ? 8.885   1.583   9.088   1.00 26.86 ? 18  ALA A O   1 
ATOM   91   C  CB  . ALA A 1 12  ? 7.937   4.778   8.910   1.00 26.67 ? 18  ALA A CB  1 
ATOM   92   N  N   . GLU A 1 13  ? 9.329   2.864   10.878  1.00 28.14 ? 19  GLU A N   1 
ATOM   93   C  CA  . GLU A 1 13  ? 10.484  2.074   11.275  1.00 28.90 ? 19  GLU A CA  1 
ATOM   94   C  C   . GLU A 1 13  ? 10.092  0.632   11.585  1.00 29.19 ? 19  GLU A C   1 
ATOM   95   O  O   . GLU A 1 13  ? 10.736  -0.306  11.111  1.00 30.81 ? 19  GLU A O   1 
ATOM   96   C  CB  . GLU A 1 13  ? 11.163  2.733   12.480  1.00 29.31 ? 19  GLU A CB  1 
ATOM   97   C  CG  . GLU A 1 13  ? 11.481  4.199   12.219  1.00 31.97 ? 19  GLU A CG  1 
ATOM   98   C  CD  . GLU A 1 13  ? 12.177  4.884   13.376  1.00 31.91 ? 19  GLU A CD  1 
ATOM   99   O  OE1 . GLU A 1 13  ? 11.786  4.640   14.535  1.00 34.62 ? 19  GLU A OE1 1 
ATOM   100  O  OE2 . GLU A 1 13  ? 13.102  5.684   13.118  1.00 32.28 ? 19  GLU A OE2 1 
ATOM   101  N  N   . GLN A 1 14  ? 9.027   0.452   12.359  1.00 29.61 ? 20  GLN A N   1 
ATOM   102  C  CA  . GLN A 1 14  ? 8.573   -0.887  12.712  1.00 30.72 ? 20  GLN A CA  1 
ATOM   103  C  C   . GLN A 1 14  ? 8.035   -1.669  11.520  1.00 29.98 ? 20  GLN A C   1 
ATOM   104  O  O   . GLN A 1 14  ? 8.264   -2.875  11.414  1.00 28.93 ? 20  GLN A O   1 
ATOM   105  C  CB  . GLN A 1 14  ? 7.510   -0.816  13.812  1.00 33.80 ? 20  GLN A CB  1 
ATOM   106  C  CG  . GLN A 1 14  ? 8.091   -0.520  15.189  1.00 39.43 ? 20  GLN A CG  1 
ATOM   107  C  CD  . GLN A 1 14  ? 7.037   -0.452  16.280  1.00 43.61 ? 20  GLN A CD  1 
ATOM   108  O  OE1 . GLN A 1 14  ? 6.123   -1.276  16.339  1.00 46.93 ? 20  GLN A OE1 1 
ATOM   109  N  NE2 . GLN A 1 14  ? 7.173   0.526   17.166  1.00 46.75 ? 20  GLN A NE2 1 
ATOM   110  N  N   . TYR A 1 15  ? 7.323   -0.994  10.620  1.00 29.14 ? 21  TYR A N   1 
ATOM   111  C  CA  . TYR A 1 15  ? 6.784   -1.686  9.455   1.00 27.91 ? 21  TYR A CA  1 
ATOM   112  C  C   . TYR A 1 15  ? 7.924   -2.122  8.533   1.00 26.37 ? 21  TYR A C   1 
ATOM   113  O  O   . TYR A 1 15  ? 7.888   -3.213  7.955   1.00 27.50 ? 21  TYR A O   1 
ATOM   114  C  CB  . TYR A 1 15  ? 5.818   -0.793  8.675   1.00 27.58 ? 21  TYR A CB  1 
ATOM   115  C  CG  . TYR A 1 15  ? 5.023   -1.574  7.645   1.00 28.25 ? 21  TYR A CG  1 
ATOM   116  C  CD1 . TYR A 1 15  ? 4.077   -2.521  8.045   1.00 27.98 ? 21  TYR A CD1 1 
ATOM   117  C  CD2 . TYR A 1 15  ? 5.250   -1.405  6.276   1.00 26.53 ? 21  TYR A CD2 1 
ATOM   118  C  CE1 . TYR A 1 15  ? 3.372   -3.286  7.104   1.00 29.27 ? 21  TYR A CE1 1 
ATOM   119  C  CE2 . TYR A 1 15  ? 4.556   -2.164  5.332   1.00 27.02 ? 21  TYR A CE2 1 
ATOM   120  C  CZ  . TYR A 1 15  ? 3.621   -3.102  5.754   1.00 28.49 ? 21  TYR A CZ  1 
ATOM   121  O  OH  . TYR A 1 15  ? 2.946   -3.867  4.832   1.00 29.40 ? 21  TYR A OH  1 
ATOM   122  N  N   . ALA A 1 16  ? 8.931   -1.265  8.390   1.00 26.40 ? 22  ALA A N   1 
ATOM   123  C  CA  . ALA A 1 16  ? 10.074  -1.588  7.543   1.00 25.63 ? 22  ALA A CA  1 
ATOM   124  C  C   . ALA A 1 16  ? 10.740  -2.856  8.072   1.00 26.00 ? 22  ALA A C   1 
ATOM   125  O  O   . ALA A 1 16  ? 11.015  -3.793  7.321   1.00 25.56 ? 22  ALA A O   1 
ATOM   126  C  CB  . ALA A 1 16  ? 11.069  -0.439  7.543   1.00 27.37 ? 22  ALA A CB  1 
ATOM   127  N  N   . LYS A 1 17  ? 10.980  -2.887  9.376   1.00 27.85 ? 23  LYS A N   1 
ATOM   128  C  CA  . LYS A 1 17  ? 11.620  -4.043  9.996   1.00 28.74 ? 23  LYS A CA  1 
ATOM   129  C  C   . LYS A 1 17  ? 10.775  -5.301  9.841   1.00 28.73 ? 23  LYS A C   1 
ATOM   130  O  O   . LYS A 1 17  ? 11.286  -6.372  9.528   1.00 29.56 ? 23  LYS A O   1 
ATOM   131  C  CB  . LYS A 1 17  ? 11.886  -3.748  11.474  1.00 28.38 ? 23  LYS A CB  1 
ATOM   132  C  CG  . LYS A 1 17  ? 12.781  -2.538  11.669  1.00 30.87 ? 23  LYS A CG  1 
ATOM   133  C  CD  . LYS A 1 17  ? 13.114  -2.267  13.127  1.00 33.06 ? 23  LYS A CD  1 
ATOM   134  C  CE  . LYS A 1 17  ? 13.919  -0.975  13.247  1.00 33.11 ? 23  LYS A CE  1 
ATOM   135  N  NZ  . LYS A 1 17  ? 14.394  -0.729  14.639  1.00 36.70 ? 23  LYS A NZ  1 
ATOM   136  N  N   . ARG A 1 18  ? 9.471   -5.157  10.041  1.00 31.39 ? 24  ARG A N   1 
ATOM   137  C  CA  . ARG A 1 18  ? 8.544   -6.273  9.931   1.00 32.81 ? 24  ARG A CA  1 
ATOM   138  C  C   . ARG A 1 18  ? 8.488   -6.869  8.527   1.00 30.99 ? 24  ARG A C   1 
ATOM   139  O  O   . ARG A 1 18  ? 8.387   -8.081  8.365   1.00 30.99 ? 24  ARG A O   1 
ATOM   140  C  CB  . ARG A 1 18  ? 7.141   -5.813  10.336  1.00 37.07 ? 24  ARG A CB  1 
ATOM   141  C  CG  . ARG A 1 18  ? 6.083   -6.901  10.291  1.00 45.47 ? 24  ARG A CG  1 
ATOM   142  C  CD  . ARG A 1 18  ? 4.698   -6.314  10.529  1.00 53.02 ? 24  ARG A CD  1 
ATOM   143  N  NE  . ARG A 1 18  ? 3.665   -7.344  10.621  1.00 61.35 ? 24  ARG A NE  1 
ATOM   144  C  CZ  . ARG A 1 18  ? 3.565   -8.217  11.618  1.00 65.48 ? 24  ARG A CZ  1 
ATOM   145  N  NH1 . ARG A 1 18  ? 4.437   -8.191  12.620  1.00 68.09 ? 24  ARG A NH1 1 
ATOM   146  N  NH2 . ARG A 1 18  ? 2.587   -9.116  11.620  1.00 68.08 ? 24  ARG A NH2 1 
ATOM   147  N  N   . THR A 1 19  ? 8.558   -6.014  7.514   1.00 29.89 ? 25  THR A N   1 
ATOM   148  C  CA  . THR A 1 19  ? 8.472   -6.455  6.122   1.00 29.99 ? 25  THR A CA  1 
ATOM   149  C  C   . THR A 1 19  ? 9.825   -6.619  5.443   1.00 30.91 ? 25  THR A C   1 
ATOM   150  O  O   . THR A 1 19  ? 9.897   -6.854  4.233   1.00 31.39 ? 25  THR A O   1 
ATOM   151  C  CB  . THR A 1 19  ? 7.660   -5.453  5.294   1.00 30.67 ? 25  THR A CB  1 
ATOM   152  O  OG1 . THR A 1 19  ? 8.321   -4.183  5.321   1.00 30.52 ? 25  THR A OG1 1 
ATOM   153  C  CG2 . THR A 1 19  ? 6.254   -5.297  5.865   1.00 30.37 ? 25  THR A CG2 1 
ATOM   154  N  N   . ASP A 1 20  ? 10.896  -6.490  6.213   1.00 31.33 ? 26  ASP A N   1 
ATOM   155  C  CA  . ASP A 1 20  ? 12.241  -6.600  5.670   1.00 30.43 ? 26  ASP A CA  1 
ATOM   156  C  C   . ASP A 1 20  ? 12.465  -5.619  4.515   1.00 31.00 ? 26  ASP A C   1 
ATOM   157  O  O   . ASP A 1 20  ? 13.026  -5.978  3.475   1.00 26.92 ? 26  ASP A O   1 
ATOM   158  C  CB  . ASP A 1 20  ? 12.519  -8.026  5.193   1.00 35.72 ? 26  ASP A CB  1 
ATOM   159  C  CG  . ASP A 1 20  ? 13.911  -8.180  4.617   1.00 38.61 ? 26  ASP A CG  1 
ATOM   160  O  OD1 . ASP A 1 20  ? 14.886  -7.797  5.302   1.00 42.71 ? 26  ASP A OD1 1 
ATOM   161  O  OD2 . ASP A 1 20  ? 14.032  -8.677  3.476   1.00 43.63 ? 26  ASP A OD2 1 
ATOM   162  N  N   . THR A 1 21  ? 12.000  -4.386  4.690   1.00 28.34 ? 27  THR A N   1 
ATOM   163  C  CA  . THR A 1 21  ? 12.203  -3.371  3.675   1.00 28.52 ? 27  THR A CA  1 
ATOM   164  C  C   . THR A 1 21  ? 13.055  -2.269  4.282   1.00 28.39 ? 27  THR A C   1 
ATOM   165  O  O   . THR A 1 21  ? 13.254  -2.224  5.504   1.00 27.51 ? 27  THR A O   1 
ATOM   166  C  CB  . THR A 1 21  ? 10.870  -2.805  3.136   1.00 27.73 ? 27  THR A CB  1 
ATOM   167  O  OG1 . THR A 1 21  ? 10.066  -2.322  4.216   1.00 27.10 ? 27  THR A OG1 1 
ATOM   168  C  CG2 . THR A 1 21  ? 10.115  -3.889  2.380   1.00 28.90 ? 27  THR A CG2 1 
ATOM   169  N  N   . TYR A 1 22  ? 13.559  -1.385  3.432   1.00 27.17 ? 28  TYR A N   1 
ATOM   170  C  CA  . TYR A 1 22  ? 14.445  -0.325  3.883   1.00 29.00 ? 28  TYR A CA  1 
ATOM   171  C  C   . TYR A 1 22  ? 14.090  1.056   3.367   1.00 29.58 ? 28  TYR A C   1 
ATOM   172  O  O   . TYR A 1 22  ? 13.423  1.193   2.337   1.00 29.13 ? 28  TYR A O   1 
ATOM   173  C  CB  . TYR A 1 22  ? 15.869  -0.677  3.464   1.00 32.65 ? 28  TYR A CB  1 
ATOM   174  C  CG  . TYR A 1 22  ? 16.361  -1.957  4.093   1.00 34.68 ? 28  TYR A CG  1 
ATOM   175  C  CD1 . TYR A 1 22  ? 17.135  -1.930  5.249   1.00 36.00 ? 28  TYR A CD1 1 
ATOM   176  C  CD2 . TYR A 1 22  ? 15.997  -3.200  3.570   1.00 34.94 ? 28  TYR A CD2 1 
ATOM   177  C  CE1 . TYR A 1 22  ? 17.536  -3.107  5.876   1.00 38.52 ? 28  TYR A CE1 1 
ATOM   178  C  CE2 . TYR A 1 22  ? 16.392  -4.386  4.189   1.00 37.11 ? 28  TYR A CE2 1 
ATOM   179  C  CZ  . TYR A 1 22  ? 17.159  -4.331  5.342   1.00 38.31 ? 28  TYR A CZ  1 
ATOM   180  O  OH  . TYR A 1 22  ? 17.545  -5.493  5.973   1.00 39.65 ? 28  TYR A OH  1 
ATOM   181  N  N   . PHE A 1 23  ? 14.543  2.079   4.090   1.00 27.69 ? 29  PHE A N   1 
ATOM   182  C  CA  . PHE A 1 23  ? 14.289  3.457   3.698   1.00 27.12 ? 29  PHE A CA  1 
ATOM   183  C  C   . PHE A 1 23  ? 15.203  3.833   2.552   1.00 28.83 ? 29  PHE A C   1 
ATOM   184  O  O   . PHE A 1 23  ? 16.233  3.201   2.331   1.00 26.51 ? 29  PHE A O   1 
ATOM   185  C  CB  . PHE A 1 23  ? 14.554  4.425   4.852   1.00 26.43 ? 29  PHE A CB  1 
ATOM   186  C  CG  . PHE A 1 23  ? 13.625  4.257   6.012   1.00 27.77 ? 29  PHE A CG  1 
ATOM   187  C  CD1 . PHE A 1 23  ? 12.367  3.693   5.835   1.00 26.24 ? 29  PHE A CD1 1 
ATOM   188  C  CD2 . PHE A 1 23  ? 13.990  4.701   7.280   1.00 27.33 ? 29  PHE A CD2 1 
ATOM   189  C  CE1 . PHE A 1 23  ? 11.483  3.573   6.906   1.00 26.15 ? 29  PHE A CE1 1 
ATOM   190  C  CE2 . PHE A 1 23  ? 13.110  4.586   8.355   1.00 28.14 ? 29  PHE A CE2 1 
ATOM   191  C  CZ  . PHE A 1 23  ? 11.857  4.022   8.166   1.00 25.90 ? 29  PHE A CZ  1 
ATOM   192  N  N   . CYS A 1 24  ? 14.809  4.872   1.831   1.00 30.36 ? 30  CYS A N   1 
ATOM   193  C  CA  . CYS A 1 24  ? 15.582  5.380   0.712   1.00 33.12 ? 30  CYS A CA  1 
ATOM   194  C  C   . CYS A 1 24  ? 16.963  5.788   1.226   1.00 34.17 ? 30  CYS A C   1 
ATOM   195  O  O   . CYS A 1 24  ? 17.087  6.283   2.346   1.00 35.53 ? 30  CYS A O   1 
ATOM   196  C  CB  . CYS A 1 24  ? 14.863  6.597   0.123   1.00 33.74 ? 30  CYS A CB  1 
ATOM   197  S  SG  . CYS A 1 24  ? 15.643  7.326   -1.329  1.00 35.63 ? 30  CYS A SG  1 
ATOM   198  N  N   . SER A 1 25  ? 17.998  5.576   0.419   1.00 35.31 ? 31  SER A N   1 
ATOM   199  C  CA  . SER A 1 25  ? 19.348  5.953   0.826   1.00 36.28 ? 31  SER A CA  1 
ATOM   200  C  C   . SER A 1 25  ? 19.354  7.453   1.121   1.00 37.54 ? 31  SER A C   1 
ATOM   201  O  O   . SER A 1 25  ? 20.141  7.939   1.937   1.00 37.78 ? 31  SER A O   1 
ATOM   202  C  CB  . SER A 1 25  ? 20.350  5.624   -0.284  1.00 37.69 ? 31  SER A CB  1 
ATOM   203  O  OG  . SER A 1 25  ? 19.988  6.259   -1.497  1.00 41.32 ? 31  SER A OG  1 
ATOM   204  N  N   . ASP A 1 26  ? 18.465  8.178   0.449   1.00 37.50 ? 32  ASP A N   1 
ATOM   205  C  CA  . ASP A 1 26  ? 18.327  9.618   0.656   1.00 38.57 ? 32  ASP A CA  1 
ATOM   206  C  C   . ASP A 1 26  ? 17.159  9.775   1.631   1.00 37.38 ? 32  ASP A C   1 
ATOM   207  O  O   . ASP A 1 26  ? 15.998  9.815   1.217   1.00 37.00 ? 32  ASP A O   1 
ATOM   208  C  CB  . ASP A 1 26  ? 17.991  10.316  -0.665  1.00 40.49 ? 32  ASP A CB  1 
ATOM   209  C  CG  . ASP A 1 26  ? 18.006  11.830  -0.547  1.00 42.94 ? 32  ASP A CG  1 
ATOM   210  O  OD1 . ASP A 1 26  ? 17.971  12.349  0.590   1.00 42.11 ? 32  ASP A OD1 1 
ATOM   211  O  OD2 . ASP A 1 26  ? 18.047  12.503  -1.600  1.00 43.18 ? 32  ASP A OD2 1 
ATOM   212  N  N   . LEU A 1 27  ? 17.467  9.856   2.925   1.00 36.35 ? 33  LEU A N   1 
ATOM   213  C  CA  . LEU A 1 27  ? 16.431  9.975   3.945   1.00 34.78 ? 33  LEU A CA  1 
ATOM   214  C  C   . LEU A 1 27  ? 15.563  11.227  3.857   1.00 35.80 ? 33  LEU A C   1 
ATOM   215  O  O   . LEU A 1 27  ? 14.551  11.324  4.553   1.00 34.72 ? 33  LEU A O   1 
ATOM   216  C  CB  . LEU A 1 27  ? 17.053  9.870   5.341   1.00 36.01 ? 33  LEU A CB  1 
ATOM   217  C  CG  . LEU A 1 27  ? 17.583  8.469   5.678   1.00 35.86 ? 33  LEU A CG  1 
ATOM   218  C  CD1 . LEU A 1 27  ? 18.270  8.485   7.036   1.00 36.98 ? 33  LEU A CD1 1 
ATOM   219  C  CD2 . LEU A 1 27  ? 16.430  7.467   5.673   1.00 34.74 ? 33  LEU A CD2 1 
ATOM   220  N  N   . SER A 1 28  ? 15.946  12.181  3.012   1.00 34.90 ? 34  SER A N   1 
ATOM   221  C  CA  . SER A 1 28  ? 15.143  13.392  2.855   1.00 35.07 ? 34  SER A CA  1 
ATOM   222  C  C   . SER A 1 28  ? 13.833  12.989  2.186   1.00 35.35 ? 34  SER A C   1 
ATOM   223  O  O   . SER A 1 28  ? 12.791  13.598  2.423   1.00 34.40 ? 34  SER A O   1 
ATOM   224  C  CB  . SER A 1 28  ? 15.883  14.439  2.010   1.00 36.36 ? 34  SER A CB  1 
ATOM   225  O  OG  . SER A 1 28  ? 16.087  13.988  0.685   1.00 39.35 ? 34  SER A OG  1 
ATOM   226  N  N   . VAL A 1 29  ? 13.891  11.957  1.347   1.00 33.76 ? 35  VAL A N   1 
ATOM   227  C  CA  . VAL A 1 29  ? 12.697  11.452  0.676   1.00 31.80 ? 35  VAL A CA  1 
ATOM   228  C  C   . VAL A 1 29  ? 11.826  10.809  1.753   1.00 31.95 ? 35  VAL A C   1 
ATOM   229  O  O   . VAL A 1 29  ? 10.636  11.099  1.870   1.00 31.04 ? 35  VAL A O   1 
ATOM   230  C  CB  . VAL A 1 29  ? 13.049  10.377  -0.375  1.00 33.69 ? 35  VAL A CB  1 
ATOM   231  C  CG1 . VAL A 1 29  ? 11.776  9.796   -0.972  1.00 33.33 ? 35  VAL A CG1 1 
ATOM   232  C  CG2 . VAL A 1 29  ? 13.924  10.981  -1.463  1.00 32.35 ? 35  VAL A CG2 1 
ATOM   233  N  N   . THR A 1 30  ? 12.443  9.937   2.542   1.00 30.67 ? 36  THR A N   1 
ATOM   234  C  CA  . THR A 1 30  ? 11.755  9.244   3.628   1.00 30.49 ? 36  THR A CA  1 
ATOM   235  C  C   . THR A 1 30  ? 11.062  10.256  4.541   1.00 31.36 ? 36  THR A C   1 
ATOM   236  O  O   . THR A 1 30  ? 9.877   10.118  4.867   1.00 29.16 ? 36  THR A O   1 
ATOM   237  C  CB  . THR A 1 30  ? 12.759  8.424   4.461   1.00 30.41 ? 36  THR A CB  1 
ATOM   238  O  OG1 . THR A 1 30  ? 13.530  7.594   3.588   1.00 29.12 ? 36  THR A OG1 1 
ATOM   239  C  CG2 . THR A 1 30  ? 12.034  7.553   5.471   1.00 29.92 ? 36  THR A CG2 1 
ATOM   240  N  N   . ALA A 1 31  ? 11.806  11.285  4.935   1.00 31.82 ? 37  ALA A N   1 
ATOM   241  C  CA  . ALA A 1 31  ? 11.271  12.324  5.810   1.00 32.05 ? 37  ALA A CA  1 
ATOM   242  C  C   . ALA A 1 31  ? 10.034  12.999  5.223   1.00 32.16 ? 37  ALA A C   1 
ATOM   243  O  O   . ALA A 1 31  ? 9.053   13.229  5.925   1.00 32.10 ? 37  ALA A O   1 
ATOM   244  C  CB  . ALA A 1 31  ? 12.350  13.363  6.090   1.00 31.90 ? 37  ALA A CB  1 
ATOM   245  N  N   . VAL A 1 32  ? 10.084  13.320  3.934   1.00 31.54 ? 38  VAL A N   1 
ATOM   246  C  CA  . VAL A 1 32  ? 8.957   13.972  3.275   1.00 31.06 ? 38  VAL A CA  1 
ATOM   247  C  C   . VAL A 1 32  ? 7.704   13.097  3.299   1.00 29.83 ? 38  VAL A C   1 
ATOM   248  O  O   . VAL A 1 32  ? 6.604   13.583  3.564   1.00 29.90 ? 38  VAL A O   1 
ATOM   249  C  CB  . VAL A 1 32  ? 9.305   14.337  1.812   1.00 31.72 ? 38  VAL A CB  1 
ATOM   250  C  CG1 . VAL A 1 32  ? 8.066   14.841  1.080   1.00 32.70 ? 38  VAL A CG1 1 
ATOM   251  C  CG2 . VAL A 1 32  ? 10.389  15.409  1.798   1.00 32.70 ? 38  VAL A CG2 1 
ATOM   252  N  N   . VAL A 1 33  ? 7.859   11.807  3.036   1.00 29.74 ? 39  VAL A N   1 
ATOM   253  C  CA  . VAL A 1 33  ? 6.702   10.920  3.045   1.00 28.79 ? 39  VAL A CA  1 
ATOM   254  C  C   . VAL A 1 33  ? 6.108   10.770  4.447   1.00 29.74 ? 39  VAL A C   1 
ATOM   255  O  O   . VAL A 1 33  ? 4.891   10.852  4.624   1.00 29.81 ? 39  VAL A O   1 
ATOM   256  C  CB  . VAL A 1 33  ? 7.064   9.520   2.502   1.00 29.62 ? 39  VAL A CB  1 
ATOM   257  C  CG1 . VAL A 1 33  ? 5.853   8.599   2.587   1.00 27.30 ? 39  VAL A CG1 1 
ATOM   258  C  CG2 . VAL A 1 33  ? 7.547   9.633   1.056   1.00 30.73 ? 39  VAL A CG2 1 
ATOM   259  N  N   . ILE A 1 34  ? 6.964   10.542  5.436   1.00 30.57 ? 40  ILE A N   1 
ATOM   260  C  CA  . ILE A 1 34  ? 6.511   10.371  6.811   1.00 29.88 ? 40  ILE A CA  1 
ATOM   261  C  C   . ILE A 1 34  ? 5.744   11.601  7.297   1.00 31.92 ? 40  ILE A C   1 
ATOM   262  O  O   . ILE A 1 34  ? 4.672   11.477  7.898   1.00 29.41 ? 40  ILE A O   1 
ATOM   263  C  CB  . ILE A 1 34  ? 7.708   10.067  7.748   1.00 28.39 ? 40  ILE A CB  1 
ATOM   264  C  CG1 . ILE A 1 34  ? 8.242   8.655   7.449   1.00 28.41 ? 40  ILE A CG1 1 
ATOM   265  C  CG2 . ILE A 1 34  ? 7.286   10.181  9.202   1.00 30.28 ? 40  ILE A CG2 1 
ATOM   266  C  CD1 . ILE A 1 34  ? 9.515   8.296   8.196   1.00 29.67 ? 40  ILE A CD1 1 
ATOM   267  N  N   . GLU A 1 35  ? 6.278   12.787  7.028   1.00 35.11 ? 41  GLU A N   1 
ATOM   268  C  CA  . GLU A 1 35  ? 5.596   14.004  7.446   1.00 38.77 ? 41  GLU A CA  1 
ATOM   269  C  C   . GLU A 1 35  ? 4.254   14.107  6.727   1.00 37.57 ? 41  GLU A C   1 
ATOM   270  O  O   . GLU A 1 35  ? 3.245   14.490  7.325   1.00 37.38 ? 41  GLU A O   1 
ATOM   271  C  CB  . GLU A 1 35  ? 6.449   15.234  7.139   1.00 45.81 ? 41  GLU A CB  1 
ATOM   272  C  CG  . GLU A 1 35  ? 5.824   16.524  7.641   1.00 55.23 ? 41  GLU A CG  1 
ATOM   273  C  CD  . GLU A 1 35  ? 6.760   17.705  7.543   1.00 60.36 ? 41  GLU A CD  1 
ATOM   274  O  OE1 . GLU A 1 35  ? 7.885   17.613  8.081   1.00 63.90 ? 41  GLU A OE1 1 
ATOM   275  O  OE2 . GLU A 1 35  ? 6.369   18.724  6.933   1.00 64.14 ? 41  GLU A OE2 1 
ATOM   276  N  N   . GLY A 1 36  ? 4.246   13.759  5.441   1.00 35.55 ? 42  GLY A N   1 
ATOM   277  C  CA  . GLY A 1 36  ? 3.015   13.802  4.671   1.00 33.93 ? 42  GLY A CA  1 
ATOM   278  C  C   . GLY A 1 36  ? 1.977   12.870  5.269   1.00 32.92 ? 42  GLY A C   1 
ATOM   279  O  O   . GLY A 1 36  ? 0.801   13.222  5.382   1.00 32.78 ? 42  GLY A O   1 
ATOM   280  N  N   . LEU A 1 37  ? 2.409   11.673  5.653   1.00 30.82 ? 43  LEU A N   1 
ATOM   281  C  CA  . LEU A 1 37  ? 1.505   10.701  6.257   1.00 31.09 ? 43  LEU A CA  1 
ATOM   282  C  C   . LEU A 1 37  ? 0.921   11.267  7.549   1.00 31.20 ? 43  LEU A C   1 
ATOM   283  O  O   . LEU A 1 37  ? -0.284  11.188  7.790   1.00 31.73 ? 43  LEU A O   1 
ATOM   284  C  CB  . LEU A 1 37  ? 2.252   9.395   6.559   1.00 30.25 ? 43  LEU A CB  1 
ATOM   285  C  CG  . LEU A 1 37  ? 2.522   8.480   5.359   1.00 30.90 ? 43  LEU A CG  1 
ATOM   286  C  CD1 . LEU A 1 37  ? 3.484   7.363   5.751   1.00 29.29 ? 43  LEU A CD1 1 
ATOM   287  C  CD2 . LEU A 1 37  ? 1.206   7.903   4.868   1.00 27.53 ? 43  LEU A CD2 1 
ATOM   288  N  N   . ALA A 1 38  ? 1.794   11.836  8.370   1.00 32.42 ? 44  ALA A N   1 
ATOM   289  C  CA  . ALA A 1 38  ? 1.396   12.420  9.643   1.00 33.43 ? 44  ALA A CA  1 
ATOM   290  C  C   . ALA A 1 38  ? 0.354   13.520  9.435   1.00 34.60 ? 44  ALA A C   1 
ATOM   291  O  O   . ALA A 1 38  ? -0.645  13.583  10.154  1.00 34.60 ? 44  ALA A O   1 
ATOM   292  C  CB  . ALA A 1 38  ? 2.630   12.978  10.355  1.00 35.00 ? 44  ALA A CB  1 
ATOM   293  N  N   . ARG A 1 39  ? 0.585   14.374  8.443   1.00 35.53 ? 45  ARG A N   1 
ATOM   294  C  CA  . ARG A 1 39  ? -0.335  15.470  8.154   1.00 37.69 ? 45  ARG A CA  1 
ATOM   295  C  C   . ARG A 1 39  ? -1.712  14.936  7.778   1.00 37.21 ? 45  ARG A C   1 
ATOM   296  O  O   . ARG A 1 39  ? -2.727  15.428  8.267   1.00 34.44 ? 45  ARG A O   1 
ATOM   297  C  CB  . ARG A 1 39  ? 0.218   16.347  7.027   1.00 42.45 ? 45  ARG A CB  1 
ATOM   298  C  CG  . ARG A 1 39  ? -0.385  17.742  6.989   1.00 49.63 ? 45  ARG A CG  1 
ATOM   299  C  CD  . ARG A 1 39  ? 0.413   18.669  6.081   1.00 56.61 ? 45  ARG A CD  1 
ATOM   300  N  NE  . ARG A 1 39  ? 0.013   20.066  6.241   1.00 63.38 ? 45  ARG A NE  1 
ATOM   301  C  CZ  . ARG A 1 39  ? 0.591   21.088  5.616   1.00 67.11 ? 45  ARG A CZ  1 
ATOM   302  N  NH1 . ARG A 1 39  ? 1.601   20.874  4.781   1.00 69.58 ? 45  ARG A NH1 1 
ATOM   303  N  NH2 . ARG A 1 39  ? 0.161   22.328  5.824   1.00 68.94 ? 45  ARG A NH2 1 
ATOM   304  N  N   . HIS A 1 40  ? -1.752  13.926  6.915   1.00 35.24 ? 46  HIS A N   1 
ATOM   305  C  CA  . HIS A 1 40  ? -3.024  13.345  6.514   1.00 36.11 ? 46  HIS A CA  1 
ATOM   306  C  C   . HIS A 1 40  ? -3.732  12.693  7.691   1.00 35.48 ? 46  HIS A C   1 
ATOM   307  O  O   . HIS A 1 40  ? -4.956  12.756  7.794   1.00 35.02 ? 46  HIS A O   1 
ATOM   308  C  CB  . HIS A 1 40  ? -2.824  12.311  5.401   1.00 37.51 ? 46  HIS A CB  1 
ATOM   309  C  CG  . HIS A 1 40  ? -2.903  12.886  4.021   1.00 39.50 ? 46  HIS A CG  1 
ATOM   310  N  ND1 . HIS A 1 40  ? -2.669  12.138  2.888   1.00 38.87 ? 46  HIS A ND1 1 
ATOM   311  C  CD2 . HIS A 1 40  ? -3.205  14.135  3.591   1.00 39.77 ? 46  HIS A CD2 1 
ATOM   312  C  CE1 . HIS A 1 40  ? -2.821  12.900  1.819   1.00 40.07 ? 46  HIS A CE1 1 
ATOM   313  N  NE2 . HIS A 1 40  ? -3.146  14.116  2.218   1.00 40.01 ? 46  HIS A NE2 1 
ATOM   314  N  N   . LYS A 1 41  ? -2.970  12.065  8.578   1.00 35.62 ? 47  LYS A N   1 
ATOM   315  C  CA  . LYS A 1 41  ? -3.584  11.423  9.731   1.00 37.30 ? 47  LYS A CA  1 
ATOM   316  C  C   . LYS A 1 41  ? -4.225  12.481  10.626  1.00 38.81 ? 47  LYS A C   1 
ATOM   317  O  O   . LYS A 1 41  ? -5.295  12.264  11.193  1.00 37.76 ? 47  LYS A O   1 
ATOM   318  C  CB  . LYS A 1 41  ? -2.552  10.623  10.527  1.00 39.96 ? 47  LYS A CB  1 
ATOM   319  C  CG  . LYS A 1 41  ? -3.162  9.927   11.733  1.00 40.21 ? 47  LYS A CG  1 
ATOM   320  C  CD  . LYS A 1 41  ? -2.239  8.895   12.336  1.00 42.68 ? 47  LYS A CD  1 
ATOM   321  C  CE  . LYS A 1 41  ? -2.876  8.272   13.573  1.00 43.35 ? 47  LYS A CE  1 
ATOM   322  N  NZ  . LYS A 1 41  ? -4.221  7.700   13.276  1.00 45.53 ? 47  LYS A NZ  1 
ATOM   323  N  N   . GLU A 1 42  ? -3.571  13.631  10.734  1.00 40.15 ? 48  GLU A N   1 
ATOM   324  C  CA  . GLU A 1 42  ? -4.078  14.728  11.551  1.00 43.43 ? 48  GLU A CA  1 
ATOM   325  C  C   . GLU A 1 42  ? -5.342  15.357  10.962  1.00 44.15 ? 48  GLU A C   1 
ATOM   326  O  O   . GLU A 1 42  ? -6.261  15.719  11.697  1.00 42.30 ? 48  GLU A O   1 
ATOM   327  C  CB  . GLU A 1 42  ? -3.001  15.807  11.704  1.00 46.29 ? 48  GLU A CB  1 
ATOM   328  C  CG  . GLU A 1 42  ? -1.761  15.352  12.458  1.00 50.59 ? 48  GLU A CG  1 
ATOM   329  C  CD  . GLU A 1 42  ? -0.644  16.378  12.425  1.00 52.93 ? 48  GLU A CD  1 
ATOM   330  O  OE1 . GLU A 1 42  ? -0.889  17.535  12.830  1.00 56.06 ? 48  GLU A OE1 1 
ATOM   331  O  OE2 . GLU A 1 42  ? 0.480   16.029  11.998  1.00 53.93 ? 48  GLU A OE2 1 
ATOM   332  N  N   . GLU A 1 43  ? -5.387  15.474  9.637   1.00 44.76 ? 49  GLU A N   1 
ATOM   333  C  CA  . GLU A 1 43  ? -6.525  16.086  8.950   1.00 45.31 ? 49  GLU A CA  1 
ATOM   334  C  C   . GLU A 1 43  ? -7.669  15.140  8.609   1.00 44.86 ? 49  GLU A C   1 
ATOM   335  O  O   . GLU A 1 43  ? -8.840  15.475  8.793   1.00 44.73 ? 49  GLU A O   1 
ATOM   336  C  CB  . GLU A 1 43  ? -6.057  16.745  7.655   1.00 48.75 ? 49  GLU A CB  1 
ATOM   337  C  CG  . GLU A 1 43  ? -4.762  17.516  7.774   1.00 53.29 ? 49  GLU A CG  1 
ATOM   338  C  CD  . GLU A 1 43  ? -4.270  18.018  6.431   1.00 55.87 ? 49  GLU A CD  1 
ATOM   339  O  OE1 . GLU A 1 43  ? -4.171  17.199  5.489   1.00 56.53 ? 49  GLU A OE1 1 
ATOM   340  O  OE2 . GLU A 1 43  ? -3.978  19.228  6.319   1.00 57.93 ? 49  GLU A OE2 1 
ATOM   341  N  N   . LEU A 1 44  ? -7.333  13.960  8.101   1.00 42.45 ? 50  LEU A N   1 
ATOM   342  C  CA  . LEU A 1 44  ? -8.345  12.991  7.695   1.00 41.50 ? 50  LEU A CA  1 
ATOM   343  C  C   . LEU A 1 44  ? -8.649  11.925  8.742   1.00 40.52 ? 50  LEU A C   1 
ATOM   344  O  O   . LEU A 1 44  ? -9.695  11.277  8.689   1.00 39.41 ? 50  LEU A O   1 
ATOM   345  C  CB  . LEU A 1 44  ? -7.907  12.304  6.396   1.00 42.19 ? 50  LEU A CB  1 
ATOM   346  C  CG  . LEU A 1 44  ? -7.559  13.171  5.181   1.00 44.38 ? 50  LEU A CG  1 
ATOM   347  C  CD1 . LEU A 1 44  ? -6.352  14.049  5.470   1.00 46.14 ? 50  LEU A CD1 1 
ATOM   348  C  CD2 . LEU A 1 44  ? -7.269  12.269  3.998   1.00 43.76 ? 50  LEU A CD2 1 
ATOM   349  N  N   . GLY A 1 45  ? -7.731  11.737  9.684   1.00 39.66 ? 51  GLY A N   1 
ATOM   350  C  CA  . GLY A 1 45  ? -7.933  10.722  10.702  1.00 39.23 ? 51  GLY A CA  1 
ATOM   351  C  C   . GLY A 1 45  ? -7.206  9.434   10.354  1.00 38.79 ? 51  GLY A C   1 
ATOM   352  O  O   . GLY A 1 45  ? -7.032  8.560   11.203  1.00 38.80 ? 51  GLY A O   1 
ATOM   353  N  N   . SER A 1 46  ? -6.787  9.312   9.098   1.00 36.29 ? 52  SER A N   1 
ATOM   354  C  CA  . SER A 1 46  ? -6.061  8.133   8.631   1.00 34.56 ? 52  SER A CA  1 
ATOM   355  C  C   . SER A 1 46  ? -4.842  8.575   7.832   1.00 33.37 ? 52  SER A C   1 
ATOM   356  O  O   . SER A 1 46  ? -4.839  9.655   7.235   1.00 30.45 ? 52  SER A O   1 
ATOM   357  C  CB  . SER A 1 46  ? -6.959  7.258   7.755   1.00 34.00 ? 52  SER A CB  1 
ATOM   358  O  OG  . SER A 1 46  ? -7.987  6.647   8.517   1.00 37.02 ? 52  SER A OG  1 
ATOM   359  N  N   . PRO A 1 47  ? -3.782  7.747   7.816   1.00 33.43 ? 53  PRO A N   1 
ATOM   360  C  CA  . PRO A 1 47  ? -2.561  8.078   7.077   1.00 33.08 ? 53  PRO A CA  1 
ATOM   361  C  C   . PRO A 1 47  ? -2.695  7.843   5.571   1.00 33.22 ? 53  PRO A C   1 
ATOM   362  O  O   . PRO A 1 47  ? -2.006  6.997   4.997   1.00 31.63 ? 53  PRO A O   1 
ATOM   363  C  CB  . PRO A 1 47  ? -1.516  7.167   7.721   1.00 33.46 ? 53  PRO A CB  1 
ATOM   364  C  CG  . PRO A 1 47  ? -2.305  5.951   8.048   1.00 33.82 ? 53  PRO A CG  1 
ATOM   365  C  CD  . PRO A 1 47  ? -3.593  6.523   8.618   1.00 34.19 ? 53  PRO A CD  1 
ATOM   366  N  N   . LEU A 1 48  ? -3.591  8.589   4.935   1.00 32.18 ? 54  LEU A N   1 
ATOM   367  C  CA  . LEU A 1 48  ? -3.798  8.453   3.500   1.00 30.71 ? 54  LEU A CA  1 
ATOM   368  C  C   . LEU A 1 48  ? -2.482  8.715   2.779   1.00 29.92 ? 54  LEU A C   1 
ATOM   369  O  O   . LEU A 1 48  ? -1.764  9.656   3.112   1.00 28.43 ? 54  LEU A O   1 
ATOM   370  C  CB  . LEU A 1 48  ? -4.856  9.447   3.027   1.00 33.28 ? 54  LEU A CB  1 
ATOM   371  C  CG  . LEU A 1 48  ? -5.258  9.388   1.551   1.00 33.13 ? 54  LEU A CG  1 
ATOM   372  C  CD1 . LEU A 1 48  ? -5.770  7.997   1.209   1.00 32.79 ? 54  LEU A CD1 1 
ATOM   373  C  CD2 . LEU A 1 48  ? -6.339  10.432  1.280   1.00 35.95 ? 54  LEU A CD2 1 
ATOM   374  N  N   . CYS A 1 49  ? -2.157  7.885   1.790   1.00 29.67 ? 55  CYS A N   1 
ATOM   375  C  CA  . CYS A 1 49  ? -0.913  8.077   1.050   1.00 31.08 ? 55  CYS A CA  1 
ATOM   376  C  C   . CYS A 1 49  ? -0.789  9.535   0.607   1.00 32.38 ? 55  CYS A C   1 
ATOM   377  O  O   . CYS A 1 49  ? -1.706  10.083  -0.006  1.00 34.22 ? 55  CYS A O   1 
ATOM   378  C  CB  . CYS A 1 49  ? -0.857  7.168   -0.174  1.00 28.79 ? 55  CYS A CB  1 
ATOM   379  S  SG  . CYS A 1 49  ? 0.729   7.291   -1.002  1.00 30.68 ? 55  CYS A SG  1 
ATOM   380  N  N   . PRO A 1 50  ? 0.354   10.178  0.904   1.00 33.73 ? 56  PRO A N   1 
ATOM   381  C  CA  . PRO A 1 50  ? 0.613   11.580  0.556   1.00 35.91 ? 56  PRO A CA  1 
ATOM   382  C  C   . PRO A 1 50  ? 1.119   11.880  -0.850  1.00 39.54 ? 56  PRO A C   1 
ATOM   383  O  O   . PRO A 1 50  ? 1.132   13.040  -1.273  1.00 40.52 ? 56  PRO A O   1 
ATOM   384  C  CB  . PRO A 1 50  ? 1.625   12.002  1.609   1.00 35.18 ? 56  PRO A CB  1 
ATOM   385  C  CG  . PRO A 1 50  ? 2.461   10.761  1.733   1.00 35.14 ? 56  PRO A CG  1 
ATOM   386  C  CD  . PRO A 1 50  ? 1.414   9.659   1.791   1.00 34.15 ? 56  PRO A CD  1 
ATOM   387  N  N   . CYS A 1 51  ? 1.545   10.851  -1.572  1.00 39.90 ? 57  CYS A N   1 
ATOM   388  C  CA  . CYS A 1 51  ? 2.063   11.056  -2.916  1.00 42.92 ? 57  CYS A CA  1 
ATOM   389  C  C   . CYS A 1 51  ? 1.049   10.736  -4.012  1.00 44.06 ? 57  CYS A C   1 
ATOM   390  O  O   . CYS A 1 51  ? 1.396   10.165  -5.044  1.00 46.11 ? 57  CYS A O   1 
ATOM   391  C  CB  . CYS A 1 51  ? 3.333   10.225  -3.105  1.00 43.69 ? 57  CYS A CB  1 
ATOM   392  S  SG  . CYS A 1 51  ? 4.710   10.728  -2.029  1.00 44.99 ? 57  CYS A SG  1 
ATOM   393  N  N   . ARG A 1 52  ? -0.207  11.104  -3.785  1.00 44.56 ? 58  ARG A N   1 
ATOM   394  C  CA  . ARG A 1 52  ? -1.260  10.866  -4.767  1.00 47.39 ? 58  ARG A CA  1 
ATOM   395  C  C   . ARG A 1 52  ? -2.265  12.013  -4.779  1.00 50.61 ? 58  ARG A C   1 
ATOM   396  O  O   . ARG A 1 52  ? -2.385  12.755  -3.805  1.00 50.08 ? 58  ARG A O   1 
ATOM   397  C  CB  . ARG A 1 52  ? -2.016  9.575   -4.454  1.00 44.64 ? 58  ARG A CB  1 
ATOM   398  C  CG  . ARG A 1 52  ? -1.151  8.355   -4.213  1.00 43.46 ? 58  ARG A CG  1 
ATOM   399  C  CD  . ARG A 1 52  ? -2.031  7.123   -4.092  1.00 40.98 ? 58  ARG A CD  1 
ATOM   400  N  NE  . ARG A 1 52  ? -2.622  6.763   -5.377  1.00 41.26 ? 58  ARG A NE  1 
ATOM   401  C  CZ  . ARG A 1 52  ? -1.919  6.334   -6.422  1.00 41.50 ? 58  ARG A CZ  1 
ATOM   402  N  NH1 . ARG A 1 52  ? -0.599  6.214   -6.332  1.00 39.58 ? 58  ARG A NH1 1 
ATOM   403  N  NH2 . ARG A 1 52  ? -2.535  6.021   -7.556  1.00 38.30 ? 58  ARG A NH2 1 
ATOM   404  N  N   . HIS A 1 53  ? -2.987  12.146  -5.888  1.00 53.73 ? 59  HIS A N   1 
ATOM   405  C  CA  . HIS A 1 53  ? -4.008  13.175  -6.033  1.00 56.02 ? 59  HIS A CA  1 
ATOM   406  C  C   . HIS A 1 53  ? -5.346  12.459  -5.898  1.00 55.55 ? 59  HIS A C   1 
ATOM   407  O  O   . HIS A 1 53  ? -5.547  11.396  -6.485  1.00 55.02 ? 59  HIS A O   1 
ATOM   408  C  CB  . HIS A 1 53  ? -3.893  13.850  -7.402  1.00 62.37 ? 59  HIS A CB  1 
ATOM   409  C  CG  . HIS A 1 53  ? -2.587  14.552  -7.620  1.00 68.02 ? 59  HIS A CG  1 
ATOM   410  N  ND1 . HIS A 1 53  ? -2.266  15.181  -8.806  1.00 70.03 ? 59  HIS A ND1 1 
ATOM   411  C  CD2 . HIS A 1 53  ? -1.519  14.723  -6.805  1.00 69.86 ? 59  HIS A CD2 1 
ATOM   412  C  CE1 . HIS A 1 53  ? -1.058  15.706  -8.711  1.00 70.29 ? 59  HIS A CE1 1 
ATOM   413  N  NE2 . HIS A 1 53  ? -0.582  15.443  -7.507  1.00 69.86 ? 59  HIS A NE2 1 
ATOM   414  N  N   . TYR A 1 54  ? -6.257  13.031  -5.119  1.00 54.21 ? 60  TYR A N   1 
ATOM   415  C  CA  . TYR A 1 54  ? -7.555  12.407  -4.900  1.00 53.66 ? 60  TYR A CA  1 
ATOM   416  C  C   . TYR A 1 54  ? -8.724  13.322  -5.253  1.00 55.06 ? 60  TYR A C   1 
ATOM   417  O  O   . TYR A 1 54  ? -8.652  14.541  -5.079  1.00 54.82 ? 60  TYR A O   1 
ATOM   418  C  CB  . TYR A 1 54  ? -7.677  11.982  -3.432  1.00 50.57 ? 60  TYR A CB  1 
ATOM   419  C  CG  . TYR A 1 54  ? -6.529  11.127  -2.932  1.00 46.38 ? 60  TYR A CG  1 
ATOM   420  C  CD1 . TYR A 1 54  ? -6.492  9.753   -3.174  1.00 44.58 ? 60  TYR A CD1 1 
ATOM   421  C  CD2 . TYR A 1 54  ? -5.479  11.698  -2.220  1.00 45.22 ? 60  TYR A CD2 1 
ATOM   422  C  CE1 . TYR A 1 54  ? -5.429  8.968   -2.713  1.00 44.19 ? 60  TYR A CE1 1 
ATOM   423  C  CE2 . TYR A 1 54  ? -4.413  10.927  -1.757  1.00 45.00 ? 60  TYR A CE2 1 
ATOM   424  C  CZ  . TYR A 1 54  ? -4.395  9.564   -2.005  1.00 42.52 ? 60  TYR A CZ  1 
ATOM   425  O  OH  . TYR A 1 54  ? -3.339  8.810   -1.542  1.00 41.28 ? 60  TYR A OH  1 
ATOM   426  N  N   . GLU A 1 55  ? -9.802  12.723  -5.748  1.00 56.70 ? 61  GLU A N   1 
ATOM   427  C  CA  . GLU A 1 55  ? -10.994 13.482  -6.103  1.00 58.82 ? 61  GLU A CA  1 
ATOM   428  C  C   . GLU A 1 55  ? -11.858 13.641  -4.858  1.00 57.45 ? 61  GLU A C   1 
ATOM   429  O  O   . GLU A 1 55  ? -12.652 14.578  -4.754  1.00 57.70 ? 61  GLU A O   1 
ATOM   430  C  CB  . GLU A 1 55  ? -11.800 12.756  -7.185  1.00 62.65 ? 61  GLU A CB  1 
ATOM   431  C  CG  . GLU A 1 55  ? -11.054 12.524  -8.488  1.00 68.34 ? 61  GLU A CG  1 
ATOM   432  C  CD  . GLU A 1 55  ? -11.967 12.006  -9.585  1.00 71.61 ? 61  GLU A CD  1 
ATOM   433  O  OE1 . GLU A 1 55  ? -12.879 12.755  -9.999  1.00 74.43 ? 61  GLU A OE1 1 
ATOM   434  O  OE2 . GLU A 1 55  ? -11.778 10.851  -10.027 1.00 73.66 ? 61  GLU A OE2 1 
ATOM   435  N  N   . ASP A 1 56  ? -11.692 12.720  -3.915  1.00 54.74 ? 62  ASP A N   1 
ATOM   436  C  CA  . ASP A 1 56  ? -12.457 12.739  -2.676  1.00 53.99 ? 62  ASP A CA  1 
ATOM   437  C  C   . ASP A 1 56  ? -11.636 12.056  -1.580  1.00 53.27 ? 62  ASP A C   1 
ATOM   438  O  O   . ASP A 1 56  ? -11.784 10.858  -1.345  1.00 53.98 ? 62  ASP A O   1 
ATOM   439  C  CB  . ASP A 1 56  ? -13.780 11.997  -2.882  1.00 53.67 ? 62  ASP A CB  1 
ATOM   440  C  CG  . ASP A 1 56  ? -14.799 12.293  -1.796  1.00 55.80 ? 62  ASP A CG  1 
ATOM   441  O  OD1 . ASP A 1 56  ? -14.438 12.253  -0.599  1.00 55.37 ? 62  ASP A OD1 1 
ATOM   442  O  OD2 . ASP A 1 56  ? -15.970 12.556  -2.143  1.00 56.08 ? 62  ASP A OD2 1 
ATOM   443  N  N   . LYS A 1 57  ? -10.770 12.819  -0.919  1.00 51.18 ? 63  LYS A N   1 
ATOM   444  C  CA  . LYS A 1 57  ? -9.927  12.273  0.142   1.00 49.59 ? 63  LYS A CA  1 
ATOM   445  C  C   . LYS A 1 57  ? -10.717 11.595  1.255   1.00 50.47 ? 63  LYS A C   1 
ATOM   446  O  O   . LYS A 1 57  ? -10.276 10.590  1.810   1.00 49.01 ? 63  LYS A O   1 
ATOM   447  C  CB  . LYS A 1 57  ? -9.054  13.369  0.750   1.00 49.11 ? 63  LYS A CB  1 
ATOM   448  C  CG  . LYS A 1 57  ? -7.925  13.842  -0.140  1.00 48.10 ? 63  LYS A CG  1 
ATOM   449  C  CD  . LYS A 1 57  ? -7.028  14.823  0.597   1.00 47.24 ? 63  LYS A CD  1 
ATOM   450  C  CE  . LYS A 1 57  ? -5.859  15.271  -0.269  1.00 48.37 ? 63  LYS A CE  1 
ATOM   451  N  NZ  . LYS A 1 57  ? -4.991  16.256  0.435   1.00 49.26 ? 63  LYS A NZ  1 
ATOM   452  N  N   . GLU A 1 58  ? -11.882 12.146  1.584   1.00 50.39 ? 64  GLU A N   1 
ATOM   453  C  CA  . GLU A 1 58  ? -12.712 11.585  2.644   1.00 49.94 ? 64  GLU A CA  1 
ATOM   454  C  C   . GLU A 1 58  ? -13.246 10.205  2.278   1.00 47.68 ? 64  GLU A C   1 
ATOM   455  O  O   . GLU A 1 58  ? -13.346 9.326   3.133   1.00 45.80 ? 64  GLU A O   1 
ATOM   456  C  CB  . GLU A 1 58  ? -13.879 12.528  2.965   1.00 55.79 ? 64  GLU A CB  1 
ATOM   457  C  CG  . GLU A 1 58  ? -13.454 13.924  3.426   1.00 61.56 ? 64  GLU A CG  1 
ATOM   458  C  CD  . GLU A 1 58  ? -13.252 14.903  2.276   1.00 65.83 ? 64  GLU A CD  1 
ATOM   459  O  OE1 . GLU A 1 58  ? -12.406 14.642  1.392   1.00 68.06 ? 64  GLU A OE1 1 
ATOM   460  O  OE2 . GLU A 1 58  ? -13.946 15.945  2.264   1.00 68.53 ? 64  GLU A OE2 1 
ATOM   461  N  N   . ALA A 1 59  ? -13.588 10.017  1.007   1.00 44.62 ? 65  ALA A N   1 
ATOM   462  C  CA  . ALA A 1 59  ? -14.099 8.732   0.539   1.00 42.46 ? 65  ALA A CA  1 
ATOM   463  C  C   . ALA A 1 59  ? -12.951 7.729   0.470   1.00 40.53 ? 65  ALA A C   1 
ATOM   464  O  O   . ALA A 1 59  ? -13.131 6.537   0.728   1.00 40.40 ? 65  ALA A O   1 
ATOM   465  C  CB  . ALA A 1 59  ? -14.733 8.892   -0.836  1.00 42.18 ? 65  ALA A CB  1 
ATOM   466  N  N   . GLU A 1 60  ? -11.776 8.229   0.113   1.00 37.67 ? 66  GLU A N   1 
ATOM   467  C  CA  . GLU A 1 60  ? -10.582 7.399   0.003   1.00 37.80 ? 66  GLU A CA  1 
ATOM   468  C  C   . GLU A 1 60  ? -10.238 6.816   1.366   1.00 36.07 ? 66  GLU A C   1 
ATOM   469  O  O   . GLU A 1 60  ? -9.910  5.637   1.483   1.00 35.56 ? 66  GLU A O   1 
ATOM   470  C  CB  . GLU A 1 60  ? -9.409  8.237   -0.514  1.00 38.41 ? 66  GLU A CB  1 
ATOM   471  C  CG  . GLU A 1 60  ? -9.609  8.776   -1.924  1.00 39.97 ? 66  GLU A CG  1 
ATOM   472  C  CD  . GLU A 1 60  ? -9.307  7.750   -3.009  1.00 41.86 ? 66  GLU A CD  1 
ATOM   473  O  OE1 . GLU A 1 60  ? -9.322  6.533   -2.714  1.00 42.81 ? 66  GLU A OE1 1 
ATOM   474  O  OE2 . GLU A 1 60  ? -9.063  8.165   -4.162  1.00 40.60 ? 66  GLU A OE2 1 
ATOM   475  N  N   . VAL A 1 61  ? -10.321 7.648   2.399   1.00 35.85 ? 67  VAL A N   1 
ATOM   476  C  CA  . VAL A 1 61  ? -10.019 7.196   3.751   1.00 36.19 ? 67  VAL A CA  1 
ATOM   477  C  C   . VAL A 1 61  ? -11.035 6.162   4.210   1.00 36.79 ? 67  VAL A C   1 
ATOM   478  O  O   . VAL A 1 61  ? -10.689 5.221   4.920   1.00 35.79 ? 67  VAL A O   1 
ATOM   479  C  CB  . VAL A 1 61  ? -10.006 8.379   4.741   1.00 37.80 ? 67  VAL A CB  1 
ATOM   480  C  CG1 . VAL A 1 61  ? -9.976  7.865   6.174   1.00 37.00 ? 67  VAL A CG1 1 
ATOM   481  C  CG2 . VAL A 1 61  ? -8.788  9.255   4.474   1.00 37.23 ? 67  VAL A CG2 1 
ATOM   482  N  N   . LYS A 1 62  ? -12.286 6.331   3.793   1.00 37.23 ? 68  LYS A N   1 
ATOM   483  C  CA  . LYS A 1 62  ? -13.341 5.397   4.170   1.00 37.87 ? 68  LYS A CA  1 
ATOM   484  C  C   . LYS A 1 62  ? -13.155 4.050   3.478   1.00 37.14 ? 68  LYS A C   1 
ATOM   485  O  O   . LYS A 1 62  ? -13.397 3.001   4.075   1.00 36.75 ? 68  LYS A O   1 
ATOM   486  C  CB  . LYS A 1 62  ? -14.717 5.972   3.812   1.00 42.24 ? 68  LYS A CB  1 
ATOM   487  C  CG  . LYS A 1 62  ? -15.003 7.349   4.409   1.00 46.81 ? 68  LYS A CG  1 
ATOM   488  C  CD  . LYS A 1 62  ? -14.879 7.379   5.933   1.00 50.70 ? 68  LYS A CD  1 
ATOM   489  C  CE  . LYS A 1 62  ? -16.001 6.615   6.637   1.00 54.22 ? 68  LYS A CE  1 
ATOM   490  N  NZ  . LYS A 1 62  ? -15.948 5.143   6.417   1.00 56.93 ? 68  LYS A NZ  1 
ATOM   491  N  N   . ASN A 1 63  ? -12.737 4.078   2.214   1.00 36.14 ? 69  ASN A N   1 
ATOM   492  C  CA  . ASN A 1 63  ? -12.512 2.845   1.468   1.00 35.70 ? 69  ASN A CA  1 
ATOM   493  C  C   . ASN A 1 63  ? -11.284 2.123   2.023   1.00 35.04 ? 69  ASN A C   1 
ATOM   494  O  O   . ASN A 1 63  ? -11.261 0.894   2.096   1.00 34.10 ? 69  ASN A O   1 
ATOM   495  C  CB  . ASN A 1 63  ? -12.313 3.150   -0.017  1.00 39.22 ? 69  ASN A CB  1 
ATOM   496  C  CG  . ASN A 1 63  ? -11.835 1.939   -0.798  1.00 41.87 ? 69  ASN A CG  1 
ATOM   497  O  OD1 . ASN A 1 63  ? -10.695 1.497   -0.645  1.00 39.85 ? 69  ASN A OD1 1 
ATOM   498  N  ND2 . ASN A 1 63  ? -12.710 1.387   -1.632  1.00 43.35 ? 69  ASN A ND2 1 
ATOM   499  N  N   . THR A 1 64  ? -10.277 2.912   2.396   1.00 32.84 ? 70  THR A N   1 
ATOM   500  C  CA  . THR A 1 64  ? -9.013  2.449   2.988   1.00 32.82 ? 70  THR A CA  1 
ATOM   501  C  C   . THR A 1 64  ? -7.935  1.880   2.064   1.00 31.72 ? 70  THR A C   1 
ATOM   502  O  O   . THR A 1 64  ? -6.836  1.567   2.530   1.00 32.09 ? 70  THR A O   1 
ATOM   503  C  CB  . THR A 1 64  ? -9.242  1.404   4.111   1.00 33.61 ? 70  THR A CB  1 
ATOM   504  O  OG1 . THR A 1 64  ? -9.587  0.139   3.537   1.00 33.32 ? 70  THR A OG1 1 
ATOM   505  C  CG2 . THR A 1 64  ? -10.346 1.861   5.055   1.00 35.33 ? 70  THR A CG2 1 
ATOM   506  N  N   . PHE A 1 65  ? -8.218  1.751   0.770   1.00 30.95 ? 71  PHE A N   1 
ATOM   507  C  CA  . PHE A 1 65  ? -7.223  1.199   -0.159  1.00 28.21 ? 71  PHE A CA  1 
ATOM   508  C  C   . PHE A 1 65  ? -5.878  1.925   -0.086  1.00 28.74 ? 71  PHE A C   1 
ATOM   509  O  O   . PHE A 1 65  ? -4.819  1.288   -0.107  1.00 28.48 ? 71  PHE A O   1 
ATOM   510  C  CB  . PHE A 1 65  ? -7.759  1.237   -1.604  1.00 26.57 ? 71  PHE A CB  1 
ATOM   511  C  CG  . PHE A 1 65  ? -6.847  0.587   -2.629  1.00 23.77 ? 71  PHE A CG  1 
ATOM   512  C  CD1 . PHE A 1 65  ? -5.749  1.270   -3.150  1.00 23.91 ? 71  PHE A CD1 1 
ATOM   513  C  CD2 . PHE A 1 65  ? -7.110  -0.700  -3.087  1.00 25.84 ? 71  PHE A CD2 1 
ATOM   514  C  CE1 . PHE A 1 65  ? -4.927  0.671   -4.123  1.00 24.58 ? 71  PHE A CE1 1 
ATOM   515  C  CE2 . PHE A 1 65  ? -6.298  -1.306  -4.054  1.00 24.99 ? 71  PHE A CE2 1 
ATOM   516  C  CZ  . PHE A 1 65  ? -5.206  -0.617  -4.571  1.00 24.40 ? 71  PHE A CZ  1 
ATOM   517  N  N   . TRP A 1 66  ? -5.910  3.249   0.021   1.00 26.22 ? 72  TRP A N   1 
ATOM   518  C  CA  . TRP A 1 66  ? -4.673  4.024   0.067   1.00 27.12 ? 72  TRP A CA  1 
ATOM   519  C  C   . TRP A 1 66  ? -4.188  4.446   1.458   1.00 26.46 ? 72  TRP A C   1 
ATOM   520  O  O   . TRP A 1 66  ? -3.279  5.266   1.573   1.00 27.72 ? 72  TRP A O   1 
ATOM   521  C  CB  . TRP A 1 66  ? -4.790  5.267   -0.831  1.00 28.14 ? 72  TRP A CB  1 
ATOM   522  C  CG  . TRP A 1 66  ? -4.709  4.960   -2.310  1.00 29.72 ? 72  TRP A CG  1 
ATOM   523  C  CD1 . TRP A 1 66  ? -5.658  5.224   -3.255  1.00 31.65 ? 72  TRP A CD1 1 
ATOM   524  C  CD2 . TRP A 1 66  ? -3.619  4.333   -3.000  1.00 28.90 ? 72  TRP A CD2 1 
ATOM   525  N  NE1 . TRP A 1 66  ? -5.229  4.802   -4.492  1.00 29.65 ? 72  TRP A NE1 1 
ATOM   526  C  CE2 . TRP A 1 66  ? -3.981  4.250   -4.365  1.00 30.57 ? 72  TRP A CE2 1 
ATOM   527  C  CE3 . TRP A 1 66  ? -2.373  3.834   -2.599  1.00 29.85 ? 72  TRP A CE3 1 
ATOM   528  C  CZ2 . TRP A 1 66  ? -3.140  3.686   -5.332  1.00 29.61 ? 72  TRP A CZ2 1 
ATOM   529  C  CZ3 . TRP A 1 66  ? -1.533  3.274   -3.563  1.00 29.65 ? 72  TRP A CZ3 1 
ATOM   530  C  CH2 . TRP A 1 66  ? -1.923  3.205   -4.916  1.00 29.59 ? 72  TRP A CH2 1 
ATOM   531  N  N   . ASN A 1 67  ? -4.785  3.896   2.508   1.00 25.02 ? 73  ASN A N   1 
ATOM   532  C  CA  . ASN A 1 67  ? -4.343  4.224   3.862   1.00 25.68 ? 73  ASN A CA  1 
ATOM   533  C  C   . ASN A 1 67  ? -3.073  3.412   4.118   1.00 27.07 ? 73  ASN A C   1 
ATOM   534  O  O   . ASN A 1 67  ? -3.073  2.185   3.991   1.00 27.59 ? 73  ASN A O   1 
ATOM   535  C  CB  . ASN A 1 67  ? -5.419  3.868   4.888   1.00 25.60 ? 73  ASN A CB  1 
ATOM   536  C  CG  . ASN A 1 67  ? -6.586  4.840   4.859   1.00 29.16 ? 73  ASN A CG  1 
ATOM   537  O  OD1 . ASN A 1 67  ? -6.473  5.946   4.324   1.00 29.53 ? 73  ASN A OD1 1 
ATOM   538  N  ND2 . ASN A 1 67  ? -7.704  4.440   5.446   1.00 27.93 ? 73  ASN A ND2 1 
ATOM   539  N  N   . CYS A 1 68  ? -1.993  4.103   4.469   1.00 26.79 ? 74  CYS A N   1 
ATOM   540  C  CA  . CYS A 1 68  ? -0.709  3.450   4.702   1.00 25.75 ? 74  CYS A CA  1 
ATOM   541  C  C   . CYS A 1 68  ? -0.694  2.480   5.883   1.00 26.91 ? 74  CYS A C   1 
ATOM   542  O  O   . CYS A 1 68  ? -1.137  2.827   6.976   1.00 25.60 ? 74  CYS A O   1 
ATOM   543  C  CB  . CYS A 1 68  ? 0.371   4.509   4.909   1.00 26.31 ? 74  CYS A CB  1 
ATOM   544  S  SG  . CYS A 1 68  ? 2.060   3.872   4.849   1.00 26.48 ? 74  CYS A SG  1 
ATOM   545  N  N   . PRO A 1 69  ? -0.176  1.250   5.678   1.00 26.70 ? 75  PRO A N   1 
ATOM   546  C  CA  . PRO A 1 69  ? 0.382   0.737   4.417   1.00 25.46 ? 75  PRO A CA  1 
ATOM   547  C  C   . PRO A 1 69  ? -0.753  0.325   3.485   1.00 24.97 ? 75  PRO A C   1 
ATOM   548  O  O   . PRO A 1 69  ? -1.643  -0.435  3.868   1.00 25.75 ? 75  PRO A O   1 
ATOM   549  C  CB  . PRO A 1 69  ? 1.232   -0.450  4.869   1.00 27.50 ? 75  PRO A CB  1 
ATOM   550  C  CG  . PRO A 1 69  ? 0.457   -0.977  6.041   1.00 27.43 ? 75  PRO A CG  1 
ATOM   551  C  CD  . PRO A 1 69  ? 0.060   0.295   6.777   1.00 27.52 ? 75  PRO A CD  1 
ATOM   552  N  N   . CYS A 1 70  ? -0.701  0.837   2.259   1.00 23.82 ? 76  CYS A N   1 
ATOM   553  C  CA  . CYS A 1 70  ? -1.727  0.591   1.252   1.00 25.17 ? 76  CYS A CA  1 
ATOM   554  C  C   . CYS A 1 70  ? -1.780  -0.845  0.746   1.00 24.75 ? 76  CYS A C   1 
ATOM   555  O  O   . CYS A 1 70  ? -0.885  -1.643  1.024   1.00 22.68 ? 76  CYS A O   1 
ATOM   556  C  CB  . CYS A 1 70  ? -1.502  1.534   0.076   1.00 25.05 ? 76  CYS A CB  1 
ATOM   557  S  SG  . CYS A 1 70  ? 0.063   1.253   -0.749  1.00 27.31 ? 76  CYS A SG  1 
ATOM   558  N  N   . VAL A 1 71  ? -2.834  -1.155  -0.007  1.00 24.21 ? 77  VAL A N   1 
ATOM   559  C  CA  . VAL A 1 71  ? -3.033  -2.492  -0.558  1.00 23.16 ? 77  VAL A CA  1 
ATOM   560  C  C   . VAL A 1 71  ? -1.858  -2.959  -1.423  1.00 23.24 ? 77  VAL A C   1 
ATOM   561  O  O   . VAL A 1 71  ? -1.423  -4.101  -1.303  1.00 23.48 ? 77  VAL A O   1 
ATOM   562  C  CB  . VAL A 1 71  ? -4.348  -2.569  -1.388  1.00 25.96 ? 77  VAL A CB  1 
ATOM   563  C  CG1 . VAL A 1 71  ? -4.350  -3.826  -2.262  1.00 24.95 ? 77  VAL A CG1 1 
ATOM   564  C  CG2 . VAL A 1 71  ? -5.561  -2.591  -0.444  1.00 25.75 ? 77  VAL A CG2 1 
ATOM   565  N  N   . PRO A 1 72  ? -1.338  -2.087  -2.306  1.00 23.87 ? 78  PRO A N   1 
ATOM   566  C  CA  . PRO A 1 72  ? -0.208  -2.500  -3.152  1.00 24.09 ? 78  PRO A CA  1 
ATOM   567  C  C   . PRO A 1 72  ? 1.051   -2.827  -2.346  1.00 23.79 ? 78  PRO A C   1 
ATOM   568  O  O   . PRO A 1 72  ? 1.875   -3.644  -2.766  1.00 25.21 ? 78  PRO A O   1 
ATOM   569  C  CB  . PRO A 1 72  ? 0.002   -1.298  -4.071  1.00 23.33 ? 78  PRO A CB  1 
ATOM   570  C  CG  . PRO A 1 72  ? -1.401  -0.730  -4.209  1.00 24.56 ? 78  PRO A CG  1 
ATOM   571  C  CD  . PRO A 1 72  ? -1.891  -0.798  -2.764  1.00 25.03 ? 78  PRO A CD  1 
ATOM   572  N  N   . MET A 1 73  ? 1.211   -2.176  -1.198  1.00 23.62 ? 79  MET A N   1 
ATOM   573  C  CA  . MET A 1 73  ? 2.377   -2.434  -0.364  1.00 23.30 ? 79  MET A CA  1 
ATOM   574  C  C   . MET A 1 73  ? 2.147   -3.710  0.426   1.00 25.02 ? 79  MET A C   1 
ATOM   575  O  O   . MET A 1 73  ? 3.017   -4.579  0.489   1.00 25.01 ? 79  MET A O   1 
ATOM   576  C  CB  . MET A 1 73  ? 2.620   -1.285  0.608   1.00 24.12 ? 79  MET A CB  1 
ATOM   577  C  CG  . MET A 1 73  ? 3.834   -1.509  1.529   1.00 24.45 ? 79  MET A CG  1 
ATOM   578  S  SD  . MET A 1 73  ? 5.387   -1.721  0.629   1.00 27.01 ? 79  MET A SD  1 
ATOM   579  C  CE  . MET A 1 73  ? 6.373   -2.681  1.798   1.00 29.09 ? 79  MET A CE  1 
ATOM   580  N  N   . ARG A 1 74  ? 0.968   -3.826  1.026   1.00 23.85 ? 80  ARG A N   1 
ATOM   581  C  CA  . ARG A 1 74  ? 0.649   -5.007  1.817   1.00 26.50 ? 80  ARG A CA  1 
ATOM   582  C  C   . ARG A 1 74  ? 0.631   -6.273  0.981   1.00 27.29 ? 80  ARG A C   1 
ATOM   583  O  O   . ARG A 1 74  ? 1.072   -7.321  1.436   1.00 27.32 ? 80  ARG A O   1 
ATOM   584  C  CB  . ARG A 1 74  ? -0.698  -4.843  2.531   1.00 26.98 ? 80  ARG A CB  1 
ATOM   585  C  CG  . ARG A 1 74  ? -0.643  -3.942  3.762   1.00 28.80 ? 80  ARG A CG  1 
ATOM   586  C  CD  . ARG A 1 74  ? -1.975  -3.922  4.505   1.00 33.10 ? 80  ARG A CD  1 
ATOM   587  N  NE  . ARG A 1 74  ? -2.938  -3.014  3.886   1.00 32.39 ? 80  ARG A NE  1 
ATOM   588  C  CZ  . ARG A 1 74  ? -4.109  -3.381  3.377   1.00 35.04 ? 80  ARG A CZ  1 
ATOM   589  N  NH1 . ARG A 1 74  ? -4.481  -4.654  3.398   1.00 37.30 ? 80  ARG A NH1 1 
ATOM   590  N  NH2 . ARG A 1 74  ? -4.927  -2.466  2.869   1.00 35.53 ? 80  ARG A NH2 1 
ATOM   591  N  N   . GLU A 1 75  ? 0.151   -6.182  -0.252  1.00 26.34 ? 81  GLU A N   1 
ATOM   592  C  CA  . GLU A 1 75  ? 0.081   -7.372  -1.091  1.00 26.54 ? 81  GLU A CA  1 
ATOM   593  C  C   . GLU A 1 75  ? 1.275   -7.616  -2.013  1.00 27.60 ? 81  GLU A C   1 
ATOM   594  O  O   . GLU A 1 75  ? 1.766   -8.745  -2.117  1.00 28.06 ? 81  GLU A O   1 
ATOM   595  C  CB  . GLU A 1 75  ? -1.214  -7.349  -1.923  1.00 26.61 ? 81  GLU A CB  1 
ATOM   596  C  CG  . GLU A 1 75  ? -2.486  -7.529  -1.079  1.00 27.17 ? 81  GLU A CG  1 
ATOM   597  C  CD  . GLU A 1 75  ? -3.774  -7.525  -1.904  1.00 28.69 ? 81  GLU A CD  1 
ATOM   598  O  OE1 . GLU A 1 75  ? -3.713  -7.685  -3.141  1.00 26.34 ? 81  GLU A OE1 1 
ATOM   599  O  OE2 . GLU A 1 75  ? -4.863  -7.376  -1.303  1.00 31.93 ? 81  GLU A OE2 1 
ATOM   600  N  N   . ARG A 1 76  ? 1.761   -6.564  -2.659  1.00 25.71 ? 82  ARG A N   1 
ATOM   601  C  CA  . ARG A 1 76  ? 2.853   -6.710  -3.617  1.00 25.23 ? 82  ARG A CA  1 
ATOM   602  C  C   . ARG A 1 76  ? 4.146   -6.017  -3.232  1.00 25.39 ? 82  ARG A C   1 
ATOM   603  O  O   . ARG A 1 76  ? 5.088   -5.993  -4.026  1.00 25.88 ? 82  ARG A O   1 
ATOM   604  C  CB  . ARG A 1 76  ? 2.405   -6.172  -4.973  1.00 24.29 ? 82  ARG A CB  1 
ATOM   605  C  CG  . ARG A 1 76  ? 1.030   -6.659  -5.406  1.00 25.79 ? 82  ARG A CG  1 
ATOM   606  C  CD  . ARG A 1 76  ? 0.701   -6.237  -6.822  1.00 24.84 ? 82  ARG A CD  1 
ATOM   607  N  NE  . ARG A 1 76  ? -0.611  -6.734  -7.222  1.00 23.98 ? 82  ARG A NE  1 
ATOM   608  C  CZ  . ARG A 1 76  ? -1.069  -6.742  -8.473  1.00 27.44 ? 82  ARG A CZ  1 
ATOM   609  N  NH1 . ARG A 1 76  ? -0.316  -6.280  -9.467  1.00 24.37 ? 82  ARG A NH1 1 
ATOM   610  N  NH2 . ARG A 1 76  ? -2.287  -7.199  -8.729  1.00 24.11 ? 82  ARG A NH2 1 
ATOM   611  N  N   . LYS A 1 77  ? 4.186   -5.456  -2.026  1.00 25.75 ? 83  LYS A N   1 
ATOM   612  C  CA  . LYS A 1 77  ? 5.354   -4.722  -1.555  1.00 26.19 ? 83  LYS A CA  1 
ATOM   613  C  C   . LYS A 1 77  ? 5.704   -3.607  -2.521  1.00 27.57 ? 83  LYS A C   1 
ATOM   614  O  O   . LYS A 1 77  ? 6.876   -3.287  -2.733  1.00 26.93 ? 83  LYS A O   1 
ATOM   615  C  CB  . LYS A 1 77  ? 6.556   -5.656  -1.369  1.00 28.29 ? 83  LYS A CB  1 
ATOM   616  C  CG  . LYS A 1 77  ? 6.519   -6.444  -0.070  1.00 31.01 ? 83  LYS A CG  1 
ATOM   617  C  CD  . LYS A 1 77  ? 7.874   -7.090  0.206   1.00 32.75 ? 83  LYS A CD  1 
ATOM   618  C  CE  . LYS A 1 77  ? 7.943   -7.662  1.611   1.00 34.23 ? 83  LYS A CE  1 
ATOM   619  N  NZ  . LYS A 1 77  ? 9.240   -8.341  1.859   1.00 33.49 ? 83  LYS A NZ  1 
ATOM   620  N  N   . GLU A 1 78  ? 4.675   -3.009  -3.112  1.00 26.46 ? 84  GLU A N   1 
ATOM   621  C  CA  . GLU A 1 78  ? 4.889   -1.913  -4.037  1.00 26.60 ? 84  GLU A CA  1 
ATOM   622  C  C   . GLU A 1 78  ? 4.577   -0.623  -3.301  1.00 28.31 ? 84  GLU A C   1 
ATOM   623  O  O   . GLU A 1 78  ? 3.437   -0.396  -2.881  1.00 25.68 ? 84  GLU A O   1 
ATOM   624  C  CB  . GLU A 1 78  ? 3.988   -2.072  -5.264  1.00 28.03 ? 84  GLU A CB  1 
ATOM   625  C  CG  . GLU A 1 78  ? 4.245   -3.368  -6.019  1.00 31.78 ? 84  GLU A CG  1 
ATOM   626  C  CD  . GLU A 1 78  ? 3.443   -3.486  -7.300  1.00 34.19 ? 84  GLU A CD  1 
ATOM   627  O  OE1 . GLU A 1 78  ? 2.520   -2.671  -7.511  1.00 35.66 ? 84  GLU A OE1 1 
ATOM   628  O  OE2 . GLU A 1 78  ? 3.735   -4.405  -8.096  1.00 36.92 ? 84  GLU A OE2 1 
ATOM   629  N  N   . CYS A 1 79  ? 5.602   0.204   -3.128  1.00 27.93 ? 85  CYS A N   1 
ATOM   630  C  CA  . CYS A 1 79  ? 5.459   1.476   -2.432  1.00 29.56 ? 85  CYS A CA  1 
ATOM   631  C  C   . CYS A 1 79  ? 5.828   2.624   -3.357  1.00 31.01 ? 85  CYS A C   1 
ATOM   632  O  O   . CYS A 1 79  ? 7.003   2.944   -3.559  1.00 29.57 ? 85  CYS A O   1 
ATOM   633  C  CB  . CYS A 1 79  ? 6.344   1.502   -1.183  1.00 29.89 ? 85  CYS A CB  1 
ATOM   634  S  SG  . CYS A 1 79  ? 6.306   3.072   -0.277  1.00 27.83 ? 85  CYS A SG  1 
ATOM   635  N  N   . HIS A 1 80  ? 4.794   3.229   -3.922  1.00 30.36 ? 86  HIS A N   1 
ATOM   636  C  CA  . HIS A 1 80  ? 4.917   4.345   -4.845  1.00 34.24 ? 86  HIS A CA  1 
ATOM   637  C  C   . HIS A 1 80  ? 5.668   5.537   -4.246  1.00 32.83 ? 86  HIS A C   1 
ATOM   638  O  O   . HIS A 1 80  ? 6.431   6.204   -4.936  1.00 32.94 ? 86  HIS A O   1 
ATOM   639  C  CB  . HIS A 1 80  ? 3.501   4.746   -5.297  1.00 35.29 ? 86  HIS A CB  1 
ATOM   640  C  CG  . HIS A 1 80  ? 3.416   6.092   -5.941  1.00 39.48 ? 86  HIS A CG  1 
ATOM   641  N  ND1 . HIS A 1 80  ? 3.191   7.247   -5.223  1.00 41.33 ? 86  HIS A ND1 1 
ATOM   642  C  CD2 . HIS A 1 80  ? 3.508   6.467   -7.239  1.00 41.18 ? 86  HIS A CD2 1 
ATOM   643  C  CE1 . HIS A 1 80  ? 3.147   8.275   -6.053  1.00 39.92 ? 86  HIS A CE1 1 
ATOM   644  N  NE2 . HIS A 1 80  ? 3.335   7.828   -7.281  1.00 42.66 ? 86  HIS A NE2 1 
ATOM   645  N  N   . CYS A 1 81  ? 5.464   5.783   -2.957  1.00 32.05 ? 87  CYS A N   1 
ATOM   646  C  CA  . CYS A 1 81  ? 6.111   6.901   -2.268  1.00 31.99 ? 87  CYS A CA  1 
ATOM   647  C  C   . CYS A 1 81  ? 7.615   6.744   -2.051  1.00 31.01 ? 87  CYS A C   1 
ATOM   648  O  O   . CYS A 1 81  ? 8.301   7.710   -1.716  1.00 30.77 ? 87  CYS A O   1 
ATOM   649  C  CB  . CYS A 1 81  ? 5.459   7.118   -0.902  1.00 32.78 ? 87  CYS A CB  1 
ATOM   650  S  SG  . CYS A 1 81  ? 3.720   7.538   -0.947  1.00 37.00 ? 87  CYS A SG  1 
ATOM   651  N  N   . MET A 1 82  ? 8.124   5.532   -2.229  1.00 30.99 ? 88  MET A N   1 
ATOM   652  C  CA  . MET A 1 82  ? 9.540   5.266   -2.016  1.00 30.37 ? 88  MET A CA  1 
ATOM   653  C  C   . MET A 1 82  ? 9.882   5.348   -0.530  1.00 29.67 ? 88  MET A C   1 
ATOM   654  O  O   . MET A 1 82  ? 10.961  5.801   -0.151  1.00 29.24 ? 88  MET A O   1 
ATOM   655  C  CB  . MET A 1 82  ? 10.417  6.248   -2.803  1.00 34.65 ? 88  MET A CB  1 
ATOM   656  C  CG  . MET A 1 82  ? 10.481  5.959   -4.298  1.00 39.11 ? 88  MET A CG  1 
ATOM   657  S  SD  . MET A 1 82  ? 11.759  6.924   -5.123  1.00 45.42 ? 88  MET A SD  1 
ATOM   658  C  CE  . MET A 1 82  ? 13.218  6.174   -4.431  1.00 40.89 ? 88  MET A CE  1 
ATOM   659  N  N   . LEU A 1 83  ? 8.946   4.911   0.303   1.00 26.87 ? 89  LEU A N   1 
ATOM   660  C  CA  . LEU A 1 83  ? 9.140   4.901   1.751   1.00 27.53 ? 89  LEU A CA  1 
ATOM   661  C  C   . LEU A 1 83  ? 9.711   3.540   2.153   1.00 26.80 ? 89  LEU A C   1 
ATOM   662  O  O   . LEU A 1 83  ? 10.729  3.462   2.849   1.00 28.74 ? 89  LEU A O   1 
ATOM   663  C  CB  . LEU A 1 83  ? 7.806   5.135   2.467   1.00 26.91 ? 89  LEU A CB  1 
ATOM   664  C  CG  . LEU A 1 83  ? 7.829   5.061   4.000   1.00 26.86 ? 89  LEU A CG  1 
ATOM   665  C  CD1 . LEU A 1 83  ? 8.891   6.007   4.548   1.00 28.54 ? 89  LEU A CD1 1 
ATOM   666  C  CD2 . LEU A 1 83  ? 6.455   5.412   4.551   1.00 26.21 ? 89  LEU A CD2 1 
ATOM   667  N  N   . PHE A 1 84  ? 9.051   2.478   1.701   1.00 26.65 ? 90  PHE A N   1 
ATOM   668  C  CA  . PHE A 1 84  ? 9.470   1.103   1.989   1.00 24.35 ? 90  PHE A CA  1 
ATOM   669  C  C   . PHE A 1 84  ? 10.017  0.474   0.709   1.00 26.10 ? 90  PHE A C   1 
ATOM   670  O  O   . PHE A 1 84  ? 9.266   0.188   -0.225  1.00 25.87 ? 90  PHE A O   1 
ATOM   671  C  CB  . PHE A 1 84  ? 8.278   0.274   2.486   1.00 22.80 ? 90  PHE A CB  1 
ATOM   672  C  CG  . PHE A 1 84  ? 7.584   0.858   3.686   1.00 23.38 ? 90  PHE A CG  1 
ATOM   673  C  CD1 . PHE A 1 84  ? 8.226   0.923   4.915   1.00 24.27 ? 90  PHE A CD1 1 
ATOM   674  C  CD2 . PHE A 1 84  ? 6.283   1.356   3.582   1.00 24.68 ? 90  PHE A CD2 1 
ATOM   675  C  CE1 . PHE A 1 84  ? 7.592   1.473   6.031   1.00 24.28 ? 90  PHE A CE1 1 
ATOM   676  C  CE2 . PHE A 1 84  ? 5.642   1.909   4.691   1.00 22.70 ? 90  PHE A CE2 1 
ATOM   677  C  CZ  . PHE A 1 84  ? 6.299   1.968   5.921   1.00 24.49 ? 90  PHE A CZ  1 
ATOM   678  N  N   . LEU A 1 85  ? 11.324  0.246   0.668   1.00 26.72 ? 91  LEU A N   1 
ATOM   679  C  CA  . LEU A 1 85  ? 11.951  -0.334  -0.512  1.00 27.94 ? 91  LEU A CA  1 
ATOM   680  C  C   . LEU A 1 85  ? 12.552  -1.702  -0.236  1.00 29.38 ? 91  LEU A C   1 
ATOM   681  O  O   . LEU A 1 85  ? 13.106  -1.939  0.836   1.00 27.76 ? 91  LEU A O   1 
ATOM   682  C  CB  . LEU A 1 85  ? 13.055  0.594   -1.013  1.00 28.75 ? 91  LEU A CB  1 
ATOM   683  C  CG  . LEU A 1 85  ? 12.627  2.037   -1.271  1.00 32.98 ? 91  LEU A CG  1 
ATOM   684  C  CD1 . LEU A 1 85  ? 13.839  2.864   -1.660  1.00 30.46 ? 91  LEU A CD1 1 
ATOM   685  C  CD2 . LEU A 1 85  ? 11.560  2.066   -2.362  1.00 34.14 ? 91  LEU A CD2 1 
ATOM   686  N  N   . THR A 1 86  ? 12.452  -2.601  -1.209  1.00 31.43 ? 92  THR A N   1 
ATOM   687  C  CA  . THR A 1 86  ? 13.024  -3.930  -1.055  1.00 34.17 ? 92  THR A CA  1 
ATOM   688  C  C   . THR A 1 86  ? 14.542  -3.780  -1.163  1.00 35.95 ? 92  THR A C   1 
ATOM   689  O  O   . THR A 1 86  ? 15.038  -2.808  -1.732  1.00 34.70 ? 92  THR A O   1 
ATOM   690  C  CB  . THR A 1 86  ? 12.507  -4.898  -2.144  1.00 35.10 ? 92  THR A CB  1 
ATOM   691  O  OG1 . THR A 1 86  ? 12.815  -4.374  -3.440  1.00 36.99 ? 92  THR A OG1 1 
ATOM   692  C  CG2 . THR A 1 86  ? 11.002  -5.080  -2.020  1.00 37.45 ? 92  THR A CG2 1 
ATOM   693  N  N   . PRO A 1 87  ? 15.299  -4.734  -0.601  1.00 38.21 ? 93  PRO A N   1 
ATOM   694  C  CA  . PRO A 1 87  ? 16.769  -4.710  -0.628  1.00 40.63 ? 93  PRO A CA  1 
ATOM   695  C  C   . PRO A 1 87  ? 17.394  -4.571  -2.021  1.00 42.37 ? 93  PRO A C   1 
ATOM   696  O  O   . PRO A 1 87  ? 18.454  -3.961  -2.176  1.00 43.52 ? 93  PRO A O   1 
ATOM   697  C  CB  . PRO A 1 87  ? 17.144  -6.038  0.034   1.00 41.93 ? 93  PRO A CB  1 
ATOM   698  C  CG  . PRO A 1 87  ? 16.024  -6.265  0.989   1.00 40.37 ? 93  PRO A CG  1 
ATOM   699  C  CD  . PRO A 1 87  ? 14.811  -5.893  0.166   1.00 40.08 ? 93  PRO A CD  1 
ATOM   700  N  N   . ASP A 1 88  ? 16.734  -5.137  -3.025  1.00 43.62 ? 94  ASP A N   1 
ATOM   701  C  CA  . ASP A 1 88  ? 17.232  -5.103  -4.398  1.00 44.98 ? 94  ASP A CA  1 
ATOM   702  C  C   . ASP A 1 88  ? 16.925  -3.807  -5.142  1.00 44.39 ? 94  ASP A C   1 
ATOM   703  O  O   . ASP A 1 88  ? 17.335  -3.637  -6.289  1.00 43.02 ? 94  ASP A O   1 
ATOM   704  C  CB  . ASP A 1 88  ? 16.651  -6.273  -5.192  1.00 47.97 ? 94  ASP A CB  1 
ATOM   705  C  CG  . ASP A 1 88  ? 15.140  -6.215  -5.287  1.00 52.07 ? 94  ASP A CG  1 
ATOM   706  O  OD1 . ASP A 1 88  ? 14.475  -6.319  -4.234  1.00 52.21 ? 94  ASP A OD1 1 
ATOM   707  O  OD2 . ASP A 1 88  ? 14.617  -6.057  -6.412  1.00 54.24 ? 94  ASP A OD2 1 
ATOM   708  N  N   . ASN A 1 89  ? 16.197  -2.901  -4.500  1.00 42.25 ? 95  ASN A N   1 
ATOM   709  C  CA  . ASN A 1 89  ? 15.858  -1.631  -5.135  1.00 41.59 ? 95  ASN A CA  1 
ATOM   710  C  C   . ASN A 1 89  ? 17.103  -0.742  -5.166  1.00 40.74 ? 95  ASN A C   1 
ATOM   711  O  O   . ASN A 1 89  ? 17.757  -0.555  -4.141  1.00 41.00 ? 95  ASN A O   1 
ATOM   712  C  CB  . ASN A 1 89  ? 14.727  -0.941  -4.361  1.00 39.50 ? 95  ASN A CB  1 
ATOM   713  C  CG  . ASN A 1 89  ? 14.184  0.275   -5.084  1.00 39.66 ? 95  ASN A CG  1 
ATOM   714  O  OD1 . ASN A 1 89  ? 14.920  1.211   -5.382  1.00 40.14 ? 95  ASN A OD1 1 
ATOM   715  N  ND2 . ASN A 1 89  ? 12.885  0.264   -5.372  1.00 38.20 ? 95  ASN A ND2 1 
ATOM   716  N  N   . ASP A 1 90  ? 17.429  -0.205  -6.342  1.00 40.64 ? 96  ASP A N   1 
ATOM   717  C  CA  . ASP A 1 90  ? 18.607  0.653   -6.504  1.00 38.93 ? 96  ASP A CA  1 
ATOM   718  C  C   . ASP A 1 90  ? 18.636  1.865   -5.583  1.00 38.53 ? 96  ASP A C   1 
ATOM   719  O  O   . ASP A 1 90  ? 19.697  2.436   -5.340  1.00 37.54 ? 96  ASP A O   1 
ATOM   720  C  CB  . ASP A 1 90  ? 18.721  1.172   -7.944  1.00 41.69 ? 96  ASP A CB  1 
ATOM   721  C  CG  . ASP A 1 90  ? 19.064  0.084   -8.943  1.00 44.36 ? 96  ASP A CG  1 
ATOM   722  O  OD1 . ASP A 1 90  ? 19.957  -0.737  -8.655  1.00 44.48 ? 96  ASP A OD1 1 
ATOM   723  O  OD2 . ASP A 1 90  ? 18.447  0.068   -10.031 1.00 45.93 ? 96  ASP A OD2 1 
ATOM   724  N  N   . PHE A 1 91  ? 17.478  2.266   -5.071  1.00 36.34 ? 97  PHE A N   1 
ATOM   725  C  CA  . PHE A 1 91  ? 17.419  3.445   -4.219  1.00 34.57 ? 97  PHE A CA  1 
ATOM   726  C  C   . PHE A 1 91  ? 17.332  3.148   -2.734  1.00 34.35 ? 97  PHE A C   1 
ATOM   727  O  O   . PHE A 1 91  ? 17.245  4.064   -1.922  1.00 34.00 ? 97  PHE A O   1 
ATOM   728  C  CB  . PHE A 1 91  ? 16.237  4.314   -4.640  1.00 36.22 ? 97  PHE A CB  1 
ATOM   729  C  CG  . PHE A 1 91  ? 16.202  4.595   -6.114  1.00 36.00 ? 97  PHE A CG  1 
ATOM   730  C  CD1 . PHE A 1 91  ? 17.257  5.260   -6.732  1.00 37.63 ? 97  PHE A CD1 1 
ATOM   731  C  CD2 . PHE A 1 91  ? 15.134  4.162   -6.891  1.00 36.54 ? 97  PHE A CD2 1 
ATOM   732  C  CE1 . PHE A 1 91  ? 17.248  5.490   -8.109  1.00 36.28 ? 97  PHE A CE1 1 
ATOM   733  C  CE2 . PHE A 1 91  ? 15.115  4.384   -8.267  1.00 37.54 ? 97  PHE A CE2 1 
ATOM   734  C  CZ  . PHE A 1 91  ? 16.176  5.049   -8.875  1.00 37.33 ? 97  PHE A CZ  1 
ATOM   735  N  N   . ALA A 1 92  ? 17.357  1.869   -2.382  1.00 34.63 ? 98  ALA A N   1 
ATOM   736  C  CA  . ALA A 1 92  ? 17.280  1.465   -0.982  1.00 36.53 ? 98  ALA A CA  1 
ATOM   737  C  C   . ALA A 1 92  ? 18.624  1.597   -0.272  1.00 36.68 ? 98  ALA A C   1 
ATOM   738  O  O   . ALA A 1 92  ? 19.670  1.280   -0.842  1.00 38.25 ? 98  ALA A O   1 
ATOM   739  C  CB  . ALA A 1 92  ? 16.788  0.031   -0.888  1.00 35.00 ? 98  ALA A CB  1 
ATOM   740  N  N   . GLY A 1 93  ? 18.589  2.080   0.966   1.00 36.74 ? 99  GLY A N   1 
ATOM   741  C  CA  . GLY A 1 93  ? 19.804  2.217   1.751   1.00 37.21 ? 99  GLY A CA  1 
ATOM   742  C  C   . GLY A 1 93  ? 19.829  1.086   2.770   1.00 37.87 ? 99  GLY A C   1 
ATOM   743  O  O   . GLY A 1 93  ? 19.127  0.091   2.599   1.00 37.48 ? 99  GLY A O   1 
ATOM   744  N  N   . ASP A 1 94  ? 20.610  1.230   3.836   1.00 39.29 ? 100 ASP A N   1 
ATOM   745  C  CA  . ASP A 1 94  ? 20.681  0.184   4.852   1.00 40.42 ? 100 ASP A CA  1 
ATOM   746  C  C   . ASP A 1 94  ? 19.960  0.559   6.145   1.00 39.15 ? 100 ASP A C   1 
ATOM   747  O  O   . ASP A 1 94  ? 20.030  -0.165  7.134   1.00 39.49 ? 100 ASP A O   1 
ATOM   748  C  CB  . ASP A 1 94  ? 22.146  -0.149  5.159   1.00 44.54 ? 100 ASP A CB  1 
ATOM   749  C  CG  . ASP A 1 94  ? 22.894  1.010   5.798   1.00 47.56 ? 100 ASP A CG  1 
ATOM   750  O  OD1 . ASP A 1 94  ? 24.140  0.946   5.873   1.00 49.97 ? 100 ASP A OD1 1 
ATOM   751  O  OD2 . ASP A 1 94  ? 22.243  1.983   6.235   1.00 50.12 ? 100 ASP A OD2 1 
ATOM   752  N  N   . ALA A 1 95  ? 19.253  1.682   6.139   1.00 35.75 ? 101 ALA A N   1 
ATOM   753  C  CA  . ALA A 1 95  ? 18.560  2.112   7.344   1.00 34.16 ? 101 ALA A CA  1 
ATOM   754  C  C   . ALA A 1 95  ? 17.085  1.731   7.419   1.00 33.26 ? 101 ALA A C   1 
ATOM   755  O  O   . ALA A 1 95  ? 16.381  1.668   6.405   1.00 31.50 ? 101 ALA A O   1 
ATOM   756  C  CB  . ALA A 1 95  ? 18.711  3.615   7.510   1.00 34.81 ? 101 ALA A CB  1 
ATOM   757  N  N   . GLN A 1 96  ? 16.641  1.461   8.642   1.00 31.34 ? 102 GLN A N   1 
ATOM   758  C  CA  . GLN A 1 96  ? 15.257  1.131   8.935   1.00 29.82 ? 102 GLN A CA  1 
ATOM   759  C  C   . GLN A 1 96  ? 14.874  2.016   10.119  1.00 29.94 ? 102 GLN A C   1 
ATOM   760  O  O   . GLN A 1 96  ? 13.874  1.781   10.799  1.00 29.64 ? 102 GLN A O   1 
ATOM   761  C  CB  . GLN A 1 96  ? 15.109  -0.350  9.295   1.00 29.88 ? 102 GLN A CB  1 
ATOM   762  C  CG  . GLN A 1 96  ? 15.414  -1.294  8.138   1.00 30.85 ? 102 GLN A CG  1 
ATOM   763  C  CD  . GLN A 1 96  ? 15.260  -2.750  8.523   1.00 31.16 ? 102 GLN A CD  1 
ATOM   764  O  OE1 . GLN A 1 96  ? 15.851  -3.207  9.495   1.00 30.93 ? 102 GLN A OE1 1 
ATOM   765  N  NE2 . GLN A 1 96  ? 14.462  -3.487  7.760   1.00 29.14 ? 102 GLN A NE2 1 
ATOM   766  N  N   . ASP A 1 97  ? 15.701  3.031   10.350  1.00 29.04 ? 103 ASP A N   1 
ATOM   767  C  CA  . ASP A 1 97  ? 15.500  4.004   11.423  1.00 31.13 ? 103 ASP A CA  1 
ATOM   768  C  C   . ASP A 1 97  ? 15.952  5.362   10.891  1.00 31.98 ? 103 ASP A C   1 
ATOM   769  O  O   . ASP A 1 97  ? 16.986  5.457   10.219  1.00 33.53 ? 103 ASP A O   1 
ATOM   770  C  CB  . ASP A 1 97  ? 16.337  3.648   12.656  1.00 30.79 ? 103 ASP A CB  1 
ATOM   771  C  CG  . ASP A 1 97  ? 16.017  2.270   13.208  1.00 33.32 ? 103 ASP A CG  1 
ATOM   772  O  OD1 . ASP A 1 97  ? 16.689  1.293   12.816  1.00 32.07 ? 103 ASP A OD1 1 
ATOM   773  O  OD2 . ASP A 1 97  ? 15.085  2.168   14.035  1.00 34.01 ? 103 ASP A OD2 1 
ATOM   774  N  N   . ILE A 1 98  ? 15.187  6.407   11.192  1.00 31.83 ? 104 ILE A N   1 
ATOM   775  C  CA  . ILE A 1 98  ? 15.506  7.752   10.724  1.00 33.00 ? 104 ILE A CA  1 
ATOM   776  C  C   . ILE A 1 98  ? 15.554  8.736   11.893  1.00 33.35 ? 104 ILE A C   1 
ATOM   777  O  O   . ILE A 1 98  ? 14.753  8.645   12.818  1.00 32.23 ? 104 ILE A O   1 
ATOM   778  C  CB  . ILE A 1 98  ? 14.452  8.224   9.687   1.00 32.72 ? 104 ILE A CB  1 
ATOM   779  C  CG1 . ILE A 1 98  ? 14.875  9.558   9.068   1.00 33.29 ? 104 ILE A CG1 1 
ATOM   780  C  CG2 . ILE A 1 98  ? 13.084  8.346   10.349  1.00 32.61 ? 104 ILE A CG2 1 
ATOM   781  C  CD1 . ILE A 1 98  ? 14.000  9.983   7.884   1.00 33.48 ? 104 ILE A CD1 1 
ATOM   782  N  N   . PRO A 1 99  ? 16.511  9.678   11.870  1.00 33.94 ? 105 PRO A N   1 
ATOM   783  C  CA  . PRO A 1 99  ? 16.657  10.678  12.936  1.00 36.22 ? 105 PRO A CA  1 
ATOM   784  C  C   . PRO A 1 99  ? 15.440  11.593  13.056  1.00 37.77 ? 105 PRO A C   1 
ATOM   785  O  O   . PRO A 1 99  ? 14.880  12.033  12.052  1.00 37.70 ? 105 PRO A O   1 
ATOM   786  C  CB  . PRO A 1 99  ? 17.908  11.450  12.517  1.00 37.11 ? 105 PRO A CB  1 
ATOM   787  C  CG  . PRO A 1 99  ? 18.712  10.419  11.792  1.00 36.67 ? 105 PRO A CG  1 
ATOM   788  C  CD  . PRO A 1 99  ? 17.661  9.731   10.950  1.00 35.63 ? 105 PRO A CD  1 
ATOM   789  N  N   . MET A 1 100 ? 15.036  11.885  14.286  1.00 38.47 ? 106 MET A N   1 
ATOM   790  C  CA  . MET A 1 100 ? 13.888  12.754  14.504  1.00 41.15 ? 106 MET A CA  1 
ATOM   791  C  C   . MET A 1 100 ? 14.179  14.157  13.978  1.00 42.79 ? 106 MET A C   1 
ATOM   792  O  O   . MET A 1 100 ? 13.279  14.849  13.497  1.00 42.26 ? 106 MET A O   1 
ATOM   793  C  CB  . MET A 1 100 ? 13.541  12.809  15.993  1.00 42.25 ? 106 MET A CB  1 
ATOM   794  C  CG  . MET A 1 100 ? 12.360  13.704  16.320  1.00 44.24 ? 106 MET A CG  1 
ATOM   795  S  SD  . MET A 1 100 ? 10.899  13.321  15.335  1.00 45.64 ? 106 MET A SD  1 
ATOM   796  C  CE  . MET A 1 100 ? 10.093  12.105  16.328  1.00 40.74 ? 106 MET A CE  1 
ATOM   797  N  N   . GLU A 1 101 ? 15.441  14.569  14.059  1.00 44.41 ? 107 GLU A N   1 
ATOM   798  C  CA  . GLU A 1 101 ? 15.845  15.889  13.589  1.00 47.29 ? 107 GLU A CA  1 
ATOM   799  C  C   . GLU A 1 101 ? 15.619  16.001  12.085  1.00 46.90 ? 107 GLU A C   1 
ATOM   800  O  O   . GLU A 1 101 ? 15.194  17.046  11.588  1.00 45.61 ? 107 GLU A O   1 
ATOM   801  C  CB  . GLU A 1 101 ? 17.322  16.139  13.922  1.00 52.69 ? 107 GLU A CB  1 
ATOM   802  C  CG  . GLU A 1 101 ? 18.277  15.156  13.268  1.00 59.09 ? 107 GLU A CG  1 
ATOM   803  C  CD  . GLU A 1 101 ? 19.639  15.120  13.938  1.00 62.19 ? 107 GLU A CD  1 
ATOM   804  O  OE1 . GLU A 1 101 ? 20.298  16.181  14.024  1.00 64.69 ? 107 GLU A OE1 1 
ATOM   805  O  OE2 . GLU A 1 101 ? 20.050  14.023  14.379  1.00 63.70 ? 107 GLU A OE2 1 
ATOM   806  N  N   . THR A 1 102 ? 15.896  14.917  11.365  1.00 44.70 ? 108 THR A N   1 
ATOM   807  C  CA  . THR A 1 102 ? 15.711  14.902  9.921   1.00 44.09 ? 108 THR A CA  1 
ATOM   808  C  C   . THR A 1 102 ? 14.250  15.166  9.592   1.00 45.20 ? 108 THR A C   1 
ATOM   809  O  O   . THR A 1 102 ? 13.942  15.927  8.677   1.00 45.39 ? 108 THR A O   1 
ATOM   810  C  CB  . THR A 1 102 ? 16.122  13.546  9.308   1.00 43.79 ? 108 THR A CB  1 
ATOM   811  O  OG1 . THR A 1 102 ? 17.500  13.281  9.606   1.00 42.22 ? 108 THR A OG1 1 
ATOM   812  C  CG2 . THR A 1 102 ? 15.930  13.569  7.796   1.00 42.36 ? 108 THR A CG2 1 
ATOM   813  N  N   . LEU A 1 103 ? 13.353  14.533  10.341  1.00 45.61 ? 109 LEU A N   1 
ATOM   814  C  CA  . LEU A 1 103 ? 11.925  14.715  10.123  1.00 47.99 ? 109 LEU A CA  1 
ATOM   815  C  C   . LEU A 1 103 ? 11.508  16.150  10.415  1.00 51.24 ? 109 LEU A C   1 
ATOM   816  O  O   . LEU A 1 103 ? 10.706  16.731  9.688   1.00 50.78 ? 109 LEU A O   1 
ATOM   817  C  CB  . LEU A 1 103 ? 11.117  13.770  11.014  1.00 46.10 ? 109 LEU A CB  1 
ATOM   818  C  CG  . LEU A 1 103 ? 11.253  12.272  10.740  1.00 45.78 ? 109 LEU A CG  1 
ATOM   819  C  CD1 . LEU A 1 103 ? 10.319  11.504  11.664  1.00 44.81 ? 109 LEU A CD1 1 
ATOM   820  C  CD2 . LEU A 1 103 ? 10.911  11.987  9.285   1.00 44.69 ? 109 LEU A CD2 1 
ATOM   821  N  N   . GLU A 1 104 ? 12.056  16.716  11.484  1.00 55.42 ? 110 GLU A N   1 
ATOM   822  C  CA  . GLU A 1 104 ? 11.719  18.081  11.862  1.00 59.90 ? 110 GLU A CA  1 
ATOM   823  C  C   . GLU A 1 104 ? 12.328  19.119  10.920  1.00 61.56 ? 110 GLU A C   1 
ATOM   824  O  O   . GLU A 1 104 ? 11.835  20.242  10.833  1.00 61.37 ? 110 GLU A O   1 
ATOM   825  C  CB  . GLU A 1 104 ? 12.146  18.341  13.310  1.00 62.15 ? 110 GLU A CB  1 
ATOM   826  C  CG  . GLU A 1 104 ? 11.601  17.297  14.280  1.00 65.09 ? 110 GLU A CG  1 
ATOM   827  C  CD  . GLU A 1 104 ? 11.452  17.814  15.697  1.00 67.52 ? 110 GLU A CD  1 
ATOM   828  O  OE1 . GLU A 1 104 ? 12.438  18.347  16.251  1.00 69.08 ? 110 GLU A OE1 1 
ATOM   829  O  OE2 . GLU A 1 104 ? 10.342  17.678  16.260  1.00 69.03 ? 110 GLU A OE2 1 
ATOM   830  N  N   . GLU A 1 105 ? 13.391  18.744  10.212  1.00 64.19 ? 111 GLU A N   1 
ATOM   831  C  CA  . GLU A 1 105 ? 14.028  19.656  9.263   1.00 66.93 ? 111 GLU A CA  1 
ATOM   832  C  C   . GLU A 1 105 ? 13.085  19.857  8.083   1.00 68.71 ? 111 GLU A C   1 
ATOM   833  O  O   . GLU A 1 105 ? 13.248  20.782  7.287   1.00 69.08 ? 111 GLU A O   1 
ATOM   834  C  CB  . GLU A 1 105 ? 15.358  19.086  8.762   1.00 68.15 ? 111 GLU A CB  1 
ATOM   835  C  CG  . GLU A 1 105 ? 16.440  18.995  9.825   1.00 69.60 ? 111 GLU A CG  1 
ATOM   836  C  CD  . GLU A 1 105 ? 17.740  18.422  9.288   1.00 69.82 ? 111 GLU A CD  1 
ATOM   837  O  OE1 . GLU A 1 105 ? 17.720  17.298  8.744   1.00 70.14 ? 111 GLU A OE1 1 
ATOM   838  O  OE2 . GLU A 1 105 ? 18.785  19.096  9.412   1.00 70.01 ? 111 GLU A OE2 1 
ATOM   839  N  N   . VAL A 1 106 ? 12.100  18.971  7.982   1.00 70.53 ? 112 VAL A N   1 
ATOM   840  C  CA  . VAL A 1 106 ? 11.109  19.034  6.919   1.00 71.93 ? 112 VAL A CA  1 
ATOM   841  C  C   . VAL A 1 106 ? 9.906   19.818  7.430   1.00 73.47 ? 112 VAL A C   1 
ATOM   842  O  O   . VAL A 1 106 ? 9.319   20.620  6.702   1.00 73.52 ? 112 VAL A O   1 
ATOM   843  C  CB  . VAL A 1 106 ? 10.646  17.621  6.506   1.00 71.68 ? 112 VAL A CB  1 
ATOM   844  C  CG1 . VAL A 1 106 ? 9.625   17.712  5.383   1.00 71.45 ? 112 VAL A CG1 1 
ATOM   845  C  CG2 . VAL A 1 106 ? 11.843  16.791  6.074   1.00 71.31 ? 112 VAL A CG2 1 
ATOM   846  N  N   . LYS A 1 107 ? 9.551   19.580  8.691   1.00 75.62 ? 113 LYS A N   1 
ATOM   847  C  CA  . LYS A 1 107 ? 8.424   20.256  9.325   1.00 77.98 ? 113 LYS A CA  1 
ATOM   848  C  C   . LYS A 1 107 ? 8.522   21.774  9.207   1.00 78.92 ? 113 LYS A C   1 
ATOM   849  O  O   . LYS A 1 107 ? 7.524   22.451  8.957   1.00 79.24 ? 113 LYS A O   1 
ATOM   850  C  CB  . LYS A 1 107 ? 8.338   19.866  10.804  1.00 77.53 ? 113 LYS A CB  1 
ATOM   851  C  CG  . LYS A 1 107 ? 7.613   18.553  11.068  1.00 78.41 ? 113 LYS A CG  1 
ATOM   852  C  CD  . LYS A 1 107 ? 6.123   18.679  10.772  1.00 78.80 ? 113 LYS A CD  1 
ATOM   853  C  CE  . LYS A 1 107 ? 5.373   17.400  11.124  1.00 79.48 ? 113 LYS A CE  1 
ATOM   854  N  NZ  . LYS A 1 107 ? 3.908   17.509  10.866  1.00 77.41 ? 113 LYS A NZ  1 
ATOM   855  N  N   . ALA A 1 108 ? 9.729   22.301  9.387   1.00 80.49 ? 114 ALA A N   1 
ATOM   856  C  CA  . ALA A 1 108 ? 9.962   23.738  9.306   1.00 81.60 ? 114 ALA A CA  1 
ATOM   857  C  C   . ALA A 1 108 ? 9.766   24.276  7.888   1.00 82.17 ? 114 ALA A C   1 
ATOM   858  O  O   . ALA A 1 108 ? 9.588   25.480  7.690   1.00 81.99 ? 114 ALA A O   1 
ATOM   859  C  CB  . ALA A 1 108 ? 11.369  24.063  9.797   1.00 80.77 ? 114 ALA A CB  1 
ATOM   860  N  N   . SER A 1 109 ? 9.798   23.379  6.904   1.00 82.36 ? 115 SER A N   1 
ATOM   861  C  CA  . SER A 1 109 ? 9.631   23.769  5.506   1.00 82.64 ? 115 SER A CA  1 
ATOM   862  C  C   . SER A 1 109 ? 8.789   22.762  4.722   1.00 82.45 ? 115 SER A C   1 
ATOM   863  O  O   . SER A 1 109 ? 9.299   22.223  3.717   1.00 83.00 ? 115 SER A O   1 
ATOM   864  C  CB  . SER A 1 109 ? 11.003  23.922  4.845   1.00 82.07 ? 115 SER A CB  1 
ATOM   865  O  OG  . SER A 1 109 ? 11.778  22.746  5.002   1.00 83.41 ? 115 SER A OG  1 
ATOM   866  O  OXT . SER A 1 109 ? 7.626   22.530  5.119   1.00 81.32 ? 115 SER A OXT 1 
ATOM   867  N  N   . MET B 2 1   ? -17.039 -7.505  -16.478 1.00 50.05 ? 1   MET B N   1 
ATOM   868  C  CA  . MET B 2 1   ? -16.392 -7.752  -15.154 1.00 51.29 ? 1   MET B CA  1 
ATOM   869  C  C   . MET B 2 1   ? -17.348 -7.331  -14.038 1.00 51.52 ? 1   MET B C   1 
ATOM   870  O  O   . MET B 2 1   ? -17.524 -6.141  -13.779 1.00 51.33 ? 1   MET B O   1 
ATOM   871  C  CB  . MET B 2 1   ? -15.089 -6.949  -15.056 1.00 52.38 ? 1   MET B CB  1 
ATOM   872  C  CG  . MET B 2 1   ? -14.205 -7.280  -13.857 1.00 53.45 ? 1   MET B CG  1 
ATOM   873  S  SD  . MET B 2 1   ? -13.353 -8.867  -14.012 1.00 55.60 ? 1   MET B SD  1 
ATOM   874  C  CE  . MET B 2 1   ? -12.056 -8.432  -15.178 1.00 54.46 ? 1   MET B CE  1 
ATOM   875  N  N   . ASN B 2 2   ? -17.971 -8.306  -13.383 1.00 50.24 ? 2   ASN B N   1 
ATOM   876  C  CA  . ASN B 2 2   ? -18.904 -8.012  -12.298 1.00 48.67 ? 2   ASN B CA  1 
ATOM   877  C  C   . ASN B 2 2   ? -18.688 -8.936  -11.114 1.00 47.04 ? 2   ASN B C   1 
ATOM   878  O  O   . ASN B 2 2   ? -18.096 -10.004 -11.252 1.00 45.66 ? 2   ASN B O   1 
ATOM   879  C  CB  . ASN B 2 2   ? -20.353 -8.166  -12.768 1.00 51.53 ? 2   ASN B CB  1 
ATOM   880  C  CG  . ASN B 2 2   ? -20.707 -7.225  -13.899 1.00 53.08 ? 2   ASN B CG  1 
ATOM   881  O  OD1 . ASN B 2 2   ? -20.299 -7.426  -15.045 1.00 54.13 ? 2   ASN B OD1 1 
ATOM   882  N  ND2 . ASN B 2 2   ? -21.464 -6.181  -13.580 1.00 52.36 ? 2   ASN B ND2 1 
ATOM   883  N  N   . VAL B 2 3   ? -19.174 -8.516  -9.951  1.00 45.48 ? 3   VAL B N   1 
ATOM   884  C  CA  . VAL B 2 3   ? -19.057 -9.328  -8.748  1.00 44.67 ? 3   VAL B CA  1 
ATOM   885  C  C   . VAL B 2 3   ? -19.758 -10.654 -9.022  1.00 44.39 ? 3   VAL B C   1 
ATOM   886  O  O   . VAL B 2 3   ? -20.850 -10.677 -9.588  1.00 43.59 ? 3   VAL B O   1 
ATOM   887  C  CB  . VAL B 2 3   ? -19.732 -8.640  -7.541  1.00 44.79 ? 3   VAL B CB  1 
ATOM   888  C  CG1 . VAL B 2 3   ? -19.757 -9.583  -6.346  1.00 43.96 ? 3   VAL B CG1 1 
ATOM   889  C  CG2 . VAL B 2 3   ? -18.980 -7.363  -7.187  1.00 44.49 ? 3   VAL B CG2 1 
ATOM   890  N  N   . GLY B 2 4   ? -19.121 -11.752 -8.632  1.00 43.73 ? 4   GLY B N   1 
ATOM   891  C  CA  . GLY B 2 4   ? -19.707 -13.059 -8.854  1.00 41.84 ? 4   GLY B CA  1 
ATOM   892  C  C   . GLY B 2 4   ? -19.047 -13.814 -9.989  1.00 41.79 ? 4   GLY B C   1 
ATOM   893  O  O   . GLY B 2 4   ? -19.041 -15.046 -9.997  1.00 40.88 ? 4   GLY B O   1 
ATOM   894  N  N   . ASP B 2 5   ? -18.487 -13.084 -10.951 1.00 40.36 ? 5   ASP B N   1 
ATOM   895  C  CA  . ASP B 2 5   ? -17.825 -13.713 -12.084 1.00 40.68 ? 5   ASP B CA  1 
ATOM   896  C  C   . ASP B 2 5   ? -16.637 -14.558 -11.637 1.00 39.86 ? 5   ASP B C   1 
ATOM   897  O  O   . ASP B 2 5   ? -15.940 -14.214 -10.683 1.00 40.11 ? 5   ASP B O   1 
ATOM   898  C  CB  . ASP B 2 5   ? -17.332 -12.661 -13.087 1.00 43.02 ? 5   ASP B CB  1 
ATOM   899  C  CG  . ASP B 2 5   ? -18.466 -11.976 -13.833 1.00 45.20 ? 5   ASP B CG  1 
ATOM   900  O  OD1 . ASP B 2 5   ? -19.395 -12.672 -14.286 1.00 47.41 ? 5   ASP B OD1 1 
ATOM   901  O  OD2 . ASP B 2 5   ? -18.421 -10.739 -13.983 1.00 48.45 ? 5   ASP B OD2 1 
ATOM   902  N  N   . ARG B 2 6   ? -16.420 -15.667 -12.334 1.00 37.64 ? 6   ARG B N   1 
ATOM   903  C  CA  . ARG B 2 6   ? -15.309 -16.563 -12.042 1.00 37.88 ? 6   ARG B CA  1 
ATOM   904  C  C   . ARG B 2 6   ? -14.155 -16.131 -12.939 1.00 36.64 ? 6   ARG B C   1 
ATOM   905  O  O   . ARG B 2 6   ? -14.313 -16.036 -14.158 1.00 36.36 ? 6   ARG B O   1 
ATOM   906  C  CB  . ARG B 2 6   ? -15.712 -18.010 -12.338 1.00 43.25 ? 6   ARG B CB  1 
ATOM   907  C  CG  . ARG B 2 6   ? -16.671 -18.596 -11.302 1.00 47.76 ? 6   ARG B CG  1 
ATOM   908  C  CD  . ARG B 2 6   ? -17.527 -19.733 -11.864 1.00 53.13 ? 6   ARG B CD  1 
ATOM   909  N  NE  . ARG B 2 6   ? -16.772 -20.658 -12.708 1.00 57.77 ? 6   ARG B NE  1 
ATOM   910  C  CZ  . ARG B 2 6   ? -16.804 -20.651 -14.039 1.00 61.11 ? 6   ARG B CZ  1 
ATOM   911  N  NH1 . ARG B 2 6   ? -17.557 -19.766 -14.682 1.00 63.39 ? 6   ARG B NH1 1 
ATOM   912  N  NH2 . ARG B 2 6   ? -16.081 -21.526 -14.727 1.00 62.46 ? 6   ARG B NH2 1 
ATOM   913  N  N   . VAL B 2 7   ? -12.999 -15.861 -12.341 1.00 34.39 ? 7   VAL B N   1 
ATOM   914  C  CA  . VAL B 2 7   ? -11.853 -15.411 -13.117 1.00 31.84 ? 7   VAL B CA  1 
ATOM   915  C  C   . VAL B 2 7   ? -10.572 -16.173 -12.840 1.00 32.00 ? 7   VAL B C   1 
ATOM   916  O  O   . VAL B 2 7   ? -10.412 -16.813 -11.795 1.00 30.69 ? 7   VAL B O   1 
ATOM   917  C  CB  . VAL B 2 7   ? -11.563 -13.908 -12.874 1.00 32.53 ? 7   VAL B CB  1 
ATOM   918  C  CG1 . VAL B 2 7   ? -12.772 -13.072 -13.247 1.00 31.73 ? 7   VAL B CG1 1 
ATOM   919  C  CG2 . VAL B 2 7   ? -11.191 -13.681 -11.419 1.00 30.18 ? 7   VAL B CG2 1 
ATOM   920  N  N   . ARG B 2 8   ? -9.655  -16.089 -13.794 1.00 30.28 ? 8   ARG B N   1 
ATOM   921  C  CA  . ARG B 2 8   ? -8.362  -16.737 -13.671 1.00 29.72 ? 8   ARG B CA  1 
ATOM   922  C  C   . ARG B 2 8   ? -7.299  -15.650 -13.782 1.00 28.54 ? 8   ARG B C   1 
ATOM   923  O  O   . ARG B 2 8   ? -7.446  -14.715 -14.574 1.00 27.54 ? 8   ARG B O   1 
ATOM   924  C  CB  . ARG B 2 8   ? -8.170  -17.765 -14.790 1.00 30.72 ? 8   ARG B CB  1 
ATOM   925  C  CG  . ARG B 2 8   ? -6.810  -18.458 -14.773 1.00 32.06 ? 8   ARG B CG  1 
ATOM   926  C  CD  . ARG B 2 8   ? -6.682  -19.465 -15.911 1.00 35.64 ? 8   ARG B CD  1 
ATOM   927  N  NE  . ARG B 2 8   ? -7.808  -20.394 -15.939 1.00 35.94 ? 8   ARG B NE  1 
ATOM   928  C  CZ  . ARG B 2 8   ? -8.581  -20.592 -17.001 1.00 36.19 ? 8   ARG B CZ  1 
ATOM   929  N  NH1 . ARG B 2 8   ? -8.345  -19.931 -18.126 1.00 33.94 ? 8   ARG B NH1 1 
ATOM   930  N  NH2 . ARG B 2 8   ? -9.601  -21.436 -16.934 1.00 35.41 ? 8   ARG B NH2 1 
ATOM   931  N  N   . VAL B 2 9   ? -6.245  -15.758 -12.976 1.00 26.01 ? 9   VAL B N   1 
ATOM   932  C  CA  . VAL B 2 9   ? -5.160  -14.787 -13.033 1.00 27.13 ? 9   VAL B CA  1 
ATOM   933  C  C   . VAL B 2 9   ? -4.392  -15.154 -14.293 1.00 28.52 ? 9   VAL B C   1 
ATOM   934  O  O   . VAL B 2 9   ? -3.813  -16.235 -14.381 1.00 27.22 ? 9   VAL B O   1 
ATOM   935  C  CB  . VAL B 2 9   ? -4.229  -14.892 -11.806 1.00 26.89 ? 9   VAL B CB  1 
ATOM   936  C  CG1 . VAL B 2 9   ? -3.154  -13.836 -11.883 1.00 25.54 ? 9   VAL B CG1 1 
ATOM   937  C  CG2 . VAL B 2 9   ? -5.034  -14.718 -10.522 1.00 26.48 ? 9   VAL B CG2 1 
ATOM   938  N  N   . THR B 2 10  ? -4.414  -14.255 -15.273 1.00 28.89 ? 10  THR B N   1 
ATOM   939  C  CA  . THR B 2 10  ? -3.757  -14.496 -16.553 1.00 29.87 ? 10  THR B CA  1 
ATOM   940  C  C   . THR B 2 10  ? -2.515  -13.642 -16.778 1.00 31.01 ? 10  THR B C   1 
ATOM   941  O  O   . THR B 2 10  ? -2.038  -13.514 -17.906 1.00 31.75 ? 10  THR B O   1 
ATOM   942  C  CB  . THR B 2 10  ? -4.750  -14.269 -17.710 1.00 30.74 ? 10  THR B CB  1 
ATOM   943  O  OG1 . THR B 2 10  ? -5.442  -13.030 -17.509 1.00 32.50 ? 10  THR B OG1 1 
ATOM   944  C  CG2 . THR B 2 10  ? -5.772  -15.412 -17.769 1.00 31.86 ? 10  THR B CG2 1 
ATOM   945  N  N   . SER B 2 11  ? -2.006  -13.059 -15.696 1.00 31.61 ? 11  SER B N   1 
ATOM   946  C  CA  . SER B 2 11  ? -0.804  -12.229 -15.729 1.00 32.25 ? 11  SER B CA  1 
ATOM   947  C  C   . SER B 2 11  ? 0.030   -12.539 -14.496 1.00 31.97 ? 11  SER B C   1 
ATOM   948  O  O   . SER B 2 11  ? -0.470  -13.105 -13.519 1.00 31.70 ? 11  SER B O   1 
ATOM   949  C  CB  . SER B 2 11  ? -1.156  -10.735 -15.709 1.00 33.68 ? 11  SER B CB  1 
ATOM   950  O  OG  . SER B 2 11  ? -1.758  -10.312 -16.916 1.00 35.88 ? 11  SER B OG  1 
ATOM   951  N  N   . SER B 2 12  ? 1.302   -12.165 -14.533 1.00 30.39 ? 12  SER B N   1 
ATOM   952  C  CA  . SER B 2 12  ? 2.166   -12.394 -13.390 1.00 29.43 ? 12  SER B CA  1 
ATOM   953  C  C   . SER B 2 12  ? 1.796   -11.402 -12.290 1.00 27.72 ? 12  SER B C   1 
ATOM   954  O  O   . SER B 2 12  ? 1.820   -10.191 -12.500 1.00 29.41 ? 12  SER B O   1 
ATOM   955  C  CB  . SER B 2 12  ? 3.637   -12.205 -13.775 1.00 30.21 ? 12  SER B CB  1 
ATOM   956  O  OG  . SER B 2 12  ? 4.472   -12.375 -12.644 1.00 31.68 ? 12  SER B OG  1 
ATOM   957  N  N   . VAL B 2 13  ? 1.428   -11.929 -11.131 1.00 25.82 ? 13  VAL B N   1 
ATOM   958  C  CA  . VAL B 2 13  ? 1.074   -11.110 -9.983  1.00 27.19 ? 13  VAL B CA  1 
ATOM   959  C  C   . VAL B 2 13  ? 1.777   -11.717 -8.776  1.00 26.15 ? 13  VAL B C   1 
ATOM   960  O  O   . VAL B 2 13  ? 1.386   -12.774 -8.292  1.00 28.69 ? 13  VAL B O   1 
ATOM   961  C  CB  . VAL B 2 13  ? -0.450  -11.111 -9.741  1.00 25.75 ? 13  VAL B CB  1 
ATOM   962  C  CG1 . VAL B 2 13  ? -0.772  -10.345 -8.464  1.00 27.57 ? 13  VAL B CG1 1 
ATOM   963  C  CG2 . VAL B 2 13  ? -1.169  -10.483 -10.934 1.00 30.07 ? 13  VAL B CG2 1 
ATOM   964  N  N   . VAL B 2 14  ? 2.824   -11.057 -8.294  1.00 28.29 ? 14  VAL B N   1 
ATOM   965  C  CA  . VAL B 2 14  ? 3.563   -11.585 -7.153  1.00 27.64 ? 14  VAL B CA  1 
ATOM   966  C  C   . VAL B 2 14  ? 3.138   -10.938 -5.841  1.00 27.85 ? 14  VAL B C   1 
ATOM   967  O  O   . VAL B 2 14  ? 3.271   -9.726  -5.665  1.00 27.12 ? 14  VAL B O   1 
ATOM   968  C  CB  . VAL B 2 14  ? 5.083   -11.404 -7.352  1.00 30.13 ? 14  VAL B CB  1 
ATOM   969  C  CG1 . VAL B 2 14  ? 5.836   -12.004 -6.174  1.00 31.00 ? 14  VAL B CG1 1 
ATOM   970  C  CG2 . VAL B 2 14  ? 5.516   -12.082 -8.649  1.00 31.90 ? 14  VAL B CG2 1 
ATOM   971  N  N   . VAL B 2 15  ? 2.623   -11.753 -4.923  1.00 28.16 ? 15  VAL B N   1 
ATOM   972  C  CA  . VAL B 2 15  ? 2.166   -11.251 -3.625  1.00 29.99 ? 15  VAL B CA  1 
ATOM   973  C  C   . VAL B 2 15  ? 2.968   -11.825 -2.454  1.00 31.40 ? 15  VAL B C   1 
ATOM   974  O  O   . VAL B 2 15  ? 3.668   -12.828 -2.600  1.00 32.08 ? 15  VAL B O   1 
ATOM   975  C  CB  . VAL B 2 15  ? 0.678   -11.576 -3.394  1.00 28.47 ? 15  VAL B CB  1 
ATOM   976  C  CG1 . VAL B 2 15  ? -0.174  -10.953 -4.499  1.00 27.97 ? 15  VAL B CG1 1 
ATOM   977  C  CG2 . VAL B 2 15  ? 0.479   -13.081 -3.356  1.00 28.57 ? 15  VAL B CG2 1 
ATOM   978  N  N   . TYR B 2 16  ? 2.838   -11.200 -1.287  1.00 31.14 ? 16  TYR B N   1 
ATOM   979  C  CA  . TYR B 2 16  ? 3.567   -11.634 -0.101  1.00 33.56 ? 16  TYR B CA  1 
ATOM   980  C  C   . TYR B 2 16  ? 2.672   -11.995 1.073   1.00 34.75 ? 16  TYR B C   1 
ATOM   981  O  O   . TYR B 2 16  ? 3.165   -12.258 2.174   1.00 35.69 ? 16  TYR B O   1 
ATOM   982  C  CB  . TYR B 2 16  ? 4.553   -10.541 0.333   1.00 33.10 ? 16  TYR B CB  1 
ATOM   983  C  CG  . TYR B 2 16  ? 5.621   -10.256 -0.690  1.00 34.11 ? 16  TYR B CG  1 
ATOM   984  C  CD1 . TYR B 2 16  ? 5.337   -9.520  -1.839  1.00 34.22 ? 16  TYR B CD1 1 
ATOM   985  C  CD2 . TYR B 2 16  ? 6.912   -10.772 -0.537  1.00 34.40 ? 16  TYR B CD2 1 
ATOM   986  C  CE1 . TYR B 2 16  ? 6.310   -9.305  -2.817  1.00 35.34 ? 16  TYR B CE1 1 
ATOM   987  C  CE2 . TYR B 2 16  ? 7.891   -10.565 -1.508  1.00 35.59 ? 16  TYR B CE2 1 
ATOM   988  C  CZ  . TYR B 2 16  ? 7.583   -9.834  -2.642  1.00 35.24 ? 16  TYR B CZ  1 
ATOM   989  O  OH  . TYR B 2 16  ? 8.539   -9.642  -3.612  1.00 37.96 ? 16  TYR B OH  1 
ATOM   990  N  N   . HIS B 2 17  ? 1.363   -12.028 0.840   1.00 35.76 ? 17  HIS B N   1 
ATOM   991  C  CA  . HIS B 2 17  ? 0.412   -12.333 1.901   1.00 36.60 ? 17  HIS B CA  1 
ATOM   992  C  C   . HIS B 2 17  ? -0.333  -13.650 1.722   1.00 37.88 ? 17  HIS B C   1 
ATOM   993  O  O   . HIS B 2 17  ? -1.367  -13.863 2.350   1.00 39.57 ? 17  HIS B O   1 
ATOM   994  C  CB  . HIS B 2 17  ? -0.601  -11.189 2.031   1.00 34.70 ? 17  HIS B CB  1 
ATOM   995  C  CG  . HIS B 2 17  ? -1.524  -11.061 0.858   1.00 35.08 ? 17  HIS B CG  1 
ATOM   996  N  ND1 . HIS B 2 17  ? -1.074  -11.035 -0.444  1.00 32.73 ? 17  HIS B ND1 1 
ATOM   997  C  CD2 . HIS B 2 17  ? -2.871  -10.935 0.792   1.00 31.89 ? 17  HIS B CD2 1 
ATOM   998  C  CE1 . HIS B 2 17  ? -2.103  -10.899 -1.262  1.00 33.20 ? 17  HIS B CE1 1 
ATOM   999  N  NE2 . HIS B 2 17  ? -3.206  -10.834 -0.537  1.00 31.08 ? 17  HIS B NE2 1 
ATOM   1000 N  N   . HIS B 2 18  ? 0.172   -14.531 0.868   1.00 41.38 ? 18  HIS B N   1 
ATOM   1001 C  CA  . HIS B 2 18  ? -0.494  -15.811 0.663   1.00 43.42 ? 18  HIS B CA  1 
ATOM   1002 C  C   . HIS B 2 18  ? -0.324  -16.662 1.922   1.00 45.29 ? 18  HIS B C   1 
ATOM   1003 O  O   . HIS B 2 18  ? 0.782   -16.786 2.450   1.00 44.33 ? 18  HIS B O   1 
ATOM   1004 C  CB  . HIS B 2 18  ? 0.091   -16.537 -0.550  1.00 44.44 ? 18  HIS B CB  1 
ATOM   1005 C  CG  . HIS B 2 18  ? -0.771  -17.657 -1.046  1.00 47.36 ? 18  HIS B CG  1 
ATOM   1006 N  ND1 . HIS B 2 18  ? -1.048  -18.775 -0.288  1.00 48.86 ? 18  HIS B ND1 1 
ATOM   1007 C  CD2 . HIS B 2 18  ? -1.453  -17.810 -2.205  1.00 48.39 ? 18  HIS B CD2 1 
ATOM   1008 C  CE1 . HIS B 2 18  ? -1.867  -19.566 -0.957  1.00 49.69 ? 18  HIS B CE1 1 
ATOM   1009 N  NE2 . HIS B 2 18  ? -2.129  -19.005 -2.124  1.00 48.86 ? 18  HIS B NE2 1 
ATOM   1010 N  N   . PRO B 2 19  ? -1.424  -17.255 2.419   1.00 46.93 ? 19  PRO B N   1 
ATOM   1011 C  CA  . PRO B 2 19  ? -1.443  -18.100 3.620   1.00 49.58 ? 19  PRO B CA  1 
ATOM   1012 C  C   . PRO B 2 19  ? -0.305  -19.111 3.721   1.00 51.62 ? 19  PRO B C   1 
ATOM   1013 O  O   . PRO B 2 19  ? 0.352   -19.213 4.758   1.00 51.99 ? 19  PRO B O   1 
ATOM   1014 C  CB  . PRO B 2 19  ? -2.805  -18.778 3.536   1.00 49.00 ? 19  PRO B CB  1 
ATOM   1015 C  CG  . PRO B 2 19  ? -3.650  -17.715 2.914   1.00 48.00 ? 19  PRO B CG  1 
ATOM   1016 C  CD  . PRO B 2 19  ? -2.763  -17.208 1.804   1.00 47.90 ? 19  PRO B CD  1 
ATOM   1017 N  N   . GLU B 2 20  ? -0.074  -19.857 2.646   1.00 53.19 ? 20  GLU B N   1 
ATOM   1018 C  CA  . GLU B 2 20  ? 0.978   -20.862 2.636   1.00 55.84 ? 20  GLU B CA  1 
ATOM   1019 C  C   . GLU B 2 20  ? 2.307   -20.312 2.134   1.00 55.54 ? 20  GLU B C   1 
ATOM   1020 O  O   . GLU B 2 20  ? 3.238   -21.072 1.865   1.00 54.91 ? 20  GLU B O   1 
ATOM   1021 C  CB  . GLU B 2 20  ? 0.556   -22.053 1.774   1.00 59.68 ? 20  GLU B CB  1 
ATOM   1022 C  CG  . GLU B 2 20  ? -0.749  -22.688 2.213   1.00 65.39 ? 20  GLU B CG  1 
ATOM   1023 C  CD  . GLU B 2 20  ? -0.994  -24.027 1.550   1.00 68.92 ? 20  GLU B CD  1 
ATOM   1024 O  OE1 . GLU B 2 20  ? -0.209  -24.968 1.804   1.00 71.40 ? 20  GLU B OE1 1 
ATOM   1025 O  OE2 . GLU B 2 20  ? -1.966  -24.139 0.774   1.00 71.69 ? 20  GLU B OE2 1 
ATOM   1026 N  N   . HIS B 2 21  ? 2.389   -18.991 2.012   1.00 53.91 ? 21  HIS B N   1 
ATOM   1027 C  CA  . HIS B 2 21  ? 3.602   -18.333 1.538   1.00 52.24 ? 21  HIS B CA  1 
ATOM   1028 C  C   . HIS B 2 21  ? 3.751   -16.960 2.182   1.00 51.93 ? 21  HIS B C   1 
ATOM   1029 O  O   . HIS B 2 21  ? 4.306   -16.041 1.577   1.00 50.83 ? 21  HIS B O   1 
ATOM   1030 C  CB  . HIS B 2 21  ? 3.541   -18.165 0.018   1.00 53.09 ? 21  HIS B CB  1 
ATOM   1031 C  CG  . HIS B 2 21  ? 3.526   -19.457 -0.736  1.00 52.73 ? 21  HIS B CG  1 
ATOM   1032 N  ND1 . HIS B 2 21  ? 4.644   -20.251 -0.876  1.00 52.18 ? 21  HIS B ND1 1 
ATOM   1033 C  CD2 . HIS B 2 21  ? 2.528   -20.095 -1.392  1.00 52.82 ? 21  HIS B CD2 1 
ATOM   1034 C  CE1 . HIS B 2 21  ? 4.336   -21.320 -1.586  1.00 52.27 ? 21  HIS B CE1 1 
ATOM   1035 N  NE2 . HIS B 2 21  ? 3.058   -21.250 -1.912  1.00 53.37 ? 21  HIS B NE2 1 
ATOM   1036 N  N   . LYS B 2 22  ? 3.263   -16.819 3.410   1.00 51.57 ? 22  LYS B N   1 
ATOM   1037 C  CA  . LYS B 2 22  ? 3.330   -15.533 4.091   1.00 51.34 ? 22  LYS B CA  1 
ATOM   1038 C  C   . LYS B 2 22  ? 4.729   -14.934 4.183   1.00 50.33 ? 22  LYS B C   1 
ATOM   1039 O  O   . LYS B 2 22  ? 5.690   -15.609 4.550   1.00 50.02 ? 22  LYS B O   1 
ATOM   1040 C  CB  . LYS B 2 22  ? 2.693   -15.634 5.483   1.00 53.24 ? 22  LYS B CB  1 
ATOM   1041 C  CG  . LYS B 2 22  ? 2.848   -16.975 6.171   1.00 53.60 ? 22  LYS B CG  1 
ATOM   1042 C  CD  . LYS B 2 22  ? 2.008   -17.013 7.440   1.00 55.93 ? 22  LYS B CD  1 
ATOM   1043 C  CE  . LYS B 2 22  ? 1.977   -18.400 8.057   1.00 56.78 ? 22  LYS B CE  1 
ATOM   1044 N  NZ  . LYS B 2 22  ? 1.091   -18.437 9.254   1.00 59.77 ? 22  LYS B NZ  1 
ATOM   1045 N  N   . LYS B 2 23  ? 4.817   -13.656 3.822   1.00 49.08 ? 23  LYS B N   1 
ATOM   1046 C  CA  . LYS B 2 23  ? 6.059   -12.887 3.832   1.00 48.12 ? 23  LYS B CA  1 
ATOM   1047 C  C   . LYS B 2 23  ? 7.064   -13.269 2.752   1.00 46.95 ? 23  LYS B C   1 
ATOM   1048 O  O   . LYS B 2 23  ? 8.187   -12.765 2.744   1.00 46.32 ? 23  LYS B O   1 
ATOM   1049 C  CB  . LYS B 2 23  ? 6.733   -12.970 5.204   1.00 49.55 ? 23  LYS B CB  1 
ATOM   1050 C  CG  . LYS B 2 23  ? 6.060   -12.140 6.278   1.00 51.51 ? 23  LYS B CG  1 
ATOM   1051 C  CD  . LYS B 2 23  ? 6.963   -12.005 7.498   1.00 53.29 ? 23  LYS B CD  1 
ATOM   1052 C  CE  . LYS B 2 23  ? 6.427   -10.972 8.472   1.00 54.71 ? 23  LYS B CE  1 
ATOM   1053 N  NZ  . LYS B 2 23  ? 7.343   -10.776 9.631   1.00 56.38 ? 23  LYS B NZ  1 
ATOM   1054 N  N   . THR B 2 24  ? 6.667   -14.148 1.837   1.00 45.33 ? 24  THR B N   1 
ATOM   1055 C  CA  . THR B 2 24  ? 7.565   -14.573 0.768   1.00 43.76 ? 24  THR B CA  1 
ATOM   1056 C  C   . THR B 2 24  ? 6.889   -14.420 -0.591  1.00 42.40 ? 24  THR B C   1 
ATOM   1057 O  O   . THR B 2 24  ? 5.690   -14.650 -0.724  1.00 42.22 ? 24  THR B O   1 
ATOM   1058 C  CB  . THR B 2 24  ? 7.990   -16.046 0.949   1.00 45.26 ? 24  THR B CB  1 
ATOM   1059 O  OG1 . THR B 2 24  ? 6.904   -16.910 0.591   1.00 46.72 ? 24  THR B OG1 1 
ATOM   1060 C  CG2 . THR B 2 24  ? 8.370   -16.309 2.400   1.00 45.34 ? 24  THR B CG2 1 
ATOM   1061 N  N   . ALA B 2 25  ? 7.669   -14.035 -1.595  1.00 41.17 ? 25  ALA B N   1 
ATOM   1062 C  CA  . ALA B 2 25  ? 7.154   -13.832 -2.943  1.00 40.41 ? 25  ALA B CA  1 
ATOM   1063 C  C   . ALA B 2 25  ? 6.467   -15.069 -3.509  1.00 40.44 ? 25  ALA B C   1 
ATOM   1064 O  O   . ALA B 2 25  ? 7.015   -16.171 -3.470  1.00 41.36 ? 25  ALA B O   1 
ATOM   1065 C  CB  . ALA B 2 25  ? 8.282   -13.402 -3.866  1.00 40.41 ? 25  ALA B CB  1 
ATOM   1066 N  N   . PHE B 2 26  ? 5.261   -14.880 -4.037  1.00 39.30 ? 26  PHE B N   1 
ATOM   1067 C  CA  . PHE B 2 26  ? 4.502   -15.974 -4.630  1.00 37.89 ? 26  PHE B CA  1 
ATOM   1068 C  C   . PHE B 2 26  ? 3.697   -15.439 -5.813  1.00 37.59 ? 26  PHE B C   1 
ATOM   1069 O  O   . PHE B 2 26  ? 2.976   -14.447 -5.678  1.00 37.12 ? 26  PHE B O   1 
ATOM   1070 C  CB  . PHE B 2 26  ? 3.560   -16.592 -3.596  1.00 36.92 ? 26  PHE B CB  1 
ATOM   1071 C  CG  . PHE B 2 26  ? 2.827   -17.804 -4.094  1.00 38.21 ? 26  PHE B CG  1 
ATOM   1072 C  CD1 . PHE B 2 26  ? 3.530   -18.929 -4.518  1.00 39.42 ? 26  PHE B CD1 1 
ATOM   1073 C  CD2 . PHE B 2 26  ? 1.438   -17.824 -4.138  1.00 39.31 ? 26  PHE B CD2 1 
ATOM   1074 C  CE1 . PHE B 2 26  ? 2.856   -20.061 -4.978  1.00 40.92 ? 26  PHE B CE1 1 
ATOM   1075 C  CE2 . PHE B 2 26  ? 0.751   -18.951 -4.597  1.00 40.86 ? 26  PHE B CE2 1 
ATOM   1076 C  CZ  . PHE B 2 26  ? 1.462   -20.070 -5.016  1.00 40.90 ? 26  PHE B CZ  1 
ATOM   1077 N  N   . ASP B 2 27  ? 3.822   -16.094 -6.965  1.00 35.21 ? 27  ASP B N   1 
ATOM   1078 C  CA  . ASP B 2 27  ? 3.111   -15.663 -8.167  1.00 34.31 ? 27  ASP B CA  1 
ATOM   1079 C  C   . ASP B 2 27  ? 1.747   -16.346 -8.267  1.00 33.55 ? 27  ASP B C   1 
ATOM   1080 O  O   . ASP B 2 27  ? 1.658   -17.575 -8.315  1.00 33.64 ? 27  ASP B O   1 
ATOM   1081 C  CB  . ASP B 2 27  ? 3.942   -15.976 -9.415  1.00 33.91 ? 27  ASP B CB  1 
ATOM   1082 C  CG  . ASP B 2 27  ? 3.510   -15.163 -10.620 1.00 34.67 ? 27  ASP B CG  1 
ATOM   1083 O  OD1 . ASP B 2 27  ? 2.292   -14.940 -10.783 1.00 30.95 ? 27  ASP B OD1 1 
ATOM   1084 O  OD2 . ASP B 2 27  ? 4.387   -14.750 -11.412 1.00 34.65 ? 27  ASP B OD2 1 
ATOM   1085 N  N   . LEU B 2 28  ? 0.689   -15.541 -8.323  1.00 30.46 ? 28  LEU B N   1 
ATOM   1086 C  CA  . LEU B 2 28  ? -0.677  -16.055 -8.386  1.00 28.77 ? 28  LEU B CA  1 
ATOM   1087 C  C   . LEU B 2 28  ? -1.154  -16.496 -9.765  1.00 28.97 ? 28  LEU B C   1 
ATOM   1088 O  O   . LEU B 2 28  ? -2.224  -17.093 -9.887  1.00 29.66 ? 28  LEU B O   1 
ATOM   1089 C  CB  . LEU B 2 28  ? -1.655  -15.002 -7.843  1.00 28.33 ? 28  LEU B CB  1 
ATOM   1090 C  CG  . LEU B 2 28  ? -1.317  -14.416 -6.471  1.00 28.81 ? 28  LEU B CG  1 
ATOM   1091 C  CD1 . LEU B 2 28  ? -2.381  -13.398 -6.074  1.00 28.16 ? 28  LEU B CD1 1 
ATOM   1092 C  CD2 . LEU B 2 28  ? -1.221  -15.538 -5.440  1.00 28.84 ? 28  LEU B CD2 1 
ATOM   1093 N  N   . GLN B 2 29  ? -0.381  -16.197 -10.800 1.00 30.43 ? 29  GLN B N   1 
ATOM   1094 C  CA  . GLN B 2 29  ? -0.765  -16.569 -12.158 1.00 30.97 ? 29  GLN B CA  1 
ATOM   1095 C  C   . GLN B 2 29  ? -1.297  -17.997 -12.248 1.00 31.24 ? 29  GLN B C   1 
ATOM   1096 O  O   . GLN B 2 29  ? -0.685  -18.942 -11.741 1.00 30.41 ? 29  GLN B O   1 
ATOM   1097 C  CB  . GLN B 2 29  ? 0.421   -16.382 -13.106 1.00 32.92 ? 29  GLN B CB  1 
ATOM   1098 C  CG  . GLN B 2 29  ? 0.160   -16.812 -14.536 1.00 34.04 ? 29  GLN B CG  1 
ATOM   1099 C  CD  . GLN B 2 29  ? 0.847   -15.918 -15.552 1.00 35.15 ? 29  GLN B CD  1 
ATOM   1100 O  OE1 . GLN B 2 29  ? 1.932   -15.397 -15.304 1.00 38.22 ? 29  GLN B OE1 1 
ATOM   1101 N  NE2 . GLN B 2 29  ? 0.224   -15.753 -16.712 1.00 33.83 ? 29  GLN B NE2 1 
ATOM   1102 N  N   . GLY B 2 30  ? -2.454  -18.141 -12.885 1.00 30.92 ? 30  GLY B N   1 
ATOM   1103 C  CA  . GLY B 2 30  ? -3.059  -19.452 -13.043 1.00 29.91 ? 30  GLY B CA  1 
ATOM   1104 C  C   . GLY B 2 30  ? -4.149  -19.769 -12.037 1.00 29.05 ? 30  GLY B C   1 
ATOM   1105 O  O   . GLY B 2 30  ? -5.035  -20.586 -12.306 1.00 28.04 ? 30  GLY B O   1 
ATOM   1106 N  N   . MET B 2 31  ? -4.095  -19.130 -10.873 1.00 29.63 ? 31  MET B N   1 
ATOM   1107 C  CA  . MET B 2 31  ? -5.095  -19.373 -9.841  1.00 30.31 ? 31  MET B CA  1 
ATOM   1108 C  C   . MET B 2 31  ? -6.458  -18.868 -10.274 1.00 31.87 ? 31  MET B C   1 
ATOM   1109 O  O   . MET B 2 31  ? -6.568  -17.856 -10.964 1.00 31.75 ? 31  MET B O   1 
ATOM   1110 C  CB  . MET B 2 31  ? -4.682  -18.706 -8.530  1.00 30.72 ? 31  MET B CB  1 
ATOM   1111 C  CG  . MET B 2 31  ? -3.393  -19.268 -7.948  1.00 31.14 ? 31  MET B CG  1 
ATOM   1112 S  SD  . MET B 2 31  ? -2.971  -18.519 -6.374  1.00 34.15 ? 31  MET B SD  1 
ATOM   1113 C  CE  . MET B 2 31  ? -4.336  -19.084 -5.352  1.00 33.10 ? 31  MET B CE  1 
ATOM   1114 N  N   . GLU B 2 32  ? -7.496  -19.589 -9.870  1.00 32.17 ? 32  GLU B N   1 
ATOM   1115 C  CA  . GLU B 2 32  ? -8.862  -19.230 -10.215 1.00 34.00 ? 32  GLU B CA  1 
ATOM   1116 C  C   . GLU B 2 32  ? -9.643  -18.845 -8.967  1.00 34.02 ? 32  GLU B C   1 
ATOM   1117 O  O   . GLU B 2 32  ? -9.452  -19.426 -7.901  1.00 35.15 ? 32  GLU B O   1 
ATOM   1118 C  CB  . GLU B 2 32  ? -9.548  -20.408 -10.921 1.00 36.43 ? 32  GLU B CB  1 
ATOM   1119 C  CG  . GLU B 2 32  ? -9.073  -20.636 -12.351 1.00 40.25 ? 32  GLU B CG  1 
ATOM   1120 C  CD  . GLU B 2 32  ? -9.659  -21.890 -12.976 1.00 42.61 ? 32  GLU B CD  1 
ATOM   1121 O  OE1 . GLU B 2 32  ? -10.846 -22.186 -12.724 1.00 44.23 ? 32  GLU B OE1 1 
ATOM   1122 O  OE2 . GLU B 2 32  ? -8.935  -22.573 -13.733 1.00 45.07 ? 32  GLU B OE2 1 
ATOM   1123 N  N   . GLY B 2 33  ? -10.518 -17.858 -9.107  1.00 33.75 ? 33  GLY B N   1 
ATOM   1124 C  CA  . GLY B 2 33  ? -11.315 -17.408 -7.983  1.00 34.94 ? 33  GLY B CA  1 
ATOM   1125 C  C   . GLY B 2 33  ? -12.541 -16.673 -8.474  1.00 36.28 ? 33  GLY B C   1 
ATOM   1126 O  O   . GLY B 2 33  ? -12.847 -16.703 -9.667  1.00 36.53 ? 33  GLY B O   1 
ATOM   1127 N  N   . GLU B 2 34  ? -13.235 -16.001 -7.562  1.00 37.93 ? 34  GLU B N   1 
ATOM   1128 C  CA  . GLU B 2 34  ? -14.445 -15.263 -7.907  1.00 39.43 ? 34  GLU B CA  1 
ATOM   1129 C  C   . GLU B 2 34  ? -14.364 -13.795 -7.498  1.00 38.51 ? 34  GLU B C   1 
ATOM   1130 O  O   . GLU B 2 34  ? -13.919 -13.470 -6.395  1.00 38.24 ? 34  GLU B O   1 
ATOM   1131 C  CB  . GLU B 2 34  ? -15.654 -15.921 -7.237  1.00 44.36 ? 34  GLU B CB  1 
ATOM   1132 C  CG  . GLU B 2 34  ? -16.979 -15.226 -7.494  1.00 49.07 ? 34  GLU B CG  1 
ATOM   1133 C  CD  . GLU B 2 34  ? -18.143 -15.943 -6.833  1.00 52.96 ? 34  GLU B CD  1 
ATOM   1134 O  OE1 . GLU B 2 34  ? -18.341 -17.146 -7.120  1.00 53.90 ? 34  GLU B OE1 1 
ATOM   1135 O  OE2 . GLU B 2 34  ? -18.859 -15.306 -6.028  1.00 53.94 ? 34  GLU B OE2 1 
ATOM   1136 N  N   . VAL B 2 35  ? -14.800 -12.909 -8.388  1.00 37.36 ? 35  VAL B N   1 
ATOM   1137 C  CA  . VAL B 2 35  ? -14.774 -11.479 -8.102  1.00 37.29 ? 35  VAL B CA  1 
ATOM   1138 C  C   . VAL B 2 35  ? -15.682 -11.153 -6.919  1.00 38.90 ? 35  VAL B C   1 
ATOM   1139 O  O   . VAL B 2 35  ? -16.892 -11.385 -6.972  1.00 38.54 ? 35  VAL B O   1 
ATOM   1140 C  CB  . VAL B 2 35  ? -15.232 -10.658 -9.323  1.00 37.11 ? 35  VAL B CB  1 
ATOM   1141 C  CG1 . VAL B 2 35  ? -15.232 -9.173  -8.979  1.00 37.07 ? 35  VAL B CG1 1 
ATOM   1142 C  CG2 . VAL B 2 35  ? -14.315 -10.936 -10.508 1.00 35.79 ? 35  VAL B CG2 1 
ATOM   1143 N  N   . ALA B 2 36  ? -15.090 -10.611 -5.857  1.00 38.68 ? 36  ALA B N   1 
ATOM   1144 C  CA  . ALA B 2 36  ? -15.834 -10.256 -4.653  1.00 39.68 ? 36  ALA B CA  1 
ATOM   1145 C  C   . ALA B 2 36  ? -16.313 -8.812  -4.668  1.00 40.39 ? 36  ALA B C   1 
ATOM   1146 O  O   . ALA B 2 36  ? -17.305 -8.479  -4.021  1.00 41.43 ? 36  ALA B O   1 
ATOM   1147 C  CB  . ALA B 2 36  ? -14.975 -10.495 -3.419  1.00 39.22 ? 36  ALA B CB  1 
ATOM   1148 N  N   . ALA B 2 37  ? -15.602 -7.955  -5.395  1.00 39.35 ? 37  ALA B N   1 
ATOM   1149 C  CA  . ALA B 2 37  ? -15.965 -6.544  -5.478  1.00 38.93 ? 37  ALA B CA  1 
ATOM   1150 C  C   . ALA B 2 37  ? -15.150 -5.803  -6.536  1.00 40.60 ? 37  ALA B C   1 
ATOM   1151 O  O   . ALA B 2 37  ? -14.096 -6.274  -6.967  1.00 39.13 ? 37  ALA B O   1 
ATOM   1152 C  CB  . ALA B 2 37  ? -15.767 -5.881  -4.120  1.00 39.53 ? 37  ALA B CB  1 
ATOM   1153 N  N   . VAL B 2 38  ? -15.655 -4.644  -6.949  1.00 39.85 ? 38  VAL B N   1 
ATOM   1154 C  CA  . VAL B 2 38  ? -14.986 -3.794  -7.933  1.00 41.92 ? 38  VAL B CA  1 
ATOM   1155 C  C   . VAL B 2 38  ? -14.973 -2.378  -7.359  1.00 43.35 ? 38  VAL B C   1 
ATOM   1156 O  O   . VAL B 2 38  ? -15.942 -1.631  -7.497  1.00 42.72 ? 38  VAL B O   1 
ATOM   1157 C  CB  . VAL B 2 38  ? -15.730 -3.781  -9.281  1.00 41.01 ? 38  VAL B CB  1 
ATOM   1158 C  CG1 . VAL B 2 38  ? -14.996 -2.883  -10.265 1.00 41.18 ? 38  VAL B CG1 1 
ATOM   1159 C  CG2 . VAL B 2 38  ? -15.840 -5.192  -9.831  1.00 41.29 ? 38  VAL B CG2 1 
ATOM   1160 N  N   . LEU B 2 39  ? -13.866 -2.026  -6.715  1.00 45.13 ? 39  LEU B N   1 
ATOM   1161 C  CA  . LEU B 2 39  ? -13.693 -0.726  -6.066  1.00 47.60 ? 39  LEU B CA  1 
ATOM   1162 C  C   . LEU B 2 39  ? -13.530 0.465   -7.002  1.00 49.59 ? 39  LEU B C   1 
ATOM   1163 O  O   . LEU B 2 39  ? -12.413 0.926   -7.245  1.00 50.25 ? 39  LEU B O   1 
ATOM   1164 C  CB  . LEU B 2 39  ? -12.485 -0.786  -5.128  1.00 47.75 ? 39  LEU B CB  1 
ATOM   1165 C  CG  . LEU B 2 39  ? -12.406 -2.004  -4.202  1.00 48.16 ? 39  LEU B CG  1 
ATOM   1166 C  CD1 . LEU B 2 39  ? -11.134 -1.920  -3.372  1.00 48.67 ? 39  LEU B CD1 1 
ATOM   1167 C  CD2 . LEU B 2 39  ? -13.635 -2.063  -3.304  1.00 48.04 ? 39  LEU B CD2 1 
ATOM   1168 N  N   . THR B 2 40  ? -14.647 0.976   -7.507  1.00 51.46 ? 40  THR B N   1 
ATOM   1169 C  CA  . THR B 2 40  ? -14.626 2.124   -8.405  1.00 53.96 ? 40  THR B CA  1 
ATOM   1170 C  C   . THR B 2 40  ? -15.043 3.383   -7.654  1.00 55.71 ? 40  THR B C   1 
ATOM   1171 O  O   . THR B 2 40  ? -14.755 4.500   -8.084  1.00 56.34 ? 40  THR B O   1 
ATOM   1172 C  CB  . THR B 2 40  ? -15.580 1.920   -9.595  1.00 53.72 ? 40  THR B CB  1 
ATOM   1173 O  OG1 . THR B 2 40  ? -16.857 1.481   -9.116  1.00 55.06 ? 40  THR B OG1 1 
ATOM   1174 C  CG2 . THR B 2 40  ? -15.020 0.883   -10.551 1.00 55.17 ? 40  THR B CG2 1 
ATOM   1175 N  N   . GLU B 2 41  ? -15.719 3.195   -6.527  1.00 57.18 ? 41  GLU B N   1 
ATOM   1176 C  CA  . GLU B 2 41  ? -16.172 4.316   -5.715  1.00 59.13 ? 41  GLU B CA  1 
ATOM   1177 C  C   . GLU B 2 41  ? -16.667 3.872   -4.342  1.00 58.57 ? 41  GLU B C   1 
ATOM   1178 O  O   . GLU B 2 41  ? -16.885 2.685   -4.103  1.00 58.88 ? 41  GLU B O   1 
ATOM   1179 C  CB  . GLU B 2 41  ? -17.267 5.090   -6.464  1.00 63.13 ? 41  GLU B CB  1 
ATOM   1180 C  CG  . GLU B 2 41  ? -18.216 4.229   -7.289  1.00 66.63 ? 41  GLU B CG  1 
ATOM   1181 C  CD  . GLU B 2 41  ? -19.382 3.688   -6.487  1.00 69.48 ? 41  GLU B CD  1 
ATOM   1182 O  OE1 . GLU B 2 41  ? -19.149 3.099   -5.409  1.00 71.06 ? 41  GLU B OE1 1 
ATOM   1183 O  OE2 . GLU B 2 41  ? -20.537 3.847   -6.942  1.00 70.76 ? 41  GLU B OE2 1 
ATOM   1184 N  N   . TRP B 2 42  ? -16.820 4.832   -3.437  1.00 56.35 ? 42  TRP B N   1 
ATOM   1185 C  CA  . TRP B 2 42  ? -17.296 4.547   -2.090  1.00 53.82 ? 42  TRP B CA  1 
ATOM   1186 C  C   . TRP B 2 42  ? -18.621 5.276   -1.877  1.00 51.55 ? 42  TRP B C   1 
ATOM   1187 O  O   . TRP B 2 42  ? -18.668 6.507   -1.895  1.00 49.39 ? 42  TRP B O   1 
ATOM   1188 C  CB  . TRP B 2 42  ? -16.279 5.021   -1.048  1.00 56.06 ? 42  TRP B CB  1 
ATOM   1189 C  CG  . TRP B 2 42  ? -16.622 4.587   0.347   1.00 58.25 ? 42  TRP B CG  1 
ATOM   1190 C  CD1 . TRP B 2 42  ? -16.455 3.343   0.884   1.00 58.04 ? 42  TRP B CD1 1 
ATOM   1191 C  CD2 . TRP B 2 42  ? -17.243 5.382   1.364   1.00 60.01 ? 42  TRP B CD2 1 
ATOM   1192 N  NE1 . TRP B 2 42  ? -16.933 3.313   2.170   1.00 58.91 ? 42  TRP B NE1 1 
ATOM   1193 C  CE2 . TRP B 2 42  ? -17.423 4.551   2.492   1.00 60.02 ? 42  TRP B CE2 1 
ATOM   1194 C  CE3 . TRP B 2 42  ? -17.667 6.718   1.433   1.00 60.70 ? 42  TRP B CE3 1 
ATOM   1195 C  CZ2 . TRP B 2 42  ? -18.009 5.011   3.678   1.00 61.09 ? 42  TRP B CZ2 1 
ATOM   1196 C  CZ3 . TRP B 2 42  ? -18.251 7.176   2.612   1.00 61.60 ? 42  TRP B CZ3 1 
ATOM   1197 C  CH2 . TRP B 2 42  ? -18.416 6.321   3.718   1.00 61.36 ? 42  TRP B CH2 1 
ATOM   1198 N  N   . GLN B 2 43  ? -19.689 4.512   -1.673  1.00 48.73 ? 43  GLN B N   1 
ATOM   1199 C  CA  . GLN B 2 43  ? -21.017 5.079   -1.478  1.00 47.89 ? 43  GLN B CA  1 
ATOM   1200 C  C   . GLN B 2 43  ? -21.338 6.148   -2.523  1.00 46.49 ? 43  GLN B C   1 
ATOM   1201 O  O   . GLN B 2 43  ? -21.912 7.192   -2.209  1.00 45.55 ? 43  GLN B O   1 
ATOM   1202 C  CB  . GLN B 2 43  ? -21.152 5.667   -0.067  1.00 48.90 ? 43  GLN B CB  1 
ATOM   1203 C  CG  . GLN B 2 43  ? -21.157 4.622   1.042   1.00 50.74 ? 43  GLN B CG  1 
ATOM   1204 C  CD  . GLN B 2 43  ? -21.653 5.176   2.367   1.00 52.90 ? 43  GLN B CD  1 
ATOM   1205 O  OE1 . GLN B 2 43  ? -21.127 6.167   2.872   1.00 54.39 ? 43  GLN B OE1 1 
ATOM   1206 N  NE2 . GLN B 2 43  ? -22.672 4.539   2.935   1.00 52.73 ? 43  GLN B NE2 1 
ATOM   1207 N  N   . GLY B 2 44  ? -20.954 5.878   -3.769  1.00 45.11 ? 44  GLY B N   1 
ATOM   1208 C  CA  . GLY B 2 44  ? -21.222 6.810   -4.850  1.00 43.91 ? 44  GLY B CA  1 
ATOM   1209 C  C   . GLY B 2 44  ? -20.103 7.781   -5.171  1.00 43.55 ? 44  GLY B C   1 
ATOM   1210 O  O   . GLY B 2 44  ? -20.090 8.377   -6.250  1.00 42.60 ? 44  GLY B O   1 
ATOM   1211 N  N   . ARG B 2 45  ? -19.161 7.946   -4.248  1.00 42.32 ? 45  ARG B N   1 
ATOM   1212 C  CA  . ARG B 2 45  ? -18.047 8.867   -4.454  1.00 43.52 ? 45  ARG B CA  1 
ATOM   1213 C  C   . ARG B 2 45  ? -16.864 8.158   -5.102  1.00 42.54 ? 45  ARG B C   1 
ATOM   1214 O  O   . ARG B 2 45  ? -16.378 7.157   -4.589  1.00 42.33 ? 45  ARG B O   1 
ATOM   1215 C  CB  . ARG B 2 45  ? -17.622 9.476   -3.117  1.00 44.56 ? 45  ARG B CB  1 
ATOM   1216 C  CG  . ARG B 2 45  ? -18.767 10.143  -2.373  1.00 49.31 ? 45  ARG B CG  1 
ATOM   1217 C  CD  . ARG B 2 45  ? -18.402 10.479  -0.939  1.00 51.95 ? 45  ARG B CD  1 
ATOM   1218 N  NE  . ARG B 2 45  ? -19.567 10.949  -0.195  1.00 55.97 ? 45  ARG B NE  1 
ATOM   1219 C  CZ  . ARG B 2 45  ? -19.591 11.134  1.121   1.00 58.10 ? 45  ARG B CZ  1 
ATOM   1220 N  NH1 . ARG B 2 45  ? -18.509 10.889  1.849   1.00 59.25 ? 45  ARG B NH1 1 
ATOM   1221 N  NH2 . ARG B 2 45  ? -20.701 11.561  1.711   1.00 59.78 ? 45  ARG B NH2 1 
ATOM   1222 N  N   . PRO B 2 46  ? -16.381 8.677   -6.238  1.00 42.38 ? 46  PRO B N   1 
ATOM   1223 C  CA  . PRO B 2 46  ? -15.248 8.080   -6.954  1.00 41.90 ? 46  PRO B CA  1 
ATOM   1224 C  C   . PRO B 2 46  ? -13.981 7.942   -6.110  1.00 41.94 ? 46  PRO B C   1 
ATOM   1225 O  O   . PRO B 2 46  ? -13.562 8.890   -5.444  1.00 40.12 ? 46  PRO B O   1 
ATOM   1226 C  CB  . PRO B 2 46  ? -15.041 9.030   -8.133  1.00 42.89 ? 46  PRO B CB  1 
ATOM   1227 C  CG  . PRO B 2 46  ? -16.413 9.596   -8.365  1.00 44.44 ? 46  PRO B CG  1 
ATOM   1228 C  CD  . PRO B 2 46  ? -16.883 9.863   -6.955  1.00 43.84 ? 46  PRO B CD  1 
ATOM   1229 N  N   . ILE B 2 47  ? -13.385 6.753   -6.145  1.00 40.78 ? 47  ILE B N   1 
ATOM   1230 C  CA  . ILE B 2 47  ? -12.149 6.467   -5.420  1.00 41.10 ? 47  ILE B CA  1 
ATOM   1231 C  C   . ILE B 2 47  ? -11.091 6.100   -6.459  1.00 40.31 ? 47  ILE B C   1 
ATOM   1232 O  O   . ILE B 2 47  ? -11.427 5.695   -7.575  1.00 39.07 ? 47  ILE B O   1 
ATOM   1233 C  CB  . ILE B 2 47  ? -12.321 5.298   -4.420  1.00 41.42 ? 47  ILE B CB  1 
ATOM   1234 C  CG1 . ILE B 2 47  ? -12.874 4.068   -5.142  1.00 44.61 ? 47  ILE B CG1 1 
ATOM   1235 C  CG2 . ILE B 2 47  ? -13.229 5.725   -3.281  1.00 43.79 ? 47  ILE B CG2 1 
ATOM   1236 C  CD1 . ILE B 2 47  ? -13.012 2.839   -4.261  1.00 44.60 ? 47  ILE B CD1 1 
ATOM   1237 N  N   . SER B 2 48  ? -9.819  6.224   -6.094  1.00 39.49 ? 48  SER B N   1 
ATOM   1238 C  CA  . SER B 2 48  ? -8.745  5.951   -7.040  1.00 37.93 ? 48  SER B CA  1 
ATOM   1239 C  C   . SER B 2 48  ? -7.917  4.687   -6.832  1.00 35.69 ? 48  SER B C   1 
ATOM   1240 O  O   . SER B 2 48  ? -6.728  4.681   -7.146  1.00 34.78 ? 48  SER B O   1 
ATOM   1241 C  CB  . SER B 2 48  ? -7.800  7.153   -7.095  1.00 37.52 ? 48  SER B CB  1 
ATOM   1242 O  OG  . SER B 2 48  ? -7.136  7.330   -5.854  1.00 40.04 ? 48  SER B OG  1 
ATOM   1243 N  N   . ALA B 2 49  ? -8.528  3.624   -6.318  1.00 33.84 ? 49  ALA B N   1 
ATOM   1244 C  CA  . ALA B 2 49  ? -7.801  2.370   -6.113  1.00 32.76 ? 49  ALA B CA  1 
ATOM   1245 C  C   . ALA B 2 49  ? -7.273  1.899   -7.469  1.00 30.77 ? 49  ALA B C   1 
ATOM   1246 O  O   . ALA B 2 49  ? -8.030  1.839   -8.442  1.00 29.80 ? 49  ALA B O   1 
ATOM   1247 C  CB  . ALA B 2 49  ? -8.726  1.317   -5.520  1.00 32.76 ? 49  ALA B CB  1 
ATOM   1248 N  N   . ASN B 2 50  ? -5.983  1.567   -7.540  1.00 28.82 ? 50  ASN B N   1 
ATOM   1249 C  CA  . ASN B 2 50  ? -5.393  1.116   -8.800  1.00 27.64 ? 50  ASN B CA  1 
ATOM   1250 C  C   . ASN B 2 50  ? -5.423  -0.405  -9.007  1.00 27.00 ? 50  ASN B C   1 
ATOM   1251 O  O   . ASN B 2 50  ? -4.946  -0.901  -10.027 1.00 26.22 ? 50  ASN B O   1 
ATOM   1252 C  CB  . ASN B 2 50  ? -3.960  1.652   -8.949  1.00 27.85 ? 50  ASN B CB  1 
ATOM   1253 C  CG  . ASN B 2 50  ? -3.025  1.153   -7.865  1.00 27.35 ? 50  ASN B CG  1 
ATOM   1254 O  OD1 . ASN B 2 50  ? -3.415  0.379   -6.996  1.00 27.52 ? 50  ASN B OD1 1 
ATOM   1255 N  ND2 . ASN B 2 50  ? -1.776  1.601   -7.916  1.00 32.35 ? 50  ASN B ND2 1 
ATOM   1256 N  N   . LEU B 2 51  ? -5.983  -1.128  -8.036  1.00 25.28 ? 51  LEU B N   1 
ATOM   1257 C  CA  . LEU B 2 51  ? -6.162  -2.587  -8.092  1.00 25.59 ? 51  LEU B CA  1 
ATOM   1258 C  C   . LEU B 2 51  ? -7.589  -2.785  -7.555  1.00 27.54 ? 51  LEU B C   1 
ATOM   1259 O  O   . LEU B 2 51  ? -7.793  -3.383  -6.494  1.00 26.00 ? 51  LEU B O   1 
ATOM   1260 C  CB  . LEU B 2 51  ? -5.155  -3.306  -7.185  1.00 25.50 ? 51  LEU B CB  1 
ATOM   1261 C  CG  . LEU B 2 51  ? -3.668  -3.056  -7.483  1.00 24.90 ? 51  LEU B CG  1 
ATOM   1262 C  CD1 . LEU B 2 51  ? -2.806  -3.741  -6.429  1.00 24.37 ? 51  LEU B CD1 1 
ATOM   1263 C  CD2 . LEU B 2 51  ? -3.319  -3.579  -8.867  1.00 24.96 ? 51  LEU B CD2 1 
ATOM   1264 N  N   . PRO B 2 52  ? -8.594  -2.279  -8.298  1.00 29.45 ? 52  PRO B N   1 
ATOM   1265 C  CA  . PRO B 2 52  ? -10.027 -2.329  -7.977  1.00 31.31 ? 52  PRO B CA  1 
ATOM   1266 C  C   . PRO B 2 52  ? -10.741 -3.672  -7.924  1.00 31.57 ? 52  PRO B C   1 
ATOM   1267 O  O   . PRO B 2 52  ? -11.728 -3.818  -7.192  1.00 34.84 ? 52  PRO B O   1 
ATOM   1268 C  CB  . PRO B 2 52  ? -10.638 -1.406  -9.028  1.00 31.45 ? 52  PRO B CB  1 
ATOM   1269 C  CG  . PRO B 2 52  ? -9.798  -1.698  -10.217 1.00 32.72 ? 52  PRO B CG  1 
ATOM   1270 C  CD  . PRO B 2 52  ? -8.392  -1.690  -9.635  1.00 29.21 ? 52  PRO B CD  1 
ATOM   1271 N  N   . VAL B 2 53  ? -10.270 -4.644  -8.694  1.00 30.32 ? 53  VAL B N   1 
ATOM   1272 C  CA  . VAL B 2 53  ? -10.908 -5.957  -8.721  1.00 30.33 ? 53  VAL B CA  1 
ATOM   1273 C  C   . VAL B 2 53  ? -10.453 -6.850  -7.572  1.00 31.72 ? 53  VAL B C   1 
ATOM   1274 O  O   . VAL B 2 53  ? -9.346  -7.398  -7.594  1.00 31.00 ? 53  VAL B O   1 
ATOM   1275 C  CB  . VAL B 2 53  ? -10.625 -6.682  -10.055 1.00 30.24 ? 53  VAL B CB  1 
ATOM   1276 C  CG1 . VAL B 2 53  ? -11.419 -7.977  -10.132 1.00 29.39 ? 53  VAL B CG1 1 
ATOM   1277 C  CG2 . VAL B 2 53  ? -10.978 -5.774  -11.221 1.00 29.47 ? 53  VAL B CG2 1 
ATOM   1278 N  N   . LEU B 2 54  ? -11.307 -6.987  -6.562  1.00 29.23 ? 54  LEU B N   1 
ATOM   1279 C  CA  . LEU B 2 54  ? -11.000 -7.829  -5.411  1.00 30.11 ? 54  LEU B CA  1 
ATOM   1280 C  C   . LEU B 2 54  ? -11.485 -9.231  -5.737  1.00 30.50 ? 54  LEU B C   1 
ATOM   1281 O  O   . LEU B 2 54  ? -12.671 -9.441  -5.980  1.00 30.66 ? 54  LEU B O   1 
ATOM   1282 C  CB  . LEU B 2 54  ? -11.712 -7.316  -4.156  1.00 31.86 ? 54  LEU B CB  1 
ATOM   1283 C  CG  . LEU B 2 54  ? -11.583 -8.155  -2.881  1.00 32.38 ? 54  LEU B CG  1 
ATOM   1284 C  CD1 . LEU B 2 54  ? -10.118 -8.325  -2.502  1.00 32.91 ? 54  LEU B CD1 1 
ATOM   1285 C  CD2 . LEU B 2 54  ? -12.347 -7.474  -1.754  1.00 33.40 ? 54  LEU B CD2 1 
ATOM   1286 N  N   . VAL B 2 55  ? -10.563 -10.186 -5.749  1.00 29.54 ? 55  VAL B N   1 
ATOM   1287 C  CA  . VAL B 2 55  ? -10.905 -11.566 -6.060  1.00 31.92 ? 55  VAL B CA  1 
ATOM   1288 C  C   . VAL B 2 55  ? -10.657 -12.469 -4.864  1.00 34.49 ? 55  VAL B C   1 
ATOM   1289 O  O   . VAL B 2 55  ? -9.635  -12.357 -4.190  1.00 34.49 ? 55  VAL B O   1 
ATOM   1290 C  CB  . VAL B 2 55  ? -10.077 -12.086 -7.253  1.00 30.70 ? 55  VAL B CB  1 
ATOM   1291 C  CG1 . VAL B 2 55  ? -10.469 -13.520 -7.573  1.00 29.91 ? 55  VAL B CG1 1 
ATOM   1292 C  CG2 . VAL B 2 55  ? -10.293 -11.189 -8.470  1.00 28.54 ? 55  VAL B CG2 1 
ATOM   1293 N  N   . LYS B 2 56  ? -11.602 -13.363 -4.594  1.00 39.11 ? 56  LYS B N   1 
ATOM   1294 C  CA  . LYS B 2 56  ? -11.459 -14.286 -3.475  1.00 42.42 ? 56  LYS B CA  1 
ATOM   1295 C  C   . LYS B 2 56  ? -11.140 -15.691 -3.959  1.00 43.24 ? 56  LYS B C   1 
ATOM   1296 O  O   . LYS B 2 56  ? -11.840 -16.241 -4.812  1.00 42.62 ? 56  LYS B O   1 
ATOM   1297 C  CB  . LYS B 2 56  ? -12.737 -14.322 -2.634  1.00 45.83 ? 56  LYS B CB  1 
ATOM   1298 C  CG  . LYS B 2 56  ? -13.081 -13.007 -1.961  1.00 50.63 ? 56  LYS B CG  1 
ATOM   1299 C  CD  . LYS B 2 56  ? -14.190 -13.189 -0.925  1.00 54.33 ? 56  LYS B CD  1 
ATOM   1300 C  CE  . LYS B 2 56  ? -14.692 -11.846 -0.415  1.00 56.63 ? 56  LYS B CE  1 
ATOM   1301 N  NZ  . LYS B 2 56  ? -13.581 -10.960 0.040   1.00 60.61 ? 56  LYS B NZ  1 
ATOM   1302 N  N   . PHE B 2 57  ? -10.072 -16.264 -3.417  1.00 45.17 ? 57  PHE B N   1 
ATOM   1303 C  CA  . PHE B 2 57  ? -9.667  -17.614 -3.778  1.00 48.41 ? 57  PHE B CA  1 
ATOM   1304 C  C   . PHE B 2 57  ? -9.936  -18.486 -2.556  1.00 54.38 ? 57  PHE B C   1 
ATOM   1305 O  O   . PHE B 2 57  ? -10.341 -17.984 -1.507  1.00 55.55 ? 57  PHE B O   1 
ATOM   1306 C  CB  . PHE B 2 57  ? -8.173  -17.661 -4.125  1.00 43.00 ? 57  PHE B CB  1 
ATOM   1307 C  CG  . PHE B 2 57  ? -7.756  -16.670 -5.180  1.00 37.87 ? 57  PHE B CG  1 
ATOM   1308 C  CD1 . PHE B 2 57  ? -7.549  -15.329 -4.855  1.00 34.87 ? 57  PHE B CD1 1 
ATOM   1309 C  CD2 . PHE B 2 57  ? -7.567  -17.075 -6.496  1.00 35.57 ? 57  PHE B CD2 1 
ATOM   1310 C  CE1 . PHE B 2 57  ? -7.158  -14.406 -5.831  1.00 33.13 ? 57  PHE B CE1 1 
ATOM   1311 C  CE2 . PHE B 2 57  ? -7.176  -16.159 -7.481  1.00 32.30 ? 57  PHE B CE2 1 
ATOM   1312 C  CZ  . PHE B 2 57  ? -6.972  -14.821 -7.144  1.00 30.60 ? 57  PHE B CZ  1 
ATOM   1313 N  N   . GLU B 2 58  ? -9.717  -19.789 -2.687  1.00 61.61 ? 58  GLU B N   1 
ATOM   1314 C  CA  . GLU B 2 58  ? -9.936  -20.690 -1.563  1.00 67.82 ? 58  GLU B CA  1 
ATOM   1315 C  C   . GLU B 2 58  ? -8.816  -20.486 -0.543  1.00 69.44 ? 58  GLU B C   1 
ATOM   1316 O  O   . GLU B 2 58  ? -7.900  -19.694 -0.772  1.00 69.45 ? 58  GLU B O   1 
ATOM   1317 C  CB  . GLU B 2 58  ? -9.957  -22.143 -2.050  1.00 71.24 ? 58  GLU B CB  1 
ATOM   1318 C  CG  . GLU B 2 58  ? -10.409 -23.158 -1.001  1.00 76.47 ? 58  GLU B CG  1 
ATOM   1319 C  CD  . GLU B 2 58  ? -11.784 -22.844 -0.426  1.00 78.69 ? 58  GLU B CD  1 
ATOM   1320 O  OE1 . GLU B 2 58  ? -11.918 -21.829 0.290   1.00 80.56 ? 58  GLU B OE1 1 
ATOM   1321 O  OE2 . GLU B 2 58  ? -12.732 -23.612 -0.696  1.00 80.92 ? 58  GLU B OE2 1 
ATOM   1322 N  N   . GLN B 2 59  ? -8.897  -21.193 0.582   1.00 71.59 ? 59  GLN B N   1 
ATOM   1323 C  CA  . GLN B 2 59  ? -7.891  -21.095 1.639   1.00 73.00 ? 59  GLN B CA  1 
ATOM   1324 C  C   . GLN B 2 59  ? -8.013  -19.765 2.380   1.00 71.84 ? 59  GLN B C   1 
ATOM   1325 O  O   . GLN B 2 59  ? -7.051  -19.306 2.999   1.00 71.79 ? 59  GLN B O   1 
ATOM   1326 C  CB  . GLN B 2 59  ? -6.481  -21.206 1.049   1.00 76.69 ? 59  GLN B CB  1 
ATOM   1327 C  CG  . GLN B 2 59  ? -6.283  -22.362 0.088   1.00 81.53 ? 59  GLN B CG  1 
ATOM   1328 C  CD  . GLN B 2 59  ? -4.966  -22.268 -0.658  1.00 84.66 ? 59  GLN B CD  1 
ATOM   1329 O  OE1 . GLN B 2 59  ? -3.892  -22.284 -0.052  1.00 86.54 ? 59  GLN B OE1 1 
ATOM   1330 N  NE2 . GLN B 2 59  ? -5.041  -22.162 -1.982  1.00 86.71 ? 59  GLN B NE2 1 
ATOM   1331 N  N   . ARG B 2 60  ? -9.195  -19.154 2.315   1.00 69.34 ? 60  ARG B N   1 
ATOM   1332 C  CA  . ARG B 2 60  ? -9.432  -17.869 2.967   1.00 66.43 ? 60  ARG B CA  1 
ATOM   1333 C  C   . ARG B 2 60  ? -8.335  -16.901 2.523   1.00 62.23 ? 60  ARG B C   1 
ATOM   1334 O  O   . ARG B 2 60  ? -7.634  -16.302 3.341   1.00 61.95 ? 60  ARG B O   1 
ATOM   1335 C  CB  . ARG B 2 60  ? -9.408  -18.026 4.491   1.00 71.69 ? 60  ARG B CB  1 
ATOM   1336 C  CG  . ARG B 2 60  ? -9.855  -16.778 5.256   1.00 77.90 ? 60  ARG B CG  1 
ATOM   1337 C  CD  . ARG B 2 60  ? -9.604  -16.918 6.756   1.00 82.38 ? 60  ARG B CD  1 
ATOM   1338 N  NE  . ARG B 2 60  ? -10.425 -17.955 7.378   1.00 87.46 ? 60  ARG B NE  1 
ATOM   1339 C  CZ  . ARG B 2 60  ? -11.706 -17.806 7.706   1.00 90.10 ? 60  ARG B CZ  1 
ATOM   1340 N  NH1 . ARG B 2 60  ? -12.326 -16.657 7.475   1.00 92.12 ? 60  ARG B NH1 1 
ATOM   1341 N  NH2 . ARG B 2 60  ? -12.366 -18.810 8.270   1.00 92.15 ? 60  ARG B NH2 1 
ATOM   1342 N  N   . PHE B 2 61  ? -8.189  -16.769 1.210   1.00 54.49 ? 61  PHE B N   1 
ATOM   1343 C  CA  . PHE B 2 61  ? -7.186  -15.891 0.623   1.00 46.39 ? 61  PHE B CA  1 
ATOM   1344 C  C   . PHE B 2 61  ? -7.831  -15.032 -0.451  1.00 43.15 ? 61  PHE B C   1 
ATOM   1345 O  O   . PHE B 2 61  ? -8.631  -15.520 -1.247  1.00 41.63 ? 61  PHE B O   1 
ATOM   1346 C  CB  . PHE B 2 61  ? -6.065  -16.719 -0.004  1.00 43.73 ? 61  PHE B CB  1 
ATOM   1347 C  CG  . PHE B 2 61  ? -5.093  -15.911 -0.818  1.00 40.83 ? 61  PHE B CG  1 
ATOM   1348 C  CD1 . PHE B 2 61  ? -4.258  -14.979 -0.208  1.00 38.95 ? 61  PHE B CD1 1 
ATOM   1349 C  CD2 . PHE B 2 61  ? -5.011  -16.081 -2.197  1.00 38.74 ? 61  PHE B CD2 1 
ATOM   1350 C  CE1 . PHE B 2 61  ? -3.354  -14.230 -0.957  1.00 37.26 ? 61  PHE B CE1 1 
ATOM   1351 C  CE2 . PHE B 2 61  ? -4.109  -15.335 -2.957  1.00 36.61 ? 61  PHE B CE2 1 
ATOM   1352 C  CZ  . PHE B 2 61  ? -3.280  -14.408 -2.336  1.00 37.07 ? 61  PHE B CZ  1 
ATOM   1353 N  N   . LYS B 2 62  ? -7.488  -13.751 -0.464  1.00 37.82 ? 62  LYS B N   1 
ATOM   1354 C  CA  . LYS B 2 62  ? -8.026  -12.834 -1.456  1.00 35.21 ? 62  LYS B CA  1 
ATOM   1355 C  C   . LYS B 2 62  ? -6.932  -11.848 -1.827  1.00 31.85 ? 62  LYS B C   1 
ATOM   1356 O  O   . LYS B 2 62  ? -5.994  -11.640 -1.055  1.00 29.89 ? 62  LYS B O   1 
ATOM   1357 C  CB  . LYS B 2 62  ? -9.238  -12.084 -0.895  1.00 35.97 ? 62  LYS B CB  1 
ATOM   1358 C  CG  . LYS B 2 62  ? -8.915  -11.127 0.239   1.00 37.45 ? 62  LYS B CG  1 
ATOM   1359 C  CD  . LYS B 2 62  ? -10.166 -10.400 0.699   1.00 39.63 ? 62  LYS B CD  1 
ATOM   1360 C  CE  . LYS B 2 62  ? -9.835  -9.331  1.721   1.00 41.68 ? 62  LYS B CE  1 
ATOM   1361 N  NZ  . LYS B 2 62  ? -9.111  -9.893  2.890   1.00 44.18 ? 62  LYS B NZ  1 
ATOM   1362 N  N   . ALA B 2 63  ? -7.051  -11.251 -3.010  1.00 30.49 ? 63  ALA B N   1 
ATOM   1363 C  CA  . ALA B 2 63  ? -6.069  -10.278 -3.481  1.00 28.01 ? 63  ALA B CA  1 
ATOM   1364 C  C   . ALA B 2 63  ? -6.719  -9.312  -4.474  1.00 27.13 ? 63  ALA B C   1 
ATOM   1365 O  O   . ALA B 2 63  ? -7.760  -9.627  -5.062  1.00 27.79 ? 63  ALA B O   1 
ATOM   1366 C  CB  . ALA B 2 63  ? -4.891  -11.002 -4.140  1.00 27.71 ? 63  ALA B CB  1 
ATOM   1367 N  N   . HIS B 2 64  ? -6.109  -8.142  -4.654  1.00 25.31 ? 64  HIS B N   1 
ATOM   1368 C  CA  . HIS B 2 64  ? -6.634  -7.135  -5.576  1.00 25.87 ? 64  HIS B CA  1 
ATOM   1369 C  C   . HIS B 2 64  ? -5.908  -7.184  -6.913  1.00 25.75 ? 64  HIS B C   1 
ATOM   1370 O  O   . HIS B 2 64  ? -4.708  -7.475  -6.969  1.00 24.25 ? 64  HIS B O   1 
ATOM   1371 C  CB  . HIS B 2 64  ? -6.483  -5.728  -4.996  1.00 26.07 ? 64  HIS B CB  1 
ATOM   1372 C  CG  . HIS B 2 64  ? -7.248  -5.500  -3.727  1.00 26.65 ? 64  HIS B CG  1 
ATOM   1373 N  ND1 . HIS B 2 64  ? -6.914  -6.109  -2.536  1.00 28.25 ? 64  HIS B ND1 1 
ATOM   1374 C  CD2 . HIS B 2 64  ? -8.300  -4.691  -3.455  1.00 29.07 ? 64  HIS B CD2 1 
ATOM   1375 C  CE1 . HIS B 2 64  ? -7.726  -5.682  -1.583  1.00 30.27 ? 64  HIS B CE1 1 
ATOM   1376 N  NE2 . HIS B 2 64  ? -8.575  -4.820  -2.115  1.00 27.68 ? 64  HIS B NE2 1 
ATOM   1377 N  N   . PHE B 2 65  ? -6.632  -6.874  -7.985  1.00 25.49 ? 65  PHE B N   1 
ATOM   1378 C  CA  . PHE B 2 65  ? -6.052  -6.903  -9.326  1.00 25.77 ? 65  PHE B CA  1 
ATOM   1379 C  C   . PHE B 2 65  ? -6.544  -5.760  -10.215 1.00 26.53 ? 65  PHE B C   1 
ATOM   1380 O  O   . PHE B 2 65  ? -7.533  -5.088  -9.907  1.00 25.52 ? 65  PHE B O   1 
ATOM   1381 C  CB  . PHE B 2 65  ? -6.406  -8.221  -10.038 1.00 23.01 ? 65  PHE B CB  1 
ATOM   1382 C  CG  . PHE B 2 65  ? -5.992  -9.462  -9.296  1.00 25.21 ? 65  PHE B CG  1 
ATOM   1383 C  CD1 . PHE B 2 65  ? -6.753  -9.950  -8.234  1.00 22.76 ? 65  PHE B CD1 1 
ATOM   1384 C  CD2 . PHE B 2 65  ? -4.853  -10.165 -9.678  1.00 22.82 ? 65  PHE B CD2 1 
ATOM   1385 C  CE1 . PHE B 2 65  ? -6.390  -11.120 -7.565  1.00 25.41 ? 65  PHE B CE1 1 
ATOM   1386 C  CE2 . PHE B 2 65  ? -4.476  -11.340 -9.016  1.00 25.99 ? 65  PHE B CE2 1 
ATOM   1387 C  CZ  . PHE B 2 65  ? -5.243  -11.821 -7.958  1.00 24.88 ? 65  PHE B CZ  1 
ATOM   1388 N  N   . ARG B 2 66  ? -5.828  -5.541  -11.316 1.00 27.06 ? 66  ARG B N   1 
ATOM   1389 C  CA  . ARG B 2 66  ? -6.227  -4.558  -12.315 1.00 29.43 ? 66  ARG B CA  1 
ATOM   1390 C  C   . ARG B 2 66  ? -7.090  -5.405  -13.245 1.00 28.53 ? 66  ARG B C   1 
ATOM   1391 O  O   . ARG B 2 66  ? -6.866  -6.608  -13.373 1.00 27.40 ? 66  ARG B O   1 
ATOM   1392 C  CB  . ARG B 2 66  ? -5.027  -4.057  -13.130 1.00 32.42 ? 66  ARG B CB  1 
ATOM   1393 C  CG  . ARG B 2 66  ? -3.949  -3.327  -12.352 1.00 37.71 ? 66  ARG B CG  1 
ATOM   1394 C  CD  . ARG B 2 66  ? -2.752  -3.067  -13.260 1.00 40.54 ? 66  ARG B CD  1 
ATOM   1395 N  NE  . ARG B 2 66  ? -3.093  -2.232  -14.411 1.00 46.10 ? 66  ARG B NE  1 
ATOM   1396 C  CZ  . ARG B 2 66  ? -3.134  -0.901  -14.388 1.00 49.23 ? 66  ARG B CZ  1 
ATOM   1397 N  NH1 . ARG B 2 66  ? -2.852  -0.247  -13.268 1.00 52.18 ? 66  ARG B NH1 1 
ATOM   1398 N  NH2 . ARG B 2 66  ? -3.444  -0.221  -15.485 1.00 50.08 ? 66  ARG B NH2 1 
ATOM   1399 N  N   . PRO B 2 67  ? -8.079  -4.797  -13.912 1.00 28.92 ? 67  PRO B N   1 
ATOM   1400 C  CA  . PRO B 2 67  ? -8.936  -5.564  -14.823 1.00 30.65 ? 67  PRO B CA  1 
ATOM   1401 C  C   . PRO B 2 67  ? -8.152  -6.435  -15.810 1.00 30.68 ? 67  PRO B C   1 
ATOM   1402 O  O   . PRO B 2 67  ? -8.510  -7.589  -16.054 1.00 32.05 ? 67  PRO B O   1 
ATOM   1403 C  CB  . PRO B 2 67  ? -9.737  -4.472  -15.539 1.00 30.89 ? 67  PRO B CB  1 
ATOM   1404 C  CG  . PRO B 2 67  ? -9.883  -3.433  -14.489 1.00 31.70 ? 67  PRO B CG  1 
ATOM   1405 C  CD  . PRO B 2 67  ? -8.505  -3.385  -13.847 1.00 30.51 ? 67  PRO B CD  1 
ATOM   1406 N  N   . ASP B 2 68  ? -7.071  -5.895  -16.366 1.00 32.19 ? 68  ASP B N   1 
ATOM   1407 C  CA  . ASP B 2 68  ? -6.279  -6.636  -17.345 1.00 31.86 ? 68  ASP B CA  1 
ATOM   1408 C  C   . ASP B 2 68  ? -5.492  -7.848  -16.836 1.00 30.60 ? 68  ASP B C   1 
ATOM   1409 O  O   . ASP B 2 68  ? -5.012  -8.645  -17.639 1.00 32.59 ? 68  ASP B O   1 
ATOM   1410 C  CB  . ASP B 2 68  ? -5.316  -5.686  -18.076 1.00 35.17 ? 68  ASP B CB  1 
ATOM   1411 C  CG  . ASP B 2 68  ? -4.323  -5.017  -17.138 1.00 37.17 ? 68  ASP B CG  1 
ATOM   1412 O  OD1 . ASP B 2 68  ? -3.645  -5.728  -16.369 1.00 39.66 ? 68  ASP B OD1 1 
ATOM   1413 O  OD2 . ASP B 2 68  ? -4.212  -3.775  -17.173 1.00 42.65 ? 68  ASP B OD2 1 
ATOM   1414 N  N   . GLU B 2 69  ? -5.365  -7.998  -15.522 1.00 27.19 ? 69  GLU B N   1 
ATOM   1415 C  CA  . GLU B 2 69  ? -4.611  -9.121  -14.958 1.00 25.33 ? 69  GLU B CA  1 
ATOM   1416 C  C   . GLU B 2 69  ? -5.438  -10.400 -14.812 1.00 26.77 ? 69  GLU B C   1 
ATOM   1417 O  O   . GLU B 2 69  ? -4.891  -11.477 -14.572 1.00 26.57 ? 69  GLU B O   1 
ATOM   1418 C  CB  . GLU B 2 69  ? -4.026  -8.734  -13.592 1.00 27.25 ? 69  GLU B CB  1 
ATOM   1419 C  CG  . GLU B 2 69  ? -3.113  -7.505  -13.629 1.00 26.34 ? 69  GLU B CG  1 
ATOM   1420 C  CD  . GLU B 2 69  ? -2.635  -7.088  -12.252 1.00 28.24 ? 69  GLU B CD  1 
ATOM   1421 O  OE1 . GLU B 2 69  ? -3.473  -7.013  -11.328 1.00 28.18 ? 69  GLU B OE1 1 
ATOM   1422 O  OE2 . GLU B 2 69  ? -1.423  -6.822  -12.093 1.00 29.98 ? 69  GLU B OE2 1 
ATOM   1423 N  N   . VAL B 2 70  ? -6.752  -10.287 -14.953 1.00 25.61 ? 70  VAL B N   1 
ATOM   1424 C  CA  . VAL B 2 70  ? -7.611  -11.458 -14.829 1.00 27.57 ? 70  VAL B CA  1 
ATOM   1425 C  C   . VAL B 2 70  ? -8.505  -11.625 -16.049 1.00 30.37 ? 70  VAL B C   1 
ATOM   1426 O  O   . VAL B 2 70  ? -8.758  -10.668 -16.782 1.00 29.85 ? 70  VAL B O   1 
ATOM   1427 C  CB  . VAL B 2 70  ? -8.490  -11.368 -13.570 1.00 27.41 ? 70  VAL B CB  1 
ATOM   1428 C  CG1 . VAL B 2 70  ? -7.609  -11.355 -12.335 1.00 27.32 ? 70  VAL B CG1 1 
ATOM   1429 C  CG2 . VAL B 2 70  ? -9.350  -10.109 -13.618 1.00 28.41 ? 70  VAL B CG2 1 
ATOM   1430 N  N   . THR B 2 71  ? -8.974  -12.850 -16.262 1.00 31.25 ? 71  THR B N   1 
ATOM   1431 C  CA  . THR B 2 71  ? -9.831  -13.160 -17.398 1.00 34.10 ? 71  THR B CA  1 
ATOM   1432 C  C   . THR B 2 71  ? -11.032 -13.978 -16.950 1.00 36.45 ? 71  THR B C   1 
ATOM   1433 O  O   . THR B 2 71  ? -10.911 -14.862 -16.102 1.00 34.21 ? 71  THR B O   1 
ATOM   1434 C  CB  . THR B 2 71  ? -9.070  -13.979 -18.452 1.00 35.40 ? 71  THR B CB  1 
ATOM   1435 O  OG1 . THR B 2 71  ? -7.904  -13.258 -18.870 1.00 37.02 ? 71  THR B OG1 1 
ATOM   1436 C  CG2 . THR B 2 71  ? -9.962  -14.258 -19.662 1.00 36.53 ? 71  THR B CG2 1 
ATOM   1437 N  N   . LEU B 2 72  ? -12.194 -13.681 -17.521 1.00 39.69 ? 72  LEU B N   1 
ATOM   1438 C  CA  . LEU B 2 72  ? -13.407 -14.421 -17.189 1.00 41.84 ? 72  LEU B CA  1 
ATOM   1439 C  C   . LEU B 2 72  ? -13.226 -15.882 -17.596 1.00 42.99 ? 72  LEU B C   1 
ATOM   1440 O  O   . LEU B 2 72  ? -12.697 -16.177 -18.671 1.00 41.67 ? 72  LEU B O   1 
ATOM   1441 C  CB  . LEU B 2 72  ? -14.609 -13.825 -17.928 1.00 44.50 ? 72  LEU B CB  1 
ATOM   1442 C  CG  . LEU B 2 72  ? -14.985 -12.380 -17.589 1.00 46.78 ? 72  LEU B CG  1 
ATOM   1443 C  CD1 . LEU B 2 72  ? -16.056 -11.889 -18.553 1.00 48.10 ? 72  LEU B CD1 1 
ATOM   1444 C  CD2 . LEU B 2 72  ? -15.478 -12.296 -16.151 1.00 47.67 ? 72  LEU B CD2 1 
ATOM   1445 N  N   . ILE B 2 73  ? -13.651 -16.799 -16.731 1.00 43.93 ? 73  ILE B N   1 
ATOM   1446 C  CA  . ILE B 2 73  ? -13.540 -18.221 -17.030 1.00 45.30 ? 73  ILE B CA  1 
ATOM   1447 C  C   . ILE B 2 73  ? -14.836 -18.677 -17.683 1.00 46.38 ? 73  ILE B C   1 
ATOM   1448 O  O   . ILE B 2 73  ? -15.905 -18.274 -17.182 1.00 46.67 ? 73  ILE B O   1 
ATOM   1449 C  CB  . ILE B 2 73  ? -13.339 -19.067 -15.759 1.00 46.08 ? 73  ILE B CB  1 
ATOM   1450 C  CG1 . ILE B 2 73  ? -12.098 -18.599 -15.001 1.00 46.91 ? 73  ILE B CG1 1 
ATOM   1451 C  CG2 . ILE B 2 73  ? -13.205 -20.541 -16.137 1.00 46.56 ? 73  ILE B CG2 1 
ATOM   1452 C  CD1 . ILE B 2 73  ? -11.882 -19.319 -13.685 1.00 45.65 ? 73  ILE B CD1 1 
ATOM   1453 O  OXT . ILE B 2 73  ? -14.763 -19.436 -18.670 1.00 49.47 ? 73  ILE B OXT 1 
HETATM 1454 S  S   . SO4 C 3 .   ? -8.113  -5.593  2.573   1.00 54.83 ? 201 SO4 A S   1 
HETATM 1455 O  O1  . SO4 C 3 .   ? -8.898  -5.822  1.348   1.00 55.40 ? 201 SO4 A O1  1 
HETATM 1456 O  O2  . SO4 C 3 .   ? -6.704  -5.946  2.315   1.00 55.70 ? 201 SO4 A O2  1 
HETATM 1457 O  O3  . SO4 C 3 .   ? -8.198  -4.176  2.969   1.00 54.24 ? 201 SO4 A O3  1 
HETATM 1458 O  O4  . SO4 C 3 .   ? -8.646  -6.439  3.658   1.00 55.37 ? 201 SO4 A O4  1 
HETATM 1459 FE FE1 . SF4 D 4 .   ? 2.396   4.001   2.500   1.00 27.26 ? 202 SF4 A FE1 1 
HETATM 1460 FE FE2 . SF4 D 4 .   ? 1.505   2.926   0.225   1.00 27.01 ? 202 SF4 A FE2 1 
HETATM 1461 FE FE3 . SF4 D 4 .   ? 4.083   3.528   0.474   1.00 27.52 ? 202 SF4 A FE3 1 
HETATM 1462 FE FE4 . SF4 D 4 .   ? 2.235   5.539   0.153   1.00 28.45 ? 202 SF4 A FE4 1 
HETATM 1463 S  S1  . SF4 D 4 .   ? 2.826   3.943   -1.412  1.00 28.20 ? 202 SF4 A S1  1 
HETATM 1464 S  S2  . SF4 D 4 .   ? 3.956   5.427   1.676   1.00 27.19 ? 202 SF4 A S2  1 
HETATM 1465 S  S3  . SF4 D 4 .   ? 0.590   4.679   1.312   1.00 26.73 ? 202 SF4 A S3  1 
HETATM 1466 S  S4  . SF4 D 4 .   ? 3.036   1.977   1.593   1.00 26.23 ? 202 SF4 A S4  1 
HETATM 1467 N  N1  . NEQ E 5 .   ? 8.281   10.834  -3.301  1.00 51.85 ? 301 NEQ A N1  1 
HETATM 1468 O  O1  . NEQ E 5 .   ? 9.678   12.025  -1.878  1.00 52.12 ? 301 NEQ A O1  1 
HETATM 1469 O  O2  . NEQ E 5 .   ? 6.269   10.051  -4.285  1.00 50.49 ? 301 NEQ A O2  1 
HETATM 1470 C  C1  . NEQ E 5 .   ? 8.571   11.741  -2.250  1.00 51.42 ? 301 NEQ A C1  1 
HETATM 1471 C  C2  . NEQ E 5 .   ? 7.241   12.237  -1.738  1.00 50.39 ? 301 NEQ A C2  1 
HETATM 1472 C  C3  . NEQ E 5 .   ? 6.259   11.679  -2.413  1.00 49.23 ? 301 NEQ A C3  1 
HETATM 1473 C  C4  . NEQ E 5 .   ? 6.848   10.750  -3.458  1.00 50.46 ? 301 NEQ A C4  1 
HETATM 1474 C  C5  . NEQ E 5 .   ? 9.306   10.075  -4.122  1.00 53.26 ? 301 NEQ A C5  1 
HETATM 1475 C  C6  . NEQ E 5 .   ? 9.996   10.964  -5.102  1.00 55.06 ? 301 NEQ A C6  1 
HETATM 1476 O  O   . HOH F 6 .   ? 9.001   7.691   17.329  1.00 39.06 ? 302 HOH A O   1 
HETATM 1477 O  O   . HOH F 6 .   ? 11.139  6.401   16.439  1.00 31.17 ? 303 HOH A O   1 
HETATM 1478 O  O   . HOH F 6 .   ? 11.480  5.544   19.060  1.00 37.04 ? 304 HOH A O   1 
HETATM 1479 O  O   . HOH F 6 .   ? 9.870   7.765   21.711  1.00 33.84 ? 305 HOH A O   1 
HETATM 1480 O  O   . HOH F 6 .   ? 11.781  -0.021  15.260  1.00 33.85 ? 306 HOH A O   1 
HETATM 1481 O  O   . HOH F 6 .   ? 3.137   -11.113 9.948   1.00 59.39 ? 307 HOH A O   1 
HETATM 1482 O  O   . HOH F 6 .   ? 10.426  -7.001  13.125  1.00 50.36 ? 308 HOH A O   1 
HETATM 1483 O  O   . HOH F 6 .   ? 1.539   -5.989  5.830   1.00 37.70 ? 309 HOH A O   1 
HETATM 1484 O  O   . HOH F 6 .   ? -0.512  -5.390  7.696   1.00 55.59 ? 310 HOH A O   1 
HETATM 1485 O  O   . HOH F 6 .   ? 6.533   -9.312  5.001   1.00 38.81 ? 311 HOH A O   1 
HETATM 1486 O  O   . HOH F 6 .   ? 11.697  -7.094  1.197   1.00 42.87 ? 312 HOH A O   1 
HETATM 1487 O  O   . HOH F 6 .   ? 1.339   -8.147  3.914   1.00 38.76 ? 313 HOH A O   1 
HETATM 1488 O  O   . HOH F 6 .   ? -2.330  -7.978  4.730   1.00 56.13 ? 314 HOH A O   1 
HETATM 1489 O  O   . HOH F 6 .   ? 4.322   -5.377  2.821   1.00 30.01 ? 315 HOH A O   1 
HETATM 1490 O  O   . HOH F 6 .   ? 18.449  3.604   4.262   1.00 39.53 ? 316 HOH A O   1 
HETATM 1491 O  O   . HOH F 6 .   ? 12.274  5.767   2.312   1.00 25.88 ? 317 HOH A O   1 
HETATM 1492 O  O   . HOH F 6 .   ? 20.595  -5.140  2.924   1.00 55.39 ? 318 HOH A O   1 
HETATM 1493 O  O   . HOH F 6 .   ? 18.189  0.974   10.787  1.00 38.47 ? 319 HOH A O   1 
HETATM 1494 O  O   . HOH F 6 .   ? -10.299 8.563   9.064   1.00 52.80 ? 320 HOH A O   1 
HETATM 1495 O  O   . HOH F 6 .   ? -5.321  5.258   11.648  1.00 56.41 ? 321 HOH A O   1 
HETATM 1496 O  O   . HOH F 6 .   ? -3.281  -0.531  6.336   1.00 46.59 ? 322 HOH A O   1 
HETATM 1497 O  O   . HOH F 6 .   ? -4.959  0.146   3.542   1.00 39.37 ? 323 HOH A O   1 
HETATM 1498 O  O   . HOH F 6 .   ? 1.745   1.617   -3.718  1.00 31.12 ? 324 HOH A O   1 
HETATM 1499 O  O   . HOH F 6 .   ? 8.622   -1.152  -2.633  1.00 40.17 ? 325 HOH A O   1 
HETATM 1500 O  O   . HOH F 6 .   ? -11.020 15.444  -2.088  1.00 44.52 ? 326 HOH A O   1 
HETATM 1501 O  O   . HOH F 6 .   ? -7.158  19.378  -1.522  1.00 54.05 ? 327 HOH A O   1 
HETATM 1502 O  O   . HOH F 6 .   ? -2.573  16.894  -0.077  1.00 52.94 ? 328 HOH A O   1 
HETATM 1503 O  O   . HOH F 6 .   ? 12.848  -0.029  21.480  1.00 40.27 ? 329 HOH A O   1 
HETATM 1504 O  O   . HOH F 6 .   ? -8.363  4.792   -0.779  1.00 44.73 ? 330 HOH A O   1 
HETATM 1505 O  O   . HOH F 6 .   ? -9.628  -1.778  -0.426  1.00 45.98 ? 331 HOH A O   1 
HETATM 1506 O  O   . HOH F 6 .   ? -5.134  -8.002  1.173   1.00 38.01 ? 332 HOH A O   1 
HETATM 1507 O  O   . HOH F 6 .   ? -4.089  -4.713  11.252  1.00 61.49 ? 333 HOH A O   1 
HETATM 1508 O  O   . HOH F 6 .   ? -2.406  -8.127  -5.542  1.00 27.24 ? 334 HOH A O   1 
HETATM 1509 O  O   . HOH F 6 .   ? 2.575   -5.966  -9.810  1.00 33.65 ? 335 HOH A O   1 
HETATM 1510 O  O   . HOH F 6 .   ? 14.966  17.973  16.274  1.00 55.51 ? 336 HOH A O   1 
HETATM 1511 O  O   . HOH F 6 .   ? -1.167  8.810   16.211  1.00 50.77 ? 337 HOH A O   1 
HETATM 1512 O  O   . HOH F 6 .   ? 7.504   7.164   19.669  1.00 44.55 ? 338 HOH A O   1 
HETATM 1513 O  O   . HOH F 6 .   ? 10.452  2.593   15.928  1.00 36.14 ? 339 HOH A O   1 
HETATM 1514 O  O   . HOH F 6 .   ? 19.260  6.857   10.277  1.00 35.54 ? 340 HOH A O   1 
HETATM 1515 O  O   . HOH F 6 .   ? 14.744  15.134  -1.251  1.00 44.27 ? 341 HOH A O   1 
HETATM 1516 O  O   . HOH F 6 .   ? 19.328  6.128   4.852   1.00 50.90 ? 342 HOH A O   1 
HETATM 1517 O  O   . HOH F 6 .   ? -7.317  2.236   7.069   1.00 37.32 ? 343 HOH A O   1 
HETATM 1518 O  O   . HOH F 6 .   ? -3.465  2.223   7.913   1.00 49.56 ? 344 HOH A O   1 
HETATM 1519 O  O   . HOH F 6 .   ? 3.659   9.474   19.696  1.00 43.64 ? 345 HOH A O   1 
HETATM 1520 O  O   . HOH F 6 .   ? -1.955  20.034  8.715   1.00 65.39 ? 346 HOH A O   1 
HETATM 1521 O  O   . HOH F 6 .   ? 11.072  -9.791  9.826   1.00 49.99 ? 347 HOH A O   1 
HETATM 1522 O  O   . HOH F 6 .   ? 18.452  -9.221  6.239   1.00 63.35 ? 348 HOH A O   1 
HETATM 1523 O  O   . HOH F 6 .   ? 17.559  -1.489  13.103  1.00 50.65 ? 349 HOH A O   1 
HETATM 1524 O  O   . HOH F 6 .   ? 21.619  10.828  -0.111  1.00 50.25 ? 350 HOH A O   1 
HETATM 1525 O  O   . HOH F 6 .   ? -5.570  3.789   8.418   1.00 47.22 ? 351 HOH A O   1 
HETATM 1526 O  O   . HOH F 6 .   ? -7.998  -1.752  1.770   1.00 33.61 ? 352 HOH A O   1 
HETATM 1527 O  O   . HOH F 6 .   ? -15.410 1.551   -1.347  1.00 50.31 ? 353 HOH A O   1 
HETATM 1528 O  O   . HOH F 6 .   ? 11.031  -1.969  -3.591  1.00 37.86 ? 354 HOH A O   1 
HETATM 1529 O  O   . HOH F 6 .   ? 17.515  13.232  15.771  1.00 40.59 ? 355 HOH A O   1 
HETATM 1530 O  O   . HOH F 6 .   ? 10.906  9.914   18.128  1.00 51.02 ? 356 HOH A O   1 
HETATM 1531 O  O   . HOH F 6 .   ? 8.688   -4.583  13.633  1.00 33.76 ? 357 HOH A O   1 
HETATM 1532 O  O   . HOH F 6 .   ? 11.249  0.920   18.729  1.00 52.30 ? 358 HOH A O   1 
HETATM 1533 O  O   . HOH F 6 .   ? 14.152  -6.330  8.536   1.00 44.97 ? 359 HOH A O   1 
HETATM 1534 O  O   . HOH F 6 .   ? 16.941  -7.997  14.475  1.00 53.71 ? 360 HOH A O   1 
HETATM 1535 O  O   . HOH F 6 .   ? 13.650  -5.680  14.460  1.00 53.87 ? 361 HOH A O   1 
HETATM 1536 O  O   . HOH F 6 .   ? 4.769   -8.315  3.404   1.00 42.80 ? 362 HOH A O   1 
HETATM 1537 O  O   . HOH F 6 .   ? 8.799   -4.542  -4.940  1.00 56.89 ? 363 HOH A O   1 
HETATM 1538 O  O   . HOH G 6 .   ? 5.324   -10.444 11.292  1.00 51.50 ? 74  HOH B O   1 
HETATM 1539 O  O   . HOH G 6 .   ? -13.697 6.069   -9.870  1.00 52.55 ? 75  HOH B O   1 
HETATM 1540 O  O   . HOH G 6 .   ? -3.719  -13.226 3.222   1.00 37.71 ? 76  HOH B O   1 
HETATM 1541 O  O   . HOH G 6 .   ? 0.899   1.462   -6.327  1.00 31.61 ? 77  HOH B O   1 
HETATM 1542 O  O   . HOH G 6 .   ? -17.087 6.375   -10.226 1.00 48.94 ? 78  HOH B O   1 
HETATM 1543 O  O   . HOH G 6 .   ? -4.782  8.378   -6.321  1.00 56.46 ? 79  HOH B O   1 
HETATM 1544 O  O   . HOH G 6 .   ? -16.319 0.286   0.763   1.00 54.25 ? 80  HOH B O   1 
HETATM 1545 O  O   . HOH G 6 .   ? -6.454  -12.756 2.069   1.00 38.73 ? 81  HOH B O   1 
HETATM 1546 O  O   . HOH G 6 .   ? 5.256   -7.977  -6.143  1.00 35.34 ? 82  HOH B O   1 
HETATM 1547 O  O   . HOH G 6 .   ? 3.666   -8.677  -9.462  1.00 41.69 ? 83  HOH B O   1 
HETATM 1548 O  O   . HOH G 6 .   ? -18.859 -9.616  -16.714 1.00 51.55 ? 84  HOH B O   1 
HETATM 1549 O  O   . HOH G 6 .   ? -3.847  -11.126 -18.101 1.00 31.00 ? 85  HOH B O   1 
HETATM 1550 O  O   . HOH G 6 .   ? -12.103 -11.415 -19.555 1.00 38.55 ? 86  HOH B O   1 
HETATM 1551 O  O   . HOH G 6 .   ? -14.534 -20.664 -11.183 1.00 53.42 ? 87  HOH B O   1 
HETATM 1552 O  O   . HOH G 6 .   ? 2.565   -14.644 -0.398  1.00 35.31 ? 88  HOH B O   1 
HETATM 1553 O  O   . HOH G 6 .   ? 10.394  -13.042 -0.871  1.00 51.81 ? 89  HOH B O   1 
HETATM 1554 O  O   . HOH G 6 .   ? -0.087  -19.534 -8.938  1.00 31.61 ? 90  HOH B O   1 
HETATM 1555 O  O   . HOH G 6 .   ? -6.730  -21.869 -8.142  1.00 41.60 ? 91  HOH B O   1 
HETATM 1556 O  O   . HOH G 6 .   ? -18.320 -4.395  -5.583  1.00 44.90 ? 92  HOH B O   1 
HETATM 1557 O  O   . HOH G 6 .   ? -6.370  -3.000  -16.399 1.00 49.70 ? 93  HOH B O   1 
HETATM 1558 O  O   . HOH G 6 .   ? -18.453 -16.679 -14.056 1.00 39.33 ? 94  HOH B O   1 
HETATM 1559 O  O   . HOH G 6 .   ? -19.324 -11.316 -19.423 1.00 49.05 ? 95  HOH B O   1 
HETATM 1560 O  O   . HOH G 6 .   ? 3.530   -8.586  -13.684 1.00 57.32 ? 96  HOH B O   1 
HETATM 1561 O  O   . HOH G 6 .   ? 0.669   -7.797  -13.605 1.00 45.03 ? 97  HOH B O   1 
HETATM 1562 O  O   . HOH G 6 .   ? -6.492  -9.944  2.306   1.00 45.40 ? 98  HOH B O   1 
HETATM 1563 O  O   . HOH G 6 .   ? -19.828 1.395   -1.265  1.00 52.47 ? 99  HOH B O   1 
HETATM 1564 O  O   . HOH G 6 .   ? -8.785  -13.632 3.116   1.00 54.37 ? 100 HOH B O   1 
HETATM 1565 O  O   . HOH G 6 .   ? 3.588   -19.670 5.027   1.00 43.76 ? 101 HOH B O   1 
HETATM 1566 O  O   . HOH G 6 .   ? 11.388  -12.074 -6.228  1.00 57.44 ? 102 HOH B O   1 
HETATM 1567 O  O   . HOH G 6 .   ? 10.249  -17.124 -4.807  1.00 58.96 ? 103 HOH B O   1 
HETATM 1568 O  O   . HOH G 6 .   ? -11.251 4.840   -10.580 1.00 49.59 ? 104 HOH B O   1 
# 
